data_2QVD
# 
_entry.id   2QVD 
# 
_audit_conform.dict_name       mmcif_pdbx.dic 
_audit_conform.dict_version    5.399 
_audit_conform.dict_location   http://mmcif.pdb.org/dictionaries/ascii/mmcif_pdbx.dic 
# 
loop_
_database_2.database_id 
_database_2.database_code 
_database_2.pdbx_database_accession 
_database_2.pdbx_DOI 
PDB   2QVD         pdb_00002qvd 10.2210/pdb2qvd/pdb 
RCSB  RCSB044102   ?            ?                   
WWPDB D_1000044102 ?            ?                   
# 
loop_
_pdbx_audit_revision_history.ordinal 
_pdbx_audit_revision_history.data_content_type 
_pdbx_audit_revision_history.major_revision 
_pdbx_audit_revision_history.minor_revision 
_pdbx_audit_revision_history.revision_date 
1 'Structure model' 1 0 2007-08-21 
2 'Structure model' 1 1 2011-07-13 
3 'Structure model' 1 2 2011-11-23 
4 'Structure model' 1 3 2023-10-25 
5 'Structure model' 1 4 2024-11-20 
# 
_pdbx_audit_revision_details.ordinal             1 
_pdbx_audit_revision_details.revision_ordinal    1 
_pdbx_audit_revision_details.data_content_type   'Structure model' 
_pdbx_audit_revision_details.provider            repository 
_pdbx_audit_revision_details.type                'Initial release' 
_pdbx_audit_revision_details.description         ? 
_pdbx_audit_revision_details.details             ? 
# 
loop_
_pdbx_audit_revision_group.ordinal 
_pdbx_audit_revision_group.revision_ordinal 
_pdbx_audit_revision_group.data_content_type 
_pdbx_audit_revision_group.group 
1 2 'Structure model' 'Version format compliance' 
2 3 'Structure model' 'Database references'       
3 3 'Structure model' 'Structure summary'         
4 4 'Structure model' 'Data collection'           
5 4 'Structure model' 'Database references'       
6 4 'Structure model' 'Derived calculations'      
7 4 'Structure model' 'Refinement description'    
8 5 'Structure model' 'Structure summary'         
# 
loop_
_pdbx_audit_revision_category.ordinal 
_pdbx_audit_revision_category.revision_ordinal 
_pdbx_audit_revision_category.data_content_type 
_pdbx_audit_revision_category.category 
1 4 'Structure model' chem_comp_atom                
2 4 'Structure model' chem_comp_bond                
3 4 'Structure model' database_2                    
4 4 'Structure model' pdbx_initial_refinement_model 
5 4 'Structure model' struct_site                   
6 5 'Structure model' pdbx_entry_details            
7 5 'Structure model' pdbx_modification_feature     
# 
loop_
_pdbx_audit_revision_item.ordinal 
_pdbx_audit_revision_item.revision_ordinal 
_pdbx_audit_revision_item.data_content_type 
_pdbx_audit_revision_item.item 
1 4 'Structure model' '_database_2.pdbx_DOI'                
2 4 'Structure model' '_database_2.pdbx_database_accession' 
3 4 'Structure model' '_struct_site.pdbx_auth_asym_id'      
4 4 'Structure model' '_struct_site.pdbx_auth_comp_id'      
5 4 'Structure model' '_struct_site.pdbx_auth_seq_id'       
# 
_pdbx_database_status.status_code                     REL 
_pdbx_database_status.entry_id                        2QVD 
_pdbx_database_status.recvd_initial_deposition_date   2007-08-08 
_pdbx_database_status.deposit_site                    RCSB 
_pdbx_database_status.process_site                    PDBJ 
_pdbx_database_status.status_code_sf                  REL 
_pdbx_database_status.status_code_mr                  ? 
_pdbx_database_status.SG_entry                        ? 
_pdbx_database_status.status_code_cs                  ? 
_pdbx_database_status.pdb_format_compatible           Y 
_pdbx_database_status.status_code_nmr_data            ? 
_pdbx_database_status.methods_development_category    ? 
# 
loop_
_pdbx_database_related.db_name 
_pdbx_database_related.db_id 
_pdbx_database_related.details 
_pdbx_database_related.content_type 
PDB 2PYC 
;Crystal structure of a monomeric phospholipase A2 from Russell's viper at 1.5A resolution
;
unspecified 
PDB 2OYF 'Crystal Structure of the complex of phospholipase A2 with indole acetic acid at 1.2 A resolution' unspecified 
# 
loop_
_audit_author.name 
_audit_author.pdbx_ordinal 
'Kumar, S.'     1 
'Chandra, D.N.' 2 
'Singh, N.'     3 
'Jithesh, O.'   4 
'Sharma, S.'    5 
'Haridas, M.'   6 
'Singh, T.P.'   7 
# 
_citation.id                        primary 
_citation.title                     
;Identification of a novel and potent inhibitor of phospholipase A(2) in a medicinal plant: crystal structure at 1.93A and Surface Plasmon Resonance analysis of phospholipase A(2) complexed with berberine
;
_citation.journal_abbrev            Biochim.Biophys.Acta 
_citation.journal_volume            1814 
_citation.page_first                657 
_citation.page_last                 663 
_citation.year                      2011 
_citation.journal_id_ASTM           BBACAQ 
_citation.country                   NE 
_citation.journal_id_ISSN           0006-3002 
_citation.journal_id_CSD            0113 
_citation.book_publisher            ? 
_citation.pdbx_database_id_PubMed   21420512 
_citation.pdbx_database_id_DOI      10.1016/j.bbapap.2011.03.002 
# 
loop_
_citation_author.citation_id 
_citation_author.name 
_citation_author.ordinal 
_citation_author.identifier_ORCID 
primary 'Chandra, D.N.'  1 ? 
primary 'Prasanth, G.K.' 2 ? 
primary 'Singh, N.'      3 ? 
primary 'Kumar, S.'      4 ? 
primary 'Jithesh, O.'    5 ? 
primary 'Sadasivan, C.'  6 ? 
primary 'Sharma, S.'     7 ? 
primary 'Singh, T.P.'    8 ? 
primary 'Haridas, M.'    9 ? 
# 
loop_
_entity.id 
_entity.type 
_entity.src_method 
_entity.pdbx_description 
_entity.formula_weight 
_entity.pdbx_number_of_molecules 
_entity.pdbx_ec 
_entity.pdbx_mutation 
_entity.pdbx_fragment 
_entity.details 
1 polymer     nat 'Phospholipase A2 VRV-PL-VIIIa' 13629.767 1   3.1.1.4 ? ? ? 
2 non-polymer syn BERBERINE                       336.361   1   ?       ? ? ? 
3 water       nat water                           18.015    112 ?       ? ? ? 
# 
_entity_name_com.entity_id   1 
_entity_name_com.name        'Phospholipase A2, Phosphatidylcholine 2- acylhydrolase, DPLA2' 
# 
_entity_poly.entity_id                      1 
_entity_poly.type                           'polypeptide(L)' 
_entity_poly.nstd_linkage                   no 
_entity_poly.nstd_monomer                   no 
_entity_poly.pdbx_seq_one_letter_code       
;SLLEFGKMILEETGKLAIPSYSSYGCYCGWGGKGTPKDATDRCCFVHDCCYGNLPDCNPKSDRYKYKRVNGAIVCEKGTS
CENRICECDKAAAICFRQNLNTYSKKYMLYPDFLCKGELKC
;
_entity_poly.pdbx_seq_one_letter_code_can   
;SLLEFGKMILEETGKLAIPSYSSYGCYCGWGGKGTPKDATDRCCFVHDCCYGNLPDCNPKSDRYKYKRVNGAIVCEKGTS
CENRICECDKAAAICFRQNLNTYSKKYMLYPDFLCKGELKC
;
_entity_poly.pdbx_strand_id                 A 
_entity_poly.pdbx_target_identifier         ? 
# 
loop_
_pdbx_entity_nonpoly.entity_id 
_pdbx_entity_nonpoly.name 
_pdbx_entity_nonpoly.comp_id 
2 BERBERINE BER 
3 water     HOH 
# 
loop_
_entity_poly_seq.entity_id 
_entity_poly_seq.num 
_entity_poly_seq.mon_id 
_entity_poly_seq.hetero 
1 1   SER n 
1 2   LEU n 
1 3   LEU n 
1 4   GLU n 
1 5   PHE n 
1 6   GLY n 
1 7   LYS n 
1 8   MET n 
1 9   ILE n 
1 10  LEU n 
1 11  GLU n 
1 12  GLU n 
1 13  THR n 
1 14  GLY n 
1 15  LYS n 
1 16  LEU n 
1 17  ALA n 
1 18  ILE n 
1 19  PRO n 
1 20  SER n 
1 21  TYR n 
1 22  SER n 
1 23  SER n 
1 24  TYR n 
1 25  GLY n 
1 26  CYS n 
1 27  TYR n 
1 28  CYS n 
1 29  GLY n 
1 30  TRP n 
1 31  GLY n 
1 32  GLY n 
1 33  LYS n 
1 34  GLY n 
1 35  THR n 
1 36  PRO n 
1 37  LYS n 
1 38  ASP n 
1 39  ALA n 
1 40  THR n 
1 41  ASP n 
1 42  ARG n 
1 43  CYS n 
1 44  CYS n 
1 45  PHE n 
1 46  VAL n 
1 47  HIS n 
1 48  ASP n 
1 49  CYS n 
1 50  CYS n 
1 51  TYR n 
1 52  GLY n 
1 53  ASN n 
1 54  LEU n 
1 55  PRO n 
1 56  ASP n 
1 57  CYS n 
1 58  ASN n 
1 59  PRO n 
1 60  LYS n 
1 61  SER n 
1 62  ASP n 
1 63  ARG n 
1 64  TYR n 
1 65  LYS n 
1 66  TYR n 
1 67  LYS n 
1 68  ARG n 
1 69  VAL n 
1 70  ASN n 
1 71  GLY n 
1 72  ALA n 
1 73  ILE n 
1 74  VAL n 
1 75  CYS n 
1 76  GLU n 
1 77  LYS n 
1 78  GLY n 
1 79  THR n 
1 80  SER n 
1 81  CYS n 
1 82  GLU n 
1 83  ASN n 
1 84  ARG n 
1 85  ILE n 
1 86  CYS n 
1 87  GLU n 
1 88  CYS n 
1 89  ASP n 
1 90  LYS n 
1 91  ALA n 
1 92  ALA n 
1 93  ALA n 
1 94  ILE n 
1 95  CYS n 
1 96  PHE n 
1 97  ARG n 
1 98  GLN n 
1 99  ASN n 
1 100 LEU n 
1 101 ASN n 
1 102 THR n 
1 103 TYR n 
1 104 SER n 
1 105 LYS n 
1 106 LYS n 
1 107 TYR n 
1 108 MET n 
1 109 LEU n 
1 110 TYR n 
1 111 PRO n 
1 112 ASP n 
1 113 PHE n 
1 114 LEU n 
1 115 CYS n 
1 116 LYS n 
1 117 GLY n 
1 118 GLU n 
1 119 LEU n 
1 120 LYS n 
1 121 CYS n 
# 
_entity_src_nat.entity_id                  1 
_entity_src_nat.pdbx_src_id                1 
_entity_src_nat.pdbx_alt_source_flag       sample 
_entity_src_nat.pdbx_beg_seq_num           ? 
_entity_src_nat.pdbx_end_seq_num           ? 
_entity_src_nat.common_name                
;Russell's viper
;
_entity_src_nat.pdbx_organism_scientific   'Daboia russellii pulchella' 
_entity_src_nat.pdbx_ncbi_taxonomy_id      97228 
_entity_src_nat.genus                      ? 
_entity_src_nat.species                    ? 
_entity_src_nat.strain                     ? 
_entity_src_nat.tissue                     ? 
_entity_src_nat.tissue_fraction            ? 
_entity_src_nat.pdbx_secretion             ? 
_entity_src_nat.pdbx_fragment              ? 
_entity_src_nat.pdbx_variant               ? 
_entity_src_nat.pdbx_cell_line             ? 
_entity_src_nat.pdbx_atcc                  ? 
_entity_src_nat.pdbx_cellular_location     ? 
_entity_src_nat.pdbx_organ                 ? 
_entity_src_nat.pdbx_organelle             ? 
_entity_src_nat.pdbx_cell                  ? 
_entity_src_nat.pdbx_plasmid_name          ? 
_entity_src_nat.pdbx_plasmid_details       ? 
_entity_src_nat.details                    ? 
# 
loop_
_chem_comp.id 
_chem_comp.type 
_chem_comp.mon_nstd_flag 
_chem_comp.name 
_chem_comp.pdbx_synonyms 
_chem_comp.formula 
_chem_comp.formula_weight 
ALA 'L-peptide linking' y ALANINE         ? 'C3 H7 N O2'     89.093  
ARG 'L-peptide linking' y ARGININE        ? 'C6 H15 N4 O2 1' 175.209 
ASN 'L-peptide linking' y ASPARAGINE      ? 'C4 H8 N2 O3'    132.118 
ASP 'L-peptide linking' y 'ASPARTIC ACID' ? 'C4 H7 N O4'     133.103 
BER non-polymer         . BERBERINE       ? 'C20 H18 N O4 1' 336.361 
CYS 'L-peptide linking' y CYSTEINE        ? 'C3 H7 N O2 S'   121.158 
GLN 'L-peptide linking' y GLUTAMINE       ? 'C5 H10 N2 O3'   146.144 
GLU 'L-peptide linking' y 'GLUTAMIC ACID' ? 'C5 H9 N O4'     147.129 
GLY 'peptide linking'   y GLYCINE         ? 'C2 H5 N O2'     75.067  
HIS 'L-peptide linking' y HISTIDINE       ? 'C6 H10 N3 O2 1' 156.162 
HOH non-polymer         . WATER           ? 'H2 O'           18.015  
ILE 'L-peptide linking' y ISOLEUCINE      ? 'C6 H13 N O2'    131.173 
LEU 'L-peptide linking' y LEUCINE         ? 'C6 H13 N O2'    131.173 
LYS 'L-peptide linking' y LYSINE          ? 'C6 H15 N2 O2 1' 147.195 
MET 'L-peptide linking' y METHIONINE      ? 'C5 H11 N O2 S'  149.211 
PHE 'L-peptide linking' y PHENYLALANINE   ? 'C9 H11 N O2'    165.189 
PRO 'L-peptide linking' y PROLINE         ? 'C5 H9 N O2'     115.130 
SER 'L-peptide linking' y SERINE          ? 'C3 H7 N O3'     105.093 
THR 'L-peptide linking' y THREONINE       ? 'C4 H9 N O3'     119.119 
TRP 'L-peptide linking' y TRYPTOPHAN      ? 'C11 H12 N2 O2'  204.225 
TYR 'L-peptide linking' y TYROSINE        ? 'C9 H11 N O3'    181.189 
VAL 'L-peptide linking' y VALINE          ? 'C5 H11 N O2'    117.146 
# 
loop_
_pdbx_poly_seq_scheme.asym_id 
_pdbx_poly_seq_scheme.entity_id 
_pdbx_poly_seq_scheme.seq_id 
_pdbx_poly_seq_scheme.mon_id 
_pdbx_poly_seq_scheme.ndb_seq_num 
_pdbx_poly_seq_scheme.pdb_seq_num 
_pdbx_poly_seq_scheme.auth_seq_num 
_pdbx_poly_seq_scheme.pdb_mon_id 
_pdbx_poly_seq_scheme.auth_mon_id 
_pdbx_poly_seq_scheme.pdb_strand_id 
_pdbx_poly_seq_scheme.pdb_ins_code 
_pdbx_poly_seq_scheme.hetero 
A 1 1   SER 1   1   1   SER SER A . n 
A 1 2   LEU 2   2   2   LEU LEU A . n 
A 1 3   LEU 3   3   3   LEU LEU A . n 
A 1 4   GLU 4   4   4   GLU GLU A . n 
A 1 5   PHE 5   5   5   PHE PHE A . n 
A 1 6   GLY 6   6   6   GLY GLY A . n 
A 1 7   LYS 7   7   7   LYS LYS A . n 
A 1 8   MET 8   8   8   MET MET A . n 
A 1 9   ILE 9   9   9   ILE ILE A . n 
A 1 10  LEU 10  10  10  LEU LEU A . n 
A 1 11  GLU 11  11  11  GLU GLU A . n 
A 1 12  GLU 12  12  12  GLU GLU A . n 
A 1 13  THR 13  13  13  THR THR A . n 
A 1 14  GLY 14  14  14  GLY GLY A . n 
A 1 15  LYS 15  16  16  LYS LYS A . n 
A 1 16  LEU 16  17  17  LEU LEU A . n 
A 1 17  ALA 17  18  18  ALA ALA A . n 
A 1 18  ILE 18  19  19  ILE ILE A . n 
A 1 19  PRO 19  20  20  PRO PRO A . n 
A 1 20  SER 20  21  21  SER SER A . n 
A 1 21  TYR 21  22  22  TYR TYR A . n 
A 1 22  SER 22  23  23  SER SER A . n 
A 1 23  SER 23  24  24  SER SER A . n 
A 1 24  TYR 24  25  25  TYR TYR A . n 
A 1 25  GLY 25  26  26  GLY GLY A . n 
A 1 26  CYS 26  27  27  CYS CYS A . n 
A 1 27  TYR 27  28  28  TYR TYR A . n 
A 1 28  CYS 28  29  29  CYS CYS A . n 
A 1 29  GLY 29  30  30  GLY GLY A . n 
A 1 30  TRP 30  31  31  TRP TRP A . n 
A 1 31  GLY 31  32  32  GLY GLY A . n 
A 1 32  GLY 32  33  33  GLY GLY A . n 
A 1 33  LYS 33  34  34  LYS LYS A . n 
A 1 34  GLY 34  35  35  GLY GLY A . n 
A 1 35  THR 35  36  36  THR THR A . n 
A 1 36  PRO 36  37  37  PRO PRO A . n 
A 1 37  LYS 37  38  38  LYS LYS A . n 
A 1 38  ASP 38  39  39  ASP ASP A . n 
A 1 39  ALA 39  40  40  ALA ALA A . n 
A 1 40  THR 40  41  41  THR THR A . n 
A 1 41  ASP 41  42  42  ASP ASP A . n 
A 1 42  ARG 42  43  43  ARG ARG A . n 
A 1 43  CYS 43  44  44  CYS CYS A . n 
A 1 44  CYS 44  45  45  CYS CYS A . n 
A 1 45  PHE 45  46  46  PHE PHE A . n 
A 1 46  VAL 46  47  47  VAL VAL A . n 
A 1 47  HIS 47  48  48  HIS HIS A . n 
A 1 48  ASP 48  49  49  ASP ASP A . n 
A 1 49  CYS 49  50  50  CYS CYS A . n 
A 1 50  CYS 50  51  51  CYS CYS A . n 
A 1 51  TYR 51  52  52  TYR TYR A . n 
A 1 52  GLY 52  53  53  GLY GLY A . n 
A 1 53  ASN 53  54  54  ASN ASN A . n 
A 1 54  LEU 54  55  55  LEU LEU A . n 
A 1 55  PRO 55  56  56  PRO PRO A . n 
A 1 56  ASP 56  59  59  ASP ASP A . n 
A 1 57  CYS 57  61  61  CYS CYS A . n 
A 1 58  ASN 58  67  67  ASN ASN A . n 
A 1 59  PRO 59  68  68  PRO PRO A . n 
A 1 60  LYS 60  69  69  LYS LYS A . n 
A 1 61  SER 61  70  70  SER SER A . n 
A 1 62  ASP 62  71  71  ASP ASP A . n 
A 1 63  ARG 63  72  72  ARG ARG A . n 
A 1 64  TYR 64  73  73  TYR TYR A . n 
A 1 65  LYS 65  74  74  LYS LYS A . n 
A 1 66  TYR 66  75  75  TYR TYR A . n 
A 1 67  LYS 67  76  76  LYS LYS A . n 
A 1 68  ARG 68  77  77  ARG ARG A . n 
A 1 69  VAL 69  78  78  VAL VAL A . n 
A 1 70  ASN 70  79  79  ASN ASN A . n 
A 1 71  GLY 71  80  80  GLY GLY A . n 
A 1 72  ALA 72  81  81  ALA ALA A . n 
A 1 73  ILE 73  82  82  ILE ILE A . n 
A 1 74  VAL 74  83  83  VAL VAL A . n 
A 1 75  CYS 75  84  84  CYS CYS A . n 
A 1 76  GLU 76  85  85  GLU GLU A . n 
A 1 77  LYS 77  86  86  LYS LYS A . n 
A 1 78  GLY 78  88  88  GLY GLY A . n 
A 1 79  THR 79  89  89  THR THR A . n 
A 1 80  SER 80  90  90  SER SER A . n 
A 1 81  CYS 81  91  91  CYS CYS A . n 
A 1 82  GLU 82  92  92  GLU GLU A . n 
A 1 83  ASN 83  93  93  ASN ASN A . n 
A 1 84  ARG 84  94  94  ARG ARG A . n 
A 1 85  ILE 85  95  95  ILE ILE A . n 
A 1 86  CYS 86  96  96  CYS CYS A . n 
A 1 87  GLU 87  97  97  GLU GLU A . n 
A 1 88  CYS 88  98  98  CYS CYS A . n 
A 1 89  ASP 89  99  99  ASP ASP A . n 
A 1 90  LYS 90  100 100 LYS LYS A . n 
A 1 91  ALA 91  101 101 ALA ALA A . n 
A 1 92  ALA 92  102 102 ALA ALA A . n 
A 1 93  ALA 93  103 103 ALA ALA A . n 
A 1 94  ILE 94  104 104 ILE ILE A . n 
A 1 95  CYS 95  105 105 CYS CYS A . n 
A 1 96  PHE 96  106 106 PHE PHE A . n 
A 1 97  ARG 97  107 107 ARG ARG A . n 
A 1 98  GLN 98  108 108 GLN GLN A . n 
A 1 99  ASN 99  109 109 ASN ASN A . n 
A 1 100 LEU 100 110 110 LEU LEU A . n 
A 1 101 ASN 101 111 111 ASN ASN A . n 
A 1 102 THR 102 112 112 THR THR A . n 
A 1 103 TYR 103 113 113 TYR TYR A . n 
A 1 104 SER 104 114 114 SER SER A . n 
A 1 105 LYS 105 115 115 LYS LYS A . n 
A 1 106 LYS 106 116 116 LYS LYS A . n 
A 1 107 TYR 107 117 117 TYR TYR A . n 
A 1 108 MET 108 118 118 MET MET A . n 
A 1 109 LEU 109 119 119 LEU LEU A . n 
A 1 110 TYR 110 120 120 TYR TYR A . n 
A 1 111 PRO 111 121 121 PRO PRO A . n 
A 1 112 ASP 112 122 122 ASP ASP A . n 
A 1 113 PHE 113 124 124 PHE PHE A . n 
A 1 114 LEU 114 125 125 LEU LEU A . n 
A 1 115 CYS 115 126 126 CYS CYS A . n 
A 1 116 LYS 116 127 127 LYS LYS A . n 
A 1 117 GLY 117 128 128 GLY GLY A . n 
A 1 118 GLU 118 129 129 GLU GLU A . n 
A 1 119 LEU 119 130 130 LEU LEU A . n 
A 1 120 LYS 120 131 131 LYS LYS A . n 
A 1 121 CYS 121 133 133 CYS CYS A . n 
# 
loop_
_pdbx_nonpoly_scheme.asym_id 
_pdbx_nonpoly_scheme.entity_id 
_pdbx_nonpoly_scheme.mon_id 
_pdbx_nonpoly_scheme.ndb_seq_num 
_pdbx_nonpoly_scheme.pdb_seq_num 
_pdbx_nonpoly_scheme.auth_seq_num 
_pdbx_nonpoly_scheme.pdb_mon_id 
_pdbx_nonpoly_scheme.auth_mon_id 
_pdbx_nonpoly_scheme.pdb_strand_id 
_pdbx_nonpoly_scheme.pdb_ins_code 
B 2 BER 1   1811 1811 BER BER A . 
C 3 HOH 1   1812 1    HOH HOH A . 
C 3 HOH 2   1813 2    HOH HOH A . 
C 3 HOH 3   1814 3    HOH HOH A . 
C 3 HOH 4   1815 4    HOH HOH A . 
C 3 HOH 5   1816 5    HOH HOH A . 
C 3 HOH 6   1817 6    HOH HOH A . 
C 3 HOH 7   1818 7    HOH HOH A . 
C 3 HOH 8   1819 8    HOH HOH A . 
C 3 HOH 9   1820 9    HOH HOH A . 
C 3 HOH 10  1821 10   HOH HOH A . 
C 3 HOH 11  1822 11   HOH HOH A . 
C 3 HOH 12  1823 12   HOH HOH A . 
C 3 HOH 13  1824 13   HOH HOH A . 
C 3 HOH 14  1825 14   HOH HOH A . 
C 3 HOH 15  1826 15   HOH HOH A . 
C 3 HOH 16  1827 16   HOH HOH A . 
C 3 HOH 17  1828 17   HOH HOH A . 
C 3 HOH 18  1829 18   HOH HOH A . 
C 3 HOH 19  1830 19   HOH HOH A . 
C 3 HOH 20  1831 20   HOH HOH A . 
C 3 HOH 21  1832 21   HOH HOH A . 
C 3 HOH 22  1833 22   HOH HOH A . 
C 3 HOH 23  1834 23   HOH HOH A . 
C 3 HOH 24  1835 24   HOH HOH A . 
C 3 HOH 25  1836 25   HOH HOH A . 
C 3 HOH 26  1837 26   HOH HOH A . 
C 3 HOH 27  1838 27   HOH HOH A . 
C 3 HOH 28  1839 28   HOH HOH A . 
C 3 HOH 29  1840 29   HOH HOH A . 
C 3 HOH 30  1841 30   HOH HOH A . 
C 3 HOH 31  1842 31   HOH HOH A . 
C 3 HOH 32  1843 32   HOH HOH A . 
C 3 HOH 33  1844 33   HOH HOH A . 
C 3 HOH 34  1845 34   HOH HOH A . 
C 3 HOH 35  1846 35   HOH HOH A . 
C 3 HOH 36  1847 36   HOH HOH A . 
C 3 HOH 37  1848 37   HOH HOH A . 
C 3 HOH 38  1849 38   HOH HOH A . 
C 3 HOH 39  1850 39   HOH HOH A . 
C 3 HOH 40  1851 40   HOH HOH A . 
C 3 HOH 41  1852 41   HOH HOH A . 
C 3 HOH 42  1853 42   HOH HOH A . 
C 3 HOH 43  1854 43   HOH HOH A . 
C 3 HOH 44  1855 44   HOH HOH A . 
C 3 HOH 45  1856 45   HOH HOH A . 
C 3 HOH 46  1857 46   HOH HOH A . 
C 3 HOH 47  1858 47   HOH HOH A . 
C 3 HOH 48  1859 48   HOH HOH A . 
C 3 HOH 49  1860 49   HOH HOH A . 
C 3 HOH 50  1861 50   HOH HOH A . 
C 3 HOH 51  1862 51   HOH HOH A . 
C 3 HOH 52  1863 52   HOH HOH A . 
C 3 HOH 53  1864 53   HOH HOH A . 
C 3 HOH 54  1865 54   HOH HOH A . 
C 3 HOH 55  1866 55   HOH HOH A . 
C 3 HOH 56  1867 56   HOH HOH A . 
C 3 HOH 57  1868 57   HOH HOH A . 
C 3 HOH 58  1869 58   HOH HOH A . 
C 3 HOH 59  1870 59   HOH HOH A . 
C 3 HOH 60  1871 60   HOH HOH A . 
C 3 HOH 61  1872 61   HOH HOH A . 
C 3 HOH 62  1873 62   HOH HOH A . 
C 3 HOH 63  1874 63   HOH HOH A . 
C 3 HOH 64  1875 64   HOH HOH A . 
C 3 HOH 65  1876 65   HOH HOH A . 
C 3 HOH 66  1877 66   HOH HOH A . 
C 3 HOH 67  1878 67   HOH HOH A . 
C 3 HOH 68  1879 68   HOH HOH A . 
C 3 HOH 69  1880 69   HOH HOH A . 
C 3 HOH 70  1881 70   HOH HOH A . 
C 3 HOH 71  1882 71   HOH HOH A . 
C 3 HOH 72  1883 72   HOH HOH A . 
C 3 HOH 73  1884 73   HOH HOH A . 
C 3 HOH 74  1885 74   HOH HOH A . 
C 3 HOH 75  1886 75   HOH HOH A . 
C 3 HOH 76  1887 76   HOH HOH A . 
C 3 HOH 77  1888 77   HOH HOH A . 
C 3 HOH 78  1889 78   HOH HOH A . 
C 3 HOH 79  1890 79   HOH HOH A . 
C 3 HOH 80  1891 80   HOH HOH A . 
C 3 HOH 81  1892 81   HOH HOH A . 
C 3 HOH 82  1893 82   HOH HOH A . 
C 3 HOH 83  1894 83   HOH HOH A . 
C 3 HOH 84  1895 84   HOH HOH A . 
C 3 HOH 85  1896 85   HOH HOH A . 
C 3 HOH 86  1897 86   HOH HOH A . 
C 3 HOH 87  1898 87   HOH HOH A . 
C 3 HOH 88  1899 88   HOH HOH A . 
C 3 HOH 89  1900 89   HOH HOH A . 
C 3 HOH 90  1901 90   HOH HOH A . 
C 3 HOH 91  1902 91   HOH HOH A . 
C 3 HOH 92  1903 92   HOH HOH A . 
C 3 HOH 93  1904 93   HOH HOH A . 
C 3 HOH 94  1905 94   HOH HOH A . 
C 3 HOH 95  1906 95   HOH HOH A . 
C 3 HOH 96  1907 96   HOH HOH A . 
C 3 HOH 97  1908 97   HOH HOH A . 
C 3 HOH 98  1909 98   HOH HOH A . 
C 3 HOH 99  1910 99   HOH HOH A . 
C 3 HOH 100 1911 100  HOH HOH A . 
C 3 HOH 101 1912 101  HOH HOH A . 
C 3 HOH 102 1913 102  HOH HOH A . 
C 3 HOH 103 1914 103  HOH HOH A . 
C 3 HOH 104 1915 104  HOH HOH A . 
C 3 HOH 105 1916 105  HOH HOH A . 
C 3 HOH 106 1917 106  HOH HOH A . 
C 3 HOH 107 1918 107  HOH HOH A . 
C 3 HOH 108 1919 108  HOH HOH A . 
C 3 HOH 109 1920 109  HOH HOH A . 
C 3 HOH 110 1921 110  HOH HOH A . 
C 3 HOH 111 1922 111  HOH HOH A . 
C 3 HOH 112 1923 112  HOH HOH A . 
# 
loop_
_software.name 
_software.classification 
_software.version 
_software.citation_id 
_software.pdbx_ordinal 
REFMAC    refinement        5.0 ? 1 
MAR345dtb 'data collection' .   ? 2 
DENZO     'data reduction'  .   ? 3 
SCALEPACK 'data scaling'    .   ? 4 
AMoRE     phasing           .   ? 5 
# 
_cell.entry_id           2QVD 
_cell.length_a           53.311 
_cell.length_b           53.311 
_cell.length_c           48.379 
_cell.angle_alpha        90.00 
_cell.angle_beta         90.00 
_cell.angle_gamma        90.00 
_cell.Z_PDB              4 
_cell.pdbx_unique_axis   ? 
_cell.length_a_esd       ? 
_cell.length_b_esd       ? 
_cell.length_c_esd       ? 
_cell.angle_alpha_esd    ? 
_cell.angle_beta_esd     ? 
_cell.angle_gamma_esd    ? 
# 
_symmetry.entry_id                         2QVD 
_symmetry.space_group_name_H-M             'P 43' 
_symmetry.pdbx_full_space_group_name_H-M   ? 
_symmetry.cell_setting                     ? 
_symmetry.Int_Tables_number                78 
_symmetry.space_group_name_Hall            ? 
# 
_exptl.entry_id          2QVD 
_exptl.method            'X-RAY DIFFRACTION' 
_exptl.crystals_number   1 
# 
_exptl_crystal.id                    1 
_exptl_crystal.density_meas          ? 
_exptl_crystal.density_Matthews      2.52 
_exptl_crystal.density_percent_sol   51.23 
_exptl_crystal.description           ? 
_exptl_crystal.F_000                 ? 
_exptl_crystal.preparation           ? 
# 
_exptl_crystal_grow.crystal_id      1 
_exptl_crystal_grow.method          'VAPOR DIFFUSION, HANGING DROP' 
_exptl_crystal_grow.temp            298 
_exptl_crystal_grow.temp_details    ? 
_exptl_crystal_grow.pH              6.8 
_exptl_crystal_grow.pdbx_details    
'50mm Ammonium acetate, 0.2M ammonium sulphate, 30%PEG 4000, pH 6.8, VAPOR DIFFUSION, HANGING DROP, temperature 298K' 
_exptl_crystal_grow.pdbx_pH_range   . 
# 
_diffrn.id                     1 
_diffrn.ambient_temp           291 
_diffrn.ambient_temp_details   ? 
_diffrn.crystal_id             1 
# 
_diffrn_detector.diffrn_id              1 
_diffrn_detector.detector               'IMAGE PLATE' 
_diffrn_detector.type                   'MAR scanner 345 mm plate' 
_diffrn_detector.pdbx_collection_date   2007-08-02 
_diffrn_detector.details                Mirror 
# 
_diffrn_radiation.diffrn_id                        1 
_diffrn_radiation.wavelength_id                    1 
_diffrn_radiation.pdbx_monochromatic_or_laue_m_l   M 
_diffrn_radiation.monochromator                    Graphite 
_diffrn_radiation.pdbx_diffrn_protocol             'SINGLE WAVELENGTH' 
_diffrn_radiation.pdbx_scattering_type             x-ray 
# 
_diffrn_radiation_wavelength.id           1 
_diffrn_radiation_wavelength.wavelength   1.54132 
_diffrn_radiation_wavelength.wt           1.0 
# 
_diffrn_source.diffrn_id                   1 
_diffrn_source.source                      'ROTATING ANODE' 
_diffrn_source.type                        'RIGAKU RU300' 
_diffrn_source.pdbx_synchrotron_site       ? 
_diffrn_source.pdbx_synchrotron_beamline   ? 
_diffrn_source.pdbx_wavelength             ? 
_diffrn_source.pdbx_wavelength_list        1.54132 
# 
_reflns.entry_id                     2QVD 
_reflns.observed_criterion_sigma_F   0 
_reflns.observed_criterion_sigma_I   0 
_reflns.d_resolution_high            1.93 
_reflns.d_resolution_low             53.45 
_reflns.number_all                   10240 
_reflns.number_obs                   9715 
_reflns.percent_possible_obs         99.2 
_reflns.pdbx_Rmerge_I_obs            ? 
_reflns.pdbx_Rsym_value              ? 
_reflns.pdbx_netI_over_sigmaI        ? 
_reflns.B_iso_Wilson_estimate        ? 
_reflns.pdbx_redundancy              ? 
_reflns.R_free_details               ? 
_reflns.limit_h_max                  ? 
_reflns.limit_h_min                  ? 
_reflns.limit_k_max                  ? 
_reflns.limit_k_min                  ? 
_reflns.limit_l_max                  ? 
_reflns.limit_l_min                  ? 
_reflns.observed_criterion_F_max     ? 
_reflns.observed_criterion_F_min     ? 
_reflns.pdbx_chi_squared             ? 
_reflns.pdbx_scaling_rejects         ? 
_reflns.pdbx_ordinal                 1 
_reflns.pdbx_diffrn_id               1 
# 
_reflns_shell.d_res_high             1.93 
_reflns_shell.d_res_low              2.00 
_reflns_shell.percent_possible_all   95.3 
_reflns_shell.Rmerge_I_obs           ? 
_reflns_shell.pdbx_Rsym_value        ? 
_reflns_shell.meanI_over_sigI_obs    ? 
_reflns_shell.pdbx_redundancy        ? 
_reflns_shell.percent_possible_obs   ? 
_reflns_shell.number_unique_all      ? 
_reflns_shell.number_measured_all    ? 
_reflns_shell.number_measured_obs    ? 
_reflns_shell.number_unique_obs      ? 
_reflns_shell.pdbx_chi_squared       ? 
_reflns_shell.pdbx_ordinal           1 
_reflns_shell.pdbx_diffrn_id         1 
# 
_refine.entry_id                                 2QVD 
_refine.ls_number_reflns_obs                     9715 
_refine.ls_number_reflns_all                     10240 
_refine.pdbx_ls_sigma_I                          0 
_refine.pdbx_ls_sigma_F                          0 
_refine.pdbx_data_cutoff_high_absF               ? 
_refine.pdbx_data_cutoff_low_absF                ? 
_refine.pdbx_data_cutoff_high_rms_absF           ? 
_refine.ls_d_res_low                             53.45 
_refine.ls_d_res_high                            1.93 
_refine.ls_percent_reflns_obs                    98.90 
_refine.ls_R_factor_obs                          0.17765 
_refine.ls_R_factor_all                          0.21 
_refine.ls_R_factor_R_work                       0.1754 
_refine.ls_R_factor_R_free                       0.22435 
_refine.ls_R_factor_R_free_error                 ? 
_refine.ls_R_factor_R_free_error_details         ? 
_refine.ls_percent_reflns_R_free                 4.8 
_refine.ls_number_reflns_R_free                  490 
_refine.ls_number_parameters                     ? 
_refine.ls_number_restraints                     ? 
_refine.occupancy_min                            ? 
_refine.occupancy_max                            ? 
_refine.correlation_coeff_Fo_to_Fc               0.960 
_refine.correlation_coeff_Fo_to_Fc_free          0.934 
_refine.B_iso_mean                               32.511 
_refine.aniso_B[1][1]                            0.47 
_refine.aniso_B[2][2]                            0.47 
_refine.aniso_B[3][3]                            -0.95 
_refine.aniso_B[1][2]                            0.00 
_refine.aniso_B[1][3]                            0.00 
_refine.aniso_B[2][3]                            0.00 
_refine.solvent_model_details                    'BABINET MODEL WITH MASK' 
_refine.solvent_model_param_ksol                 ? 
_refine.solvent_model_param_bsol                 ? 
_refine.pdbx_solvent_vdw_probe_radii             1.40 
_refine.pdbx_solvent_ion_probe_radii             0.80 
_refine.pdbx_solvent_shrinkage_radii             0.80 
_refine.pdbx_ls_cross_valid_method               THROUGHOUT 
_refine.details                                  ? 
_refine.pdbx_starting_model                      2PYC 
_refine.pdbx_method_to_determine_struct          'MOLECULAR REPLACEMENT' 
_refine.pdbx_isotropic_thermal_model             ? 
_refine.pdbx_stereochemistry_target_values       'MAXIMUM LIKELIHOOD' 
_refine.pdbx_stereochem_target_val_spec_case     ? 
_refine.pdbx_R_Free_selection_details            RANDOM 
_refine.pdbx_overall_ESU_R                       0.155 
_refine.pdbx_overall_ESU_R_Free                  0.149 
_refine.overall_SU_ML                            0.108 
_refine.overall_SU_B                             3.750 
_refine.ls_redundancy_reflns_obs                 ? 
_refine.B_iso_min                                ? 
_refine.B_iso_max                                ? 
_refine.overall_SU_R_Cruickshank_DPI             ? 
_refine.overall_SU_R_free                        ? 
_refine.ls_wR_factor_R_free                      ? 
_refine.ls_wR_factor_R_work                      ? 
_refine.overall_FOM_free_R_set                   ? 
_refine.overall_FOM_work_R_set                   ? 
_refine.pdbx_overall_phase_error                 ? 
_refine.pdbx_refine_id                           'X-RAY DIFFRACTION' 
_refine.pdbx_diffrn_id                           1 
_refine.pdbx_TLS_residual_ADP_flag               ? 
_refine.pdbx_overall_SU_R_free_Cruickshank_DPI   ? 
_refine.pdbx_overall_SU_R_Blow_DPI               ? 
_refine.pdbx_overall_SU_R_free_Blow_DPI          ? 
# 
_refine_hist.pdbx_refine_id                   'X-RAY DIFFRACTION' 
_refine_hist.cycle_id                         LAST 
_refine_hist.pdbx_number_atoms_protein        943 
_refine_hist.pdbx_number_atoms_nucleic_acid   0 
_refine_hist.pdbx_number_atoms_ligand         25 
_refine_hist.number_atoms_solvent             112 
_refine_hist.number_atoms_total               1080 
_refine_hist.d_res_high                       1.93 
_refine_hist.d_res_low                        53.45 
# 
loop_
_refine_ls_restr.type 
_refine_ls_restr.dev_ideal 
_refine_ls_restr.dev_ideal_target 
_refine_ls_restr.weight 
_refine_ls_restr.number 
_refine_ls_restr.pdbx_refine_id 
_refine_ls_restr.pdbx_restraint_function 
r_bond_refined_d             0.017  0.021  ? 993  'X-RAY DIFFRACTION' ? 
r_bond_other_d               ?      ?      ? ?    'X-RAY DIFFRACTION' ? 
r_angle_refined_deg          1.802  2.023  ? 1329 'X-RAY DIFFRACTION' ? 
r_angle_other_deg            ?      ?      ? ?    'X-RAY DIFFRACTION' ? 
r_dihedral_angle_1_deg       4.474  3.000  ? 113  'X-RAY DIFFRACTION' ? 
r_dihedral_angle_2_deg       ?      ?      ? ?    'X-RAY DIFFRACTION' ? 
r_dihedral_angle_3_deg       18.245 15.000 ? 180  'X-RAY DIFFRACTION' ? 
r_dihedral_angle_4_deg       ?      ?      ? ?    'X-RAY DIFFRACTION' ? 
r_chiral_restr               0.108  0.200  ? 132  'X-RAY DIFFRACTION' ? 
r_gen_planes_refined         0.007  0.020  ? 724  'X-RAY DIFFRACTION' ? 
r_gen_planes_other           ?      ?      ? ?    'X-RAY DIFFRACTION' ? 
r_nbd_refined                0.371  0.300  ? 485  'X-RAY DIFFRACTION' ? 
r_nbd_other                  ?      ?      ? ?    'X-RAY DIFFRACTION' ? 
r_nbtor_refined              ?      ?      ? ?    'X-RAY DIFFRACTION' ? 
r_nbtor_other                ?      ?      ? ?    'X-RAY DIFFRACTION' ? 
r_xyhbond_nbd_refined        0.216  0.500  ? 104  'X-RAY DIFFRACTION' ? 
r_xyhbond_nbd_other          ?      ?      ? ?    'X-RAY DIFFRACTION' ? 
r_metal_ion_refined          ?      ?      ? ?    'X-RAY DIFFRACTION' ? 
r_metal_ion_other            ?      ?      ? ?    'X-RAY DIFFRACTION' ? 
r_symmetry_vdw_refined       0.448  0.300  ? 41   'X-RAY DIFFRACTION' ? 
r_symmetry_vdw_other         ?      ?      ? ?    'X-RAY DIFFRACTION' ? 
r_symmetry_hbond_refined     0.193  0.500  ? 14   'X-RAY DIFFRACTION' ? 
r_symmetry_hbond_other       ?      ?      ? ?    'X-RAY DIFFRACTION' ? 
r_symmetry_metal_ion_refined ?      ?      ? ?    'X-RAY DIFFRACTION' ? 
r_symmetry_metal_ion_other   ?      ?      ? ?    'X-RAY DIFFRACTION' ? 
r_mcbond_it                  1.137  1.500  ? 592  'X-RAY DIFFRACTION' ? 
r_mcbond_other               ?      ?      ? ?    'X-RAY DIFFRACTION' ? 
r_mcangle_it                 2.116  2.000  ? 934  'X-RAY DIFFRACTION' ? 
r_scbond_it                  2.834  3.000  ? 401  'X-RAY DIFFRACTION' ? 
r_scangle_it                 4.476  4.500  ? 395  'X-RAY DIFFRACTION' ? 
r_rigid_bond_restr           ?      ?      ? ?    'X-RAY DIFFRACTION' ? 
r_sphericity_free            ?      ?      ? ?    'X-RAY DIFFRACTION' ? 
r_sphericity_bonded          ?      ?      ? ?    'X-RAY DIFFRACTION' ? 
# 
_refine_ls_shell.pdbx_total_number_of_bins_used   20 
_refine_ls_shell.d_res_high                       1.930 
_refine_ls_shell.d_res_low                        1.980 
_refine_ls_shell.number_reflns_R_work             698 
_refine_ls_shell.R_factor_R_work                  0.3 
_refine_ls_shell.percent_reflns_obs               ? 
_refine_ls_shell.R_factor_R_free                  0.298 
_refine_ls_shell.R_factor_R_free_error            ? 
_refine_ls_shell.percent_reflns_R_free            ? 
_refine_ls_shell.number_reflns_R_free             34 
_refine_ls_shell.number_reflns_all                ? 
_refine_ls_shell.R_factor_all                     ? 
_refine_ls_shell.number_reflns_obs                ? 
_refine_ls_shell.redundancy_reflns_obs            ? 
_refine_ls_shell.pdbx_refine_id                   'X-RAY DIFFRACTION' 
# 
_struct.entry_id                  2QVD 
_struct.title                     
;Identification of a potent anti-inflammatory agent from the natural extract of plant Cardiospermun helicacabum: Crystal structure of the complex of phospholipase A2 with Benzo(g)-1,3-benzodioxolo(5,6-a)quinolizinium, 5,6-dihydro-9,10-dimethoxy at 1.93 A resolution
;
_struct.pdbx_model_details        ? 
_struct.pdbx_CASP_flag            ? 
_struct.pdbx_model_type_details   ? 
# 
_struct_keywords.entry_id        2QVD 
_struct_keywords.pdbx_keywords   'HYDROLASE/HYDROLASE INHIBITOR' 
_struct_keywords.text            
;phospholipids, membrane, hydrolysis, inhibitor, plant extraxt, Lipid degradation, Metal-binding, Neurotoxin, Presynaptic neurotoxin, Secreted, Toxin, HYDROLASE-HYDROLASE INHIBITOR complex
;
# 
loop_
_struct_asym.id 
_struct_asym.pdbx_blank_PDB_chainid_flag 
_struct_asym.pdbx_modified 
_struct_asym.entity_id 
_struct_asym.details 
A N N 1 ? 
B N N 2 ? 
C N N 3 ? 
# 
_struct_ref.id                         1 
_struct_ref.db_name                    UNP 
_struct_ref.db_code                    PA28_DABRP 
_struct_ref.pdbx_db_accession          P59071 
_struct_ref.entity_id                  1 
_struct_ref.pdbx_seq_one_letter_code   
;SLLEFGKMILEETGKLAIPSYSSYGCYCGWGGKGTPKDATDRCCFVHDCCYGNLPDCNPKSDRYKYKRVNGAIVCEKGTS
CENRICECDKAAAICFRQNLNTYSKKYMLYPDFLCKGELKC
;
_struct_ref.pdbx_align_begin           1 
_struct_ref.pdbx_db_isoform            ? 
# 
_struct_ref_seq.align_id                      1 
_struct_ref_seq.ref_id                        1 
_struct_ref_seq.pdbx_PDB_id_code              2QVD 
_struct_ref_seq.pdbx_strand_id                A 
_struct_ref_seq.seq_align_beg                 1 
_struct_ref_seq.pdbx_seq_align_beg_ins_code   ? 
_struct_ref_seq.seq_align_end                 121 
_struct_ref_seq.pdbx_seq_align_end_ins_code   ? 
_struct_ref_seq.pdbx_db_accession             P59071 
_struct_ref_seq.db_align_beg                  1 
_struct_ref_seq.pdbx_db_align_beg_ins_code    ? 
_struct_ref_seq.db_align_end                  121 
_struct_ref_seq.pdbx_db_align_end_ins_code    ? 
_struct_ref_seq.pdbx_auth_seq_align_beg       1 
_struct_ref_seq.pdbx_auth_seq_align_end       133 
# 
_pdbx_struct_assembly.id                   1 
_pdbx_struct_assembly.details              author_and_software_defined_assembly 
_pdbx_struct_assembly.method_details       PISA 
_pdbx_struct_assembly.oligomeric_details   monomeric 
_pdbx_struct_assembly.oligomeric_count     1 
# 
_pdbx_struct_assembly_gen.assembly_id       1 
_pdbx_struct_assembly_gen.oper_expression   1 
_pdbx_struct_assembly_gen.asym_id_list      A,B,C 
# 
_pdbx_struct_oper_list.id                   1 
_pdbx_struct_oper_list.type                 'identity operation' 
_pdbx_struct_oper_list.name                 1_555 
_pdbx_struct_oper_list.symmetry_operation   x,y,z 
_pdbx_struct_oper_list.matrix[1][1]         1.0000000000 
_pdbx_struct_oper_list.matrix[1][2]         0.0000000000 
_pdbx_struct_oper_list.matrix[1][3]         0.0000000000 
_pdbx_struct_oper_list.vector[1]            0.0000000000 
_pdbx_struct_oper_list.matrix[2][1]         0.0000000000 
_pdbx_struct_oper_list.matrix[2][2]         1.0000000000 
_pdbx_struct_oper_list.matrix[2][3]         0.0000000000 
_pdbx_struct_oper_list.vector[2]            0.0000000000 
_pdbx_struct_oper_list.matrix[3][1]         0.0000000000 
_pdbx_struct_oper_list.matrix[3][2]         0.0000000000 
_pdbx_struct_oper_list.matrix[3][3]         1.0000000000 
_pdbx_struct_oper_list.vector[3]            0.0000000000 
# 
_struct_biol.id        1 
_struct_biol.details   ? 
# 
loop_
_struct_conf.conf_type_id 
_struct_conf.id 
_struct_conf.pdbx_PDB_helix_id 
_struct_conf.beg_label_comp_id 
_struct_conf.beg_label_asym_id 
_struct_conf.beg_label_seq_id 
_struct_conf.pdbx_beg_PDB_ins_code 
_struct_conf.end_label_comp_id 
_struct_conf.end_label_asym_id 
_struct_conf.end_label_seq_id 
_struct_conf.pdbx_end_PDB_ins_code 
_struct_conf.beg_auth_comp_id 
_struct_conf.beg_auth_asym_id 
_struct_conf.beg_auth_seq_id 
_struct_conf.end_auth_comp_id 
_struct_conf.end_auth_asym_id 
_struct_conf.end_auth_seq_id 
_struct_conf.pdbx_PDB_helix_class 
_struct_conf.details 
_struct_conf.pdbx_PDB_helix_length 
HELX_P HELX_P1 1 SER A 1   ? GLY A 14  ? SER A 1   GLY A 14  1 ? 14 
HELX_P HELX_P2 2 LEU A 16  ? TYR A 21  ? LEU A 17  TYR A 22  1 ? 6  
HELX_P HELX_P3 3 ASP A 38  ? ASN A 53  ? ASP A 39  ASN A 54  1 ? 16 
HELX_P HELX_P4 4 THR A 79  ? ASN A 99  ? THR A 89  ASN A 109 1 ? 21 
HELX_P HELX_P5 5 LEU A 100 ? TYR A 103 ? LEU A 110 TYR A 113 5 ? 4  
HELX_P HELX_P6 6 SER A 104 ? MET A 108 ? SER A 114 MET A 118 5 ? 5  
# 
_struct_conf_type.id          HELX_P 
_struct_conf_type.criteria    ? 
_struct_conf_type.reference   ? 
# 
loop_
_struct_conn.id 
_struct_conn.conn_type_id 
_struct_conn.pdbx_leaving_atom_flag 
_struct_conn.pdbx_PDB_id 
_struct_conn.ptnr1_label_asym_id 
_struct_conn.ptnr1_label_comp_id 
_struct_conn.ptnr1_label_seq_id 
_struct_conn.ptnr1_label_atom_id 
_struct_conn.pdbx_ptnr1_label_alt_id 
_struct_conn.pdbx_ptnr1_PDB_ins_code 
_struct_conn.pdbx_ptnr1_standard_comp_id 
_struct_conn.ptnr1_symmetry 
_struct_conn.ptnr2_label_asym_id 
_struct_conn.ptnr2_label_comp_id 
_struct_conn.ptnr2_label_seq_id 
_struct_conn.ptnr2_label_atom_id 
_struct_conn.pdbx_ptnr2_label_alt_id 
_struct_conn.pdbx_ptnr2_PDB_ins_code 
_struct_conn.ptnr1_auth_asym_id 
_struct_conn.ptnr1_auth_comp_id 
_struct_conn.ptnr1_auth_seq_id 
_struct_conn.ptnr2_auth_asym_id 
_struct_conn.ptnr2_auth_comp_id 
_struct_conn.ptnr2_auth_seq_id 
_struct_conn.ptnr2_symmetry 
_struct_conn.pdbx_ptnr3_label_atom_id 
_struct_conn.pdbx_ptnr3_label_seq_id 
_struct_conn.pdbx_ptnr3_label_comp_id 
_struct_conn.pdbx_ptnr3_label_asym_id 
_struct_conn.pdbx_ptnr3_label_alt_id 
_struct_conn.pdbx_ptnr3_PDB_ins_code 
_struct_conn.details 
_struct_conn.pdbx_dist_value 
_struct_conn.pdbx_value_order 
_struct_conn.pdbx_role 
disulf1 disulf ? ? A CYS 26 SG ? ? ? 1_555 A CYS 115 SG ? ? A CYS 27 A CYS 126 1_555 ? ? ? ? ? ? ? 2.052 ? ? 
disulf2 disulf ? ? A CYS 28 SG ? ? ? 1_555 A CYS 44  SG ? ? A CYS 29 A CYS 45  1_555 ? ? ? ? ? ? ? 2.026 ? ? 
disulf3 disulf ? ? A CYS 43 SG ? ? ? 1_555 A CYS 95  SG ? ? A CYS 44 A CYS 105 1_555 ? ? ? ? ? ? ? 2.032 ? ? 
disulf4 disulf ? ? A CYS 49 SG ? ? ? 1_555 A CYS 121 SG ? ? A CYS 50 A CYS 133 1_555 ? ? ? ? ? ? ? 1.574 ? ? 
disulf5 disulf ? ? A CYS 50 SG ? ? ? 1_555 A CYS 88  SG ? ? A CYS 51 A CYS 98  1_555 ? ? ? ? ? ? ? 2.025 ? ? 
disulf6 disulf ? ? A CYS 57 SG ? ? ? 1_555 A CYS 81  SG ? ? A CYS 61 A CYS 91  1_555 ? ? ? ? ? ? ? 1.667 ? ? 
disulf7 disulf ? ? A CYS 75 SG ? ? ? 1_555 A CYS 86  SG ? ? A CYS 84 A CYS 96  1_555 ? ? ? ? ? ? ? 2.018 ? ? 
# 
_struct_conn_type.id          disulf 
_struct_conn_type.criteria    ? 
_struct_conn_type.reference   ? 
# 
loop_
_pdbx_modification_feature.ordinal 
_pdbx_modification_feature.label_comp_id 
_pdbx_modification_feature.label_asym_id 
_pdbx_modification_feature.label_seq_id 
_pdbx_modification_feature.label_alt_id 
_pdbx_modification_feature.modified_residue_label_comp_id 
_pdbx_modification_feature.modified_residue_label_asym_id 
_pdbx_modification_feature.modified_residue_label_seq_id 
_pdbx_modification_feature.modified_residue_label_alt_id 
_pdbx_modification_feature.auth_comp_id 
_pdbx_modification_feature.auth_asym_id 
_pdbx_modification_feature.auth_seq_id 
_pdbx_modification_feature.PDB_ins_code 
_pdbx_modification_feature.symmetry 
_pdbx_modification_feature.modified_residue_auth_comp_id 
_pdbx_modification_feature.modified_residue_auth_asym_id 
_pdbx_modification_feature.modified_residue_auth_seq_id 
_pdbx_modification_feature.modified_residue_PDB_ins_code 
_pdbx_modification_feature.modified_residue_symmetry 
_pdbx_modification_feature.comp_id_linking_atom 
_pdbx_modification_feature.modified_residue_id_linking_atom 
_pdbx_modification_feature.modified_residue_id 
_pdbx_modification_feature.ref_pcm_id 
_pdbx_modification_feature.ref_comp_id 
_pdbx_modification_feature.type 
_pdbx_modification_feature.category 
1 CYS A 26 ? CYS A 115 ? CYS A 27 ? 1_555 CYS A 126 ? 1_555 SG SG . . . None 'Disulfide bridge' 
2 CYS A 28 ? CYS A 44  ? CYS A 29 ? 1_555 CYS A 45  ? 1_555 SG SG . . . None 'Disulfide bridge' 
3 CYS A 43 ? CYS A 95  ? CYS A 44 ? 1_555 CYS A 105 ? 1_555 SG SG . . . None 'Disulfide bridge' 
4 CYS A 49 ? CYS A 121 ? CYS A 50 ? 1_555 CYS A 133 ? 1_555 SG SG . . . None 'Disulfide bridge' 
5 CYS A 50 ? CYS A 88  ? CYS A 51 ? 1_555 CYS A 98  ? 1_555 SG SG . . . None 'Disulfide bridge' 
6 CYS A 57 ? CYS A 81  ? CYS A 61 ? 1_555 CYS A 91  ? 1_555 SG SG . . . None 'Disulfide bridge' 
7 CYS A 75 ? CYS A 86  ? CYS A 84 ? 1_555 CYS A 96  ? 1_555 SG SG . . . None 'Disulfide bridge' 
# 
_struct_mon_prot_cis.pdbx_id                1 
_struct_mon_prot_cis.label_comp_id          ILE 
_struct_mon_prot_cis.label_seq_id           18 
_struct_mon_prot_cis.label_asym_id          A 
_struct_mon_prot_cis.label_alt_id           . 
_struct_mon_prot_cis.pdbx_PDB_ins_code      ? 
_struct_mon_prot_cis.auth_comp_id           ILE 
_struct_mon_prot_cis.auth_seq_id            19 
_struct_mon_prot_cis.auth_asym_id           A 
_struct_mon_prot_cis.pdbx_label_comp_id_2   PRO 
_struct_mon_prot_cis.pdbx_label_seq_id_2    19 
_struct_mon_prot_cis.pdbx_label_asym_id_2   A 
_struct_mon_prot_cis.pdbx_PDB_ins_code_2    ? 
_struct_mon_prot_cis.pdbx_auth_comp_id_2    PRO 
_struct_mon_prot_cis.pdbx_auth_seq_id_2     20 
_struct_mon_prot_cis.pdbx_auth_asym_id_2    A 
_struct_mon_prot_cis.pdbx_PDB_model_num     1 
_struct_mon_prot_cis.pdbx_omega_angle       5.42 
# 
_struct_sheet.id               A 
_struct_sheet.type             ? 
_struct_sheet.number_strands   2 
_struct_sheet.details          ? 
# 
_struct_sheet_order.sheet_id     A 
_struct_sheet_order.range_id_1   1 
_struct_sheet_order.range_id_2   2 
_struct_sheet_order.offset       ? 
_struct_sheet_order.sense        anti-parallel 
# 
loop_
_struct_sheet_range.sheet_id 
_struct_sheet_range.id 
_struct_sheet_range.beg_label_comp_id 
_struct_sheet_range.beg_label_asym_id 
_struct_sheet_range.beg_label_seq_id 
_struct_sheet_range.pdbx_beg_PDB_ins_code 
_struct_sheet_range.end_label_comp_id 
_struct_sheet_range.end_label_asym_id 
_struct_sheet_range.end_label_seq_id 
_struct_sheet_range.pdbx_end_PDB_ins_code 
_struct_sheet_range.beg_auth_comp_id 
_struct_sheet_range.beg_auth_asym_id 
_struct_sheet_range.beg_auth_seq_id 
_struct_sheet_range.end_auth_comp_id 
_struct_sheet_range.end_auth_asym_id 
_struct_sheet_range.end_auth_seq_id 
A 1 TYR A 66 ? VAL A 69 ? TYR A 75 VAL A 78 
A 2 ALA A 72 ? CYS A 75 ? ALA A 81 CYS A 84 
# 
_pdbx_struct_sheet_hbond.sheet_id                A 
_pdbx_struct_sheet_hbond.range_id_1              1 
_pdbx_struct_sheet_hbond.range_id_2              2 
_pdbx_struct_sheet_hbond.range_1_label_atom_id   N 
_pdbx_struct_sheet_hbond.range_1_label_comp_id   LYS 
_pdbx_struct_sheet_hbond.range_1_label_asym_id   A 
_pdbx_struct_sheet_hbond.range_1_label_seq_id    67 
_pdbx_struct_sheet_hbond.range_1_PDB_ins_code    ? 
_pdbx_struct_sheet_hbond.range_1_auth_atom_id    N 
_pdbx_struct_sheet_hbond.range_1_auth_comp_id    LYS 
_pdbx_struct_sheet_hbond.range_1_auth_asym_id    A 
_pdbx_struct_sheet_hbond.range_1_auth_seq_id     76 
_pdbx_struct_sheet_hbond.range_2_label_atom_id   O 
_pdbx_struct_sheet_hbond.range_2_label_comp_id   VAL 
_pdbx_struct_sheet_hbond.range_2_label_asym_id   A 
_pdbx_struct_sheet_hbond.range_2_label_seq_id    74 
_pdbx_struct_sheet_hbond.range_2_PDB_ins_code    ? 
_pdbx_struct_sheet_hbond.range_2_auth_atom_id    O 
_pdbx_struct_sheet_hbond.range_2_auth_comp_id    VAL 
_pdbx_struct_sheet_hbond.range_2_auth_asym_id    A 
_pdbx_struct_sheet_hbond.range_2_auth_seq_id     83 
# 
_struct_site.id                   AC1 
_struct_site.pdbx_evidence_code   Software 
_struct_site.pdbx_auth_asym_id    A 
_struct_site.pdbx_auth_comp_id    BER 
_struct_site.pdbx_auth_seq_id     1811 
_struct_site.pdbx_auth_ins_code   ? 
_struct_site.pdbx_num_residues    11 
_struct_site.details              'BINDING SITE FOR RESIDUE BER A 1811' 
# 
loop_
_struct_site_gen.id 
_struct_site_gen.site_id 
_struct_site_gen.pdbx_num_res 
_struct_site_gen.label_comp_id 
_struct_site_gen.label_asym_id 
_struct_site_gen.label_seq_id 
_struct_site_gen.pdbx_auth_ins_code 
_struct_site_gen.auth_comp_id 
_struct_site_gen.auth_asym_id 
_struct_site_gen.auth_seq_id 
_struct_site_gen.label_atom_id 
_struct_site_gen.label_alt_id 
_struct_site_gen.symmetry 
_struct_site_gen.details 
1  AC1 11 PHE A 5   ? PHE A 5    . ? 1_555 ? 
2  AC1 11 ALA A 17  ? ALA A 18   . ? 1_555 ? 
3  AC1 11 ILE A 18  ? ILE A 19   . ? 1_555 ? 
4  AC1 11 TYR A 21  ? TYR A 22   . ? 1_555 ? 
5  AC1 11 GLY A 29  ? GLY A 30   . ? 1_555 ? 
6  AC1 11 CYS A 44  ? CYS A 45   . ? 1_555 ? 
7  AC1 11 PHE A 96  ? PHE A 106  . ? 1_555 ? 
8  AC1 11 ASN A 101 ? ASN A 111  . ? 2_674 ? 
9  AC1 11 HOH C .   ? HOH A 1835 . ? 1_555 ? 
10 AC1 11 HOH C .   ? HOH A 1891 . ? 1_555 ? 
11 AC1 11 HOH C .   ? HOH A 1923 . ? 1_555 ? 
# 
_pdbx_entry_details.entry_id                   2QVD 
_pdbx_entry_details.compound_details           ? 
_pdbx_entry_details.source_details             ? 
_pdbx_entry_details.nonpolymer_details         ? 
_pdbx_entry_details.sequence_details           ? 
_pdbx_entry_details.has_ligand_of_interest     ? 
_pdbx_entry_details.has_protein_modification   Y 
# 
_pdbx_validate_rmsd_angle.id                         1 
_pdbx_validate_rmsd_angle.PDB_model_num              1 
_pdbx_validate_rmsd_angle.auth_atom_id_1             CA 
_pdbx_validate_rmsd_angle.auth_asym_id_1             A 
_pdbx_validate_rmsd_angle.auth_comp_id_1             PRO 
_pdbx_validate_rmsd_angle.auth_seq_id_1              121 
_pdbx_validate_rmsd_angle.PDB_ins_code_1             ? 
_pdbx_validate_rmsd_angle.label_alt_id_1             ? 
_pdbx_validate_rmsd_angle.auth_atom_id_2             N 
_pdbx_validate_rmsd_angle.auth_asym_id_2             A 
_pdbx_validate_rmsd_angle.auth_comp_id_2             PRO 
_pdbx_validate_rmsd_angle.auth_seq_id_2              121 
_pdbx_validate_rmsd_angle.PDB_ins_code_2             ? 
_pdbx_validate_rmsd_angle.label_alt_id_2             ? 
_pdbx_validate_rmsd_angle.auth_atom_id_3             CD 
_pdbx_validate_rmsd_angle.auth_asym_id_3             A 
_pdbx_validate_rmsd_angle.auth_comp_id_3             PRO 
_pdbx_validate_rmsd_angle.auth_seq_id_3              121 
_pdbx_validate_rmsd_angle.PDB_ins_code_3             ? 
_pdbx_validate_rmsd_angle.label_alt_id_3             ? 
_pdbx_validate_rmsd_angle.angle_value                103.14 
_pdbx_validate_rmsd_angle.angle_target_value         111.70 
_pdbx_validate_rmsd_angle.angle_deviation            -8.56 
_pdbx_validate_rmsd_angle.angle_standard_deviation   1.40 
_pdbx_validate_rmsd_angle.linker_flag                N 
# 
_pdbx_validate_torsion.id              1 
_pdbx_validate_torsion.PDB_model_num   1 
_pdbx_validate_torsion.auth_comp_id    TRP 
_pdbx_validate_torsion.auth_asym_id    A 
_pdbx_validate_torsion.auth_seq_id     31 
_pdbx_validate_torsion.PDB_ins_code    ? 
_pdbx_validate_torsion.label_alt_id    ? 
_pdbx_validate_torsion.phi             -27.07 
_pdbx_validate_torsion.psi             -57.59 
# 
loop_
_chem_comp_atom.comp_id 
_chem_comp_atom.atom_id 
_chem_comp_atom.type_symbol 
_chem_comp_atom.pdbx_aromatic_flag 
_chem_comp_atom.pdbx_stereo_config 
_chem_comp_atom.pdbx_ordinal 
ALA N    N N N 1   
ALA CA   C N S 2   
ALA C    C N N 3   
ALA O    O N N 4   
ALA CB   C N N 5   
ALA OXT  O N N 6   
ALA H    H N N 7   
ALA H2   H N N 8   
ALA HA   H N N 9   
ALA HB1  H N N 10  
ALA HB2  H N N 11  
ALA HB3  H N N 12  
ALA HXT  H N N 13  
ARG N    N N N 14  
ARG CA   C N S 15  
ARG C    C N N 16  
ARG O    O N N 17  
ARG CB   C N N 18  
ARG CG   C N N 19  
ARG CD   C N N 20  
ARG NE   N N N 21  
ARG CZ   C N N 22  
ARG NH1  N N N 23  
ARG NH2  N N N 24  
ARG OXT  O N N 25  
ARG H    H N N 26  
ARG H2   H N N 27  
ARG HA   H N N 28  
ARG HB2  H N N 29  
ARG HB3  H N N 30  
ARG HG2  H N N 31  
ARG HG3  H N N 32  
ARG HD2  H N N 33  
ARG HD3  H N N 34  
ARG HE   H N N 35  
ARG HH11 H N N 36  
ARG HH12 H N N 37  
ARG HH21 H N N 38  
ARG HH22 H N N 39  
ARG HXT  H N N 40  
ASN N    N N N 41  
ASN CA   C N S 42  
ASN C    C N N 43  
ASN O    O N N 44  
ASN CB   C N N 45  
ASN CG   C N N 46  
ASN OD1  O N N 47  
ASN ND2  N N N 48  
ASN OXT  O N N 49  
ASN H    H N N 50  
ASN H2   H N N 51  
ASN HA   H N N 52  
ASN HB2  H N N 53  
ASN HB3  H N N 54  
ASN HD21 H N N 55  
ASN HD22 H N N 56  
ASN HXT  H N N 57  
ASP N    N N N 58  
ASP CA   C N S 59  
ASP C    C N N 60  
ASP O    O N N 61  
ASP CB   C N N 62  
ASP CG   C N N 63  
ASP OD1  O N N 64  
ASP OD2  O N N 65  
ASP OXT  O N N 66  
ASP H    H N N 67  
ASP H2   H N N 68  
ASP HA   H N N 69  
ASP HB2  H N N 70  
ASP HB3  H N N 71  
ASP HD2  H N N 72  
ASP HXT  H N N 73  
BER C1   C Y N 74  
BER C2   C Y N 75  
BER N1   N Y N 76  
BER C3   C Y N 77  
BER C4   C Y N 78  
BER C5   C Y N 79  
BER C6   C Y N 80  
BER C7   C N N 81  
BER C8   C Y N 82  
BER C9   C Y N 83  
BER C10  C N N 84  
BER C11  C Y N 85  
BER C12  C Y N 86  
BER C13  C Y N 87  
BER C14  C Y N 88  
BER O1   O N N 89  
BER C15  C Y N 90  
BER C16  C Y N 91  
BER O2   O N N 92  
BER C17  C N N 93  
BER C18  C Y N 94  
BER O3   O N N 95  
BER O4   O N N 96  
BER C19  C N N 97  
BER C20  C N N 98  
BER H31  H N N 99  
BER H51  H N N 100 
BER H61  H N N 101 
BER H71  H N N 102 
BER H72  H N N 103 
BER H91  H N N 104 
BER H101 H N N 105 
BER H102 H N N 106 
BER H131 H N N 107 
BER H161 H N N 108 
BER H171 H N N 109 
BER H172 H N N 110 
BER H191 H N N 111 
BER H192 H N N 112 
BER H193 H N N 113 
BER H201 H N N 114 
BER H202 H N N 115 
BER H203 H N N 116 
CYS N    N N N 117 
CYS CA   C N R 118 
CYS C    C N N 119 
CYS O    O N N 120 
CYS CB   C N N 121 
CYS SG   S N N 122 
CYS OXT  O N N 123 
CYS H    H N N 124 
CYS H2   H N N 125 
CYS HA   H N N 126 
CYS HB2  H N N 127 
CYS HB3  H N N 128 
CYS HG   H N N 129 
CYS HXT  H N N 130 
GLN N    N N N 131 
GLN CA   C N S 132 
GLN C    C N N 133 
GLN O    O N N 134 
GLN CB   C N N 135 
GLN CG   C N N 136 
GLN CD   C N N 137 
GLN OE1  O N N 138 
GLN NE2  N N N 139 
GLN OXT  O N N 140 
GLN H    H N N 141 
GLN H2   H N N 142 
GLN HA   H N N 143 
GLN HB2  H N N 144 
GLN HB3  H N N 145 
GLN HG2  H N N 146 
GLN HG3  H N N 147 
GLN HE21 H N N 148 
GLN HE22 H N N 149 
GLN HXT  H N N 150 
GLU N    N N N 151 
GLU CA   C N S 152 
GLU C    C N N 153 
GLU O    O N N 154 
GLU CB   C N N 155 
GLU CG   C N N 156 
GLU CD   C N N 157 
GLU OE1  O N N 158 
GLU OE2  O N N 159 
GLU OXT  O N N 160 
GLU H    H N N 161 
GLU H2   H N N 162 
GLU HA   H N N 163 
GLU HB2  H N N 164 
GLU HB3  H N N 165 
GLU HG2  H N N 166 
GLU HG3  H N N 167 
GLU HE2  H N N 168 
GLU HXT  H N N 169 
GLY N    N N N 170 
GLY CA   C N N 171 
GLY C    C N N 172 
GLY O    O N N 173 
GLY OXT  O N N 174 
GLY H    H N N 175 
GLY H2   H N N 176 
GLY HA2  H N N 177 
GLY HA3  H N N 178 
GLY HXT  H N N 179 
HIS N    N N N 180 
HIS CA   C N S 181 
HIS C    C N N 182 
HIS O    O N N 183 
HIS CB   C N N 184 
HIS CG   C Y N 185 
HIS ND1  N Y N 186 
HIS CD2  C Y N 187 
HIS CE1  C Y N 188 
HIS NE2  N Y N 189 
HIS OXT  O N N 190 
HIS H    H N N 191 
HIS H2   H N N 192 
HIS HA   H N N 193 
HIS HB2  H N N 194 
HIS HB3  H N N 195 
HIS HD1  H N N 196 
HIS HD2  H N N 197 
HIS HE1  H N N 198 
HIS HE2  H N N 199 
HIS HXT  H N N 200 
HOH O    O N N 201 
HOH H1   H N N 202 
HOH H2   H N N 203 
ILE N    N N N 204 
ILE CA   C N S 205 
ILE C    C N N 206 
ILE O    O N N 207 
ILE CB   C N S 208 
ILE CG1  C N N 209 
ILE CG2  C N N 210 
ILE CD1  C N N 211 
ILE OXT  O N N 212 
ILE H    H N N 213 
ILE H2   H N N 214 
ILE HA   H N N 215 
ILE HB   H N N 216 
ILE HG12 H N N 217 
ILE HG13 H N N 218 
ILE HG21 H N N 219 
ILE HG22 H N N 220 
ILE HG23 H N N 221 
ILE HD11 H N N 222 
ILE HD12 H N N 223 
ILE HD13 H N N 224 
ILE HXT  H N N 225 
LEU N    N N N 226 
LEU CA   C N S 227 
LEU C    C N N 228 
LEU O    O N N 229 
LEU CB   C N N 230 
LEU CG   C N N 231 
LEU CD1  C N N 232 
LEU CD2  C N N 233 
LEU OXT  O N N 234 
LEU H    H N N 235 
LEU H2   H N N 236 
LEU HA   H N N 237 
LEU HB2  H N N 238 
LEU HB3  H N N 239 
LEU HG   H N N 240 
LEU HD11 H N N 241 
LEU HD12 H N N 242 
LEU HD13 H N N 243 
LEU HD21 H N N 244 
LEU HD22 H N N 245 
LEU HD23 H N N 246 
LEU HXT  H N N 247 
LYS N    N N N 248 
LYS CA   C N S 249 
LYS C    C N N 250 
LYS O    O N N 251 
LYS CB   C N N 252 
LYS CG   C N N 253 
LYS CD   C N N 254 
LYS CE   C N N 255 
LYS NZ   N N N 256 
LYS OXT  O N N 257 
LYS H    H N N 258 
LYS H2   H N N 259 
LYS HA   H N N 260 
LYS HB2  H N N 261 
LYS HB3  H N N 262 
LYS HG2  H N N 263 
LYS HG3  H N N 264 
LYS HD2  H N N 265 
LYS HD3  H N N 266 
LYS HE2  H N N 267 
LYS HE3  H N N 268 
LYS HZ1  H N N 269 
LYS HZ2  H N N 270 
LYS HZ3  H N N 271 
LYS HXT  H N N 272 
MET N    N N N 273 
MET CA   C N S 274 
MET C    C N N 275 
MET O    O N N 276 
MET CB   C N N 277 
MET CG   C N N 278 
MET SD   S N N 279 
MET CE   C N N 280 
MET OXT  O N N 281 
MET H    H N N 282 
MET H2   H N N 283 
MET HA   H N N 284 
MET HB2  H N N 285 
MET HB3  H N N 286 
MET HG2  H N N 287 
MET HG3  H N N 288 
MET HE1  H N N 289 
MET HE2  H N N 290 
MET HE3  H N N 291 
MET HXT  H N N 292 
PHE N    N N N 293 
PHE CA   C N S 294 
PHE C    C N N 295 
PHE O    O N N 296 
PHE CB   C N N 297 
PHE CG   C Y N 298 
PHE CD1  C Y N 299 
PHE CD2  C Y N 300 
PHE CE1  C Y N 301 
PHE CE2  C Y N 302 
PHE CZ   C Y N 303 
PHE OXT  O N N 304 
PHE H    H N N 305 
PHE H2   H N N 306 
PHE HA   H N N 307 
PHE HB2  H N N 308 
PHE HB3  H N N 309 
PHE HD1  H N N 310 
PHE HD2  H N N 311 
PHE HE1  H N N 312 
PHE HE2  H N N 313 
PHE HZ   H N N 314 
PHE HXT  H N N 315 
PRO N    N N N 316 
PRO CA   C N S 317 
PRO C    C N N 318 
PRO O    O N N 319 
PRO CB   C N N 320 
PRO CG   C N N 321 
PRO CD   C N N 322 
PRO OXT  O N N 323 
PRO H    H N N 324 
PRO HA   H N N 325 
PRO HB2  H N N 326 
PRO HB3  H N N 327 
PRO HG2  H N N 328 
PRO HG3  H N N 329 
PRO HD2  H N N 330 
PRO HD3  H N N 331 
PRO HXT  H N N 332 
SER N    N N N 333 
SER CA   C N S 334 
SER C    C N N 335 
SER O    O N N 336 
SER CB   C N N 337 
SER OG   O N N 338 
SER OXT  O N N 339 
SER H    H N N 340 
SER H2   H N N 341 
SER HA   H N N 342 
SER HB2  H N N 343 
SER HB3  H N N 344 
SER HG   H N N 345 
SER HXT  H N N 346 
THR N    N N N 347 
THR CA   C N S 348 
THR C    C N N 349 
THR O    O N N 350 
THR CB   C N R 351 
THR OG1  O N N 352 
THR CG2  C N N 353 
THR OXT  O N N 354 
THR H    H N N 355 
THR H2   H N N 356 
THR HA   H N N 357 
THR HB   H N N 358 
THR HG1  H N N 359 
THR HG21 H N N 360 
THR HG22 H N N 361 
THR HG23 H N N 362 
THR HXT  H N N 363 
TRP N    N N N 364 
TRP CA   C N S 365 
TRP C    C N N 366 
TRP O    O N N 367 
TRP CB   C N N 368 
TRP CG   C Y N 369 
TRP CD1  C Y N 370 
TRP CD2  C Y N 371 
TRP NE1  N Y N 372 
TRP CE2  C Y N 373 
TRP CE3  C Y N 374 
TRP CZ2  C Y N 375 
TRP CZ3  C Y N 376 
TRP CH2  C Y N 377 
TRP OXT  O N N 378 
TRP H    H N N 379 
TRP H2   H N N 380 
TRP HA   H N N 381 
TRP HB2  H N N 382 
TRP HB3  H N N 383 
TRP HD1  H N N 384 
TRP HE1  H N N 385 
TRP HE3  H N N 386 
TRP HZ2  H N N 387 
TRP HZ3  H N N 388 
TRP HH2  H N N 389 
TRP HXT  H N N 390 
TYR N    N N N 391 
TYR CA   C N S 392 
TYR C    C N N 393 
TYR O    O N N 394 
TYR CB   C N N 395 
TYR CG   C Y N 396 
TYR CD1  C Y N 397 
TYR CD2  C Y N 398 
TYR CE1  C Y N 399 
TYR CE2  C Y N 400 
TYR CZ   C Y N 401 
TYR OH   O N N 402 
TYR OXT  O N N 403 
TYR H    H N N 404 
TYR H2   H N N 405 
TYR HA   H N N 406 
TYR HB2  H N N 407 
TYR HB3  H N N 408 
TYR HD1  H N N 409 
TYR HD2  H N N 410 
TYR HE1  H N N 411 
TYR HE2  H N N 412 
TYR HH   H N N 413 
TYR HXT  H N N 414 
VAL N    N N N 415 
VAL CA   C N S 416 
VAL C    C N N 417 
VAL O    O N N 418 
VAL CB   C N N 419 
VAL CG1  C N N 420 
VAL CG2  C N N 421 
VAL OXT  O N N 422 
VAL H    H N N 423 
VAL H2   H N N 424 
VAL HA   H N N 425 
VAL HB   H N N 426 
VAL HG11 H N N 427 
VAL HG12 H N N 428 
VAL HG13 H N N 429 
VAL HG21 H N N 430 
VAL HG22 H N N 431 
VAL HG23 H N N 432 
VAL HXT  H N N 433 
# 
loop_
_chem_comp_bond.comp_id 
_chem_comp_bond.atom_id_1 
_chem_comp_bond.atom_id_2 
_chem_comp_bond.value_order 
_chem_comp_bond.pdbx_aromatic_flag 
_chem_comp_bond.pdbx_stereo_config 
_chem_comp_bond.pdbx_ordinal 
ALA N   CA   sing N N 1   
ALA N   H    sing N N 2   
ALA N   H2   sing N N 3   
ALA CA  C    sing N N 4   
ALA CA  CB   sing N N 5   
ALA CA  HA   sing N N 6   
ALA C   O    doub N N 7   
ALA C   OXT  sing N N 8   
ALA CB  HB1  sing N N 9   
ALA CB  HB2  sing N N 10  
ALA CB  HB3  sing N N 11  
ALA OXT HXT  sing N N 12  
ARG N   CA   sing N N 13  
ARG N   H    sing N N 14  
ARG N   H2   sing N N 15  
ARG CA  C    sing N N 16  
ARG CA  CB   sing N N 17  
ARG CA  HA   sing N N 18  
ARG C   O    doub N N 19  
ARG C   OXT  sing N N 20  
ARG CB  CG   sing N N 21  
ARG CB  HB2  sing N N 22  
ARG CB  HB3  sing N N 23  
ARG CG  CD   sing N N 24  
ARG CG  HG2  sing N N 25  
ARG CG  HG3  sing N N 26  
ARG CD  NE   sing N N 27  
ARG CD  HD2  sing N N 28  
ARG CD  HD3  sing N N 29  
ARG NE  CZ   sing N N 30  
ARG NE  HE   sing N N 31  
ARG CZ  NH1  sing N N 32  
ARG CZ  NH2  doub N N 33  
ARG NH1 HH11 sing N N 34  
ARG NH1 HH12 sing N N 35  
ARG NH2 HH21 sing N N 36  
ARG NH2 HH22 sing N N 37  
ARG OXT HXT  sing N N 38  
ASN N   CA   sing N N 39  
ASN N   H    sing N N 40  
ASN N   H2   sing N N 41  
ASN CA  C    sing N N 42  
ASN CA  CB   sing N N 43  
ASN CA  HA   sing N N 44  
ASN C   O    doub N N 45  
ASN C   OXT  sing N N 46  
ASN CB  CG   sing N N 47  
ASN CB  HB2  sing N N 48  
ASN CB  HB3  sing N N 49  
ASN CG  OD1  doub N N 50  
ASN CG  ND2  sing N N 51  
ASN ND2 HD21 sing N N 52  
ASN ND2 HD22 sing N N 53  
ASN OXT HXT  sing N N 54  
ASP N   CA   sing N N 55  
ASP N   H    sing N N 56  
ASP N   H2   sing N N 57  
ASP CA  C    sing N N 58  
ASP CA  CB   sing N N 59  
ASP CA  HA   sing N N 60  
ASP C   O    doub N N 61  
ASP C   OXT  sing N N 62  
ASP CB  CG   sing N N 63  
ASP CB  HB2  sing N N 64  
ASP CB  HB3  sing N N 65  
ASP CG  OD1  doub N N 66  
ASP CG  OD2  sing N N 67  
ASP OD2 HD2  sing N N 68  
ASP OXT HXT  sing N N 69  
BER C1  C2   sing Y N 70  
BER C1  N1   doub Y N 71  
BER C1  C3   sing Y N 72  
BER C2  C4   doub Y N 73  
BER C2  C5   sing Y N 74  
BER N1  C6   sing Y N 75  
BER N1  C7   sing N N 76  
BER C3  C8   doub Y N 77  
BER C3  H31  sing N N 78  
BER C4  C9   sing Y N 79  
BER C4  C10  sing N N 80  
BER C5  C11  doub Y N 81  
BER C5  H51  sing N N 82  
BER C6  C12  doub Y N 83  
BER C6  H61  sing N N 84  
BER C7  C10  sing N N 85  
BER C7  H71  sing N N 86  
BER C7  H72  sing N N 87  
BER C8  C12  sing Y N 88  
BER C8  C13  sing Y N 89  
BER C9  C14  doub Y N 90  
BER C9  H91  sing N N 91  
BER C10 H101 sing N N 92  
BER C10 H102 sing N N 93  
BER C11 C14  sing Y N 94  
BER C11 O1   sing N N 95  
BER C12 C15  sing Y N 96  
BER C13 C16  doub Y N 97  
BER C13 H131 sing N N 98  
BER C14 O2   sing N N 99  
BER O1  C17  sing N N 100 
BER C15 C18  doub Y N 101 
BER C15 O3   sing N N 102 
BER C16 C18  sing Y N 103 
BER C16 H161 sing N N 104 
BER O2  C17  sing N N 105 
BER C17 H171 sing N N 106 
BER C17 H172 sing N N 107 
BER C18 O4   sing N N 108 
BER O3  C19  sing N N 109 
BER O4  C20  sing N N 110 
BER C19 H191 sing N N 111 
BER C19 H192 sing N N 112 
BER C19 H193 sing N N 113 
BER C20 H201 sing N N 114 
BER C20 H202 sing N N 115 
BER C20 H203 sing N N 116 
CYS N   CA   sing N N 117 
CYS N   H    sing N N 118 
CYS N   H2   sing N N 119 
CYS CA  C    sing N N 120 
CYS CA  CB   sing N N 121 
CYS CA  HA   sing N N 122 
CYS C   O    doub N N 123 
CYS C   OXT  sing N N 124 
CYS CB  SG   sing N N 125 
CYS CB  HB2  sing N N 126 
CYS CB  HB3  sing N N 127 
CYS SG  HG   sing N N 128 
CYS OXT HXT  sing N N 129 
GLN N   CA   sing N N 130 
GLN N   H    sing N N 131 
GLN N   H2   sing N N 132 
GLN CA  C    sing N N 133 
GLN CA  CB   sing N N 134 
GLN CA  HA   sing N N 135 
GLN C   O    doub N N 136 
GLN C   OXT  sing N N 137 
GLN CB  CG   sing N N 138 
GLN CB  HB2  sing N N 139 
GLN CB  HB3  sing N N 140 
GLN CG  CD   sing N N 141 
GLN CG  HG2  sing N N 142 
GLN CG  HG3  sing N N 143 
GLN CD  OE1  doub N N 144 
GLN CD  NE2  sing N N 145 
GLN NE2 HE21 sing N N 146 
GLN NE2 HE22 sing N N 147 
GLN OXT HXT  sing N N 148 
GLU N   CA   sing N N 149 
GLU N   H    sing N N 150 
GLU N   H2   sing N N 151 
GLU CA  C    sing N N 152 
GLU CA  CB   sing N N 153 
GLU CA  HA   sing N N 154 
GLU C   O    doub N N 155 
GLU C   OXT  sing N N 156 
GLU CB  CG   sing N N 157 
GLU CB  HB2  sing N N 158 
GLU CB  HB3  sing N N 159 
GLU CG  CD   sing N N 160 
GLU CG  HG2  sing N N 161 
GLU CG  HG3  sing N N 162 
GLU CD  OE1  doub N N 163 
GLU CD  OE2  sing N N 164 
GLU OE2 HE2  sing N N 165 
GLU OXT HXT  sing N N 166 
GLY N   CA   sing N N 167 
GLY N   H    sing N N 168 
GLY N   H2   sing N N 169 
GLY CA  C    sing N N 170 
GLY CA  HA2  sing N N 171 
GLY CA  HA3  sing N N 172 
GLY C   O    doub N N 173 
GLY C   OXT  sing N N 174 
GLY OXT HXT  sing N N 175 
HIS N   CA   sing N N 176 
HIS N   H    sing N N 177 
HIS N   H2   sing N N 178 
HIS CA  C    sing N N 179 
HIS CA  CB   sing N N 180 
HIS CA  HA   sing N N 181 
HIS C   O    doub N N 182 
HIS C   OXT  sing N N 183 
HIS CB  CG   sing N N 184 
HIS CB  HB2  sing N N 185 
HIS CB  HB3  sing N N 186 
HIS CG  ND1  sing Y N 187 
HIS CG  CD2  doub Y N 188 
HIS ND1 CE1  doub Y N 189 
HIS ND1 HD1  sing N N 190 
HIS CD2 NE2  sing Y N 191 
HIS CD2 HD2  sing N N 192 
HIS CE1 NE2  sing Y N 193 
HIS CE1 HE1  sing N N 194 
HIS NE2 HE2  sing N N 195 
HIS OXT HXT  sing N N 196 
HOH O   H1   sing N N 197 
HOH O   H2   sing N N 198 
ILE N   CA   sing N N 199 
ILE N   H    sing N N 200 
ILE N   H2   sing N N 201 
ILE CA  C    sing N N 202 
ILE CA  CB   sing N N 203 
ILE CA  HA   sing N N 204 
ILE C   O    doub N N 205 
ILE C   OXT  sing N N 206 
ILE CB  CG1  sing N N 207 
ILE CB  CG2  sing N N 208 
ILE CB  HB   sing N N 209 
ILE CG1 CD1  sing N N 210 
ILE CG1 HG12 sing N N 211 
ILE CG1 HG13 sing N N 212 
ILE CG2 HG21 sing N N 213 
ILE CG2 HG22 sing N N 214 
ILE CG2 HG23 sing N N 215 
ILE CD1 HD11 sing N N 216 
ILE CD1 HD12 sing N N 217 
ILE CD1 HD13 sing N N 218 
ILE OXT HXT  sing N N 219 
LEU N   CA   sing N N 220 
LEU N   H    sing N N 221 
LEU N   H2   sing N N 222 
LEU CA  C    sing N N 223 
LEU CA  CB   sing N N 224 
LEU CA  HA   sing N N 225 
LEU C   O    doub N N 226 
LEU C   OXT  sing N N 227 
LEU CB  CG   sing N N 228 
LEU CB  HB2  sing N N 229 
LEU CB  HB3  sing N N 230 
LEU CG  CD1  sing N N 231 
LEU CG  CD2  sing N N 232 
LEU CG  HG   sing N N 233 
LEU CD1 HD11 sing N N 234 
LEU CD1 HD12 sing N N 235 
LEU CD1 HD13 sing N N 236 
LEU CD2 HD21 sing N N 237 
LEU CD2 HD22 sing N N 238 
LEU CD2 HD23 sing N N 239 
LEU OXT HXT  sing N N 240 
LYS N   CA   sing N N 241 
LYS N   H    sing N N 242 
LYS N   H2   sing N N 243 
LYS CA  C    sing N N 244 
LYS CA  CB   sing N N 245 
LYS CA  HA   sing N N 246 
LYS C   O    doub N N 247 
LYS C   OXT  sing N N 248 
LYS CB  CG   sing N N 249 
LYS CB  HB2  sing N N 250 
LYS CB  HB3  sing N N 251 
LYS CG  CD   sing N N 252 
LYS CG  HG2  sing N N 253 
LYS CG  HG3  sing N N 254 
LYS CD  CE   sing N N 255 
LYS CD  HD2  sing N N 256 
LYS CD  HD3  sing N N 257 
LYS CE  NZ   sing N N 258 
LYS CE  HE2  sing N N 259 
LYS CE  HE3  sing N N 260 
LYS NZ  HZ1  sing N N 261 
LYS NZ  HZ2  sing N N 262 
LYS NZ  HZ3  sing N N 263 
LYS OXT HXT  sing N N 264 
MET N   CA   sing N N 265 
MET N   H    sing N N 266 
MET N   H2   sing N N 267 
MET CA  C    sing N N 268 
MET CA  CB   sing N N 269 
MET CA  HA   sing N N 270 
MET C   O    doub N N 271 
MET C   OXT  sing N N 272 
MET CB  CG   sing N N 273 
MET CB  HB2  sing N N 274 
MET CB  HB3  sing N N 275 
MET CG  SD   sing N N 276 
MET CG  HG2  sing N N 277 
MET CG  HG3  sing N N 278 
MET SD  CE   sing N N 279 
MET CE  HE1  sing N N 280 
MET CE  HE2  sing N N 281 
MET CE  HE3  sing N N 282 
MET OXT HXT  sing N N 283 
PHE N   CA   sing N N 284 
PHE N   H    sing N N 285 
PHE N   H2   sing N N 286 
PHE CA  C    sing N N 287 
PHE CA  CB   sing N N 288 
PHE CA  HA   sing N N 289 
PHE C   O    doub N N 290 
PHE C   OXT  sing N N 291 
PHE CB  CG   sing N N 292 
PHE CB  HB2  sing N N 293 
PHE CB  HB3  sing N N 294 
PHE CG  CD1  doub Y N 295 
PHE CG  CD2  sing Y N 296 
PHE CD1 CE1  sing Y N 297 
PHE CD1 HD1  sing N N 298 
PHE CD2 CE2  doub Y N 299 
PHE CD2 HD2  sing N N 300 
PHE CE1 CZ   doub Y N 301 
PHE CE1 HE1  sing N N 302 
PHE CE2 CZ   sing Y N 303 
PHE CE2 HE2  sing N N 304 
PHE CZ  HZ   sing N N 305 
PHE OXT HXT  sing N N 306 
PRO N   CA   sing N N 307 
PRO N   CD   sing N N 308 
PRO N   H    sing N N 309 
PRO CA  C    sing N N 310 
PRO CA  CB   sing N N 311 
PRO CA  HA   sing N N 312 
PRO C   O    doub N N 313 
PRO C   OXT  sing N N 314 
PRO CB  CG   sing N N 315 
PRO CB  HB2  sing N N 316 
PRO CB  HB3  sing N N 317 
PRO CG  CD   sing N N 318 
PRO CG  HG2  sing N N 319 
PRO CG  HG3  sing N N 320 
PRO CD  HD2  sing N N 321 
PRO CD  HD3  sing N N 322 
PRO OXT HXT  sing N N 323 
SER N   CA   sing N N 324 
SER N   H    sing N N 325 
SER N   H2   sing N N 326 
SER CA  C    sing N N 327 
SER CA  CB   sing N N 328 
SER CA  HA   sing N N 329 
SER C   O    doub N N 330 
SER C   OXT  sing N N 331 
SER CB  OG   sing N N 332 
SER CB  HB2  sing N N 333 
SER CB  HB3  sing N N 334 
SER OG  HG   sing N N 335 
SER OXT HXT  sing N N 336 
THR N   CA   sing N N 337 
THR N   H    sing N N 338 
THR N   H2   sing N N 339 
THR CA  C    sing N N 340 
THR CA  CB   sing N N 341 
THR CA  HA   sing N N 342 
THR C   O    doub N N 343 
THR C   OXT  sing N N 344 
THR CB  OG1  sing N N 345 
THR CB  CG2  sing N N 346 
THR CB  HB   sing N N 347 
THR OG1 HG1  sing N N 348 
THR CG2 HG21 sing N N 349 
THR CG2 HG22 sing N N 350 
THR CG2 HG23 sing N N 351 
THR OXT HXT  sing N N 352 
TRP N   CA   sing N N 353 
TRP N   H    sing N N 354 
TRP N   H2   sing N N 355 
TRP CA  C    sing N N 356 
TRP CA  CB   sing N N 357 
TRP CA  HA   sing N N 358 
TRP C   O    doub N N 359 
TRP C   OXT  sing N N 360 
TRP CB  CG   sing N N 361 
TRP CB  HB2  sing N N 362 
TRP CB  HB3  sing N N 363 
TRP CG  CD1  doub Y N 364 
TRP CG  CD2  sing Y N 365 
TRP CD1 NE1  sing Y N 366 
TRP CD1 HD1  sing N N 367 
TRP CD2 CE2  doub Y N 368 
TRP CD2 CE3  sing Y N 369 
TRP NE1 CE2  sing Y N 370 
TRP NE1 HE1  sing N N 371 
TRP CE2 CZ2  sing Y N 372 
TRP CE3 CZ3  doub Y N 373 
TRP CE3 HE3  sing N N 374 
TRP CZ2 CH2  doub Y N 375 
TRP CZ2 HZ2  sing N N 376 
TRP CZ3 CH2  sing Y N 377 
TRP CZ3 HZ3  sing N N 378 
TRP CH2 HH2  sing N N 379 
TRP OXT HXT  sing N N 380 
TYR N   CA   sing N N 381 
TYR N   H    sing N N 382 
TYR N   H2   sing N N 383 
TYR CA  C    sing N N 384 
TYR CA  CB   sing N N 385 
TYR CA  HA   sing N N 386 
TYR C   O    doub N N 387 
TYR C   OXT  sing N N 388 
TYR CB  CG   sing N N 389 
TYR CB  HB2  sing N N 390 
TYR CB  HB3  sing N N 391 
TYR CG  CD1  doub Y N 392 
TYR CG  CD2  sing Y N 393 
TYR CD1 CE1  sing Y N 394 
TYR CD1 HD1  sing N N 395 
TYR CD2 CE2  doub Y N 396 
TYR CD2 HD2  sing N N 397 
TYR CE1 CZ   doub Y N 398 
TYR CE1 HE1  sing N N 399 
TYR CE2 CZ   sing Y N 400 
TYR CE2 HE2  sing N N 401 
TYR CZ  OH   sing N N 402 
TYR OH  HH   sing N N 403 
TYR OXT HXT  sing N N 404 
VAL N   CA   sing N N 405 
VAL N   H    sing N N 406 
VAL N   H2   sing N N 407 
VAL CA  C    sing N N 408 
VAL CA  CB   sing N N 409 
VAL CA  HA   sing N N 410 
VAL C   O    doub N N 411 
VAL C   OXT  sing N N 412 
VAL CB  CG1  sing N N 413 
VAL CB  CG2  sing N N 414 
VAL CB  HB   sing N N 415 
VAL CG1 HG11 sing N N 416 
VAL CG1 HG12 sing N N 417 
VAL CG1 HG13 sing N N 418 
VAL CG2 HG21 sing N N 419 
VAL CG2 HG22 sing N N 420 
VAL CG2 HG23 sing N N 421 
VAL OXT HXT  sing N N 422 
# 
_pdbx_initial_refinement_model.id               1 
_pdbx_initial_refinement_model.entity_id_list   ? 
_pdbx_initial_refinement_model.type             'experimental model' 
_pdbx_initial_refinement_model.source_name      PDB 
_pdbx_initial_refinement_model.accession_code   2PYC 
_pdbx_initial_refinement_model.details          ? 
# 
_atom_sites.entry_id                    2QVD 
_atom_sites.fract_transf_matrix[1][1]   -0.00787983 
_atom_sites.fract_transf_matrix[1][2]   0.01286917 
_atom_sites.fract_transf_matrix[1][3]   -0.01114249 
_atom_sites.fract_transf_matrix[2][1]   0.00334974 
_atom_sites.fract_transf_matrix[2][2]   -0.01086606 
_atom_sites.fract_transf_matrix[2][3]   -0.01491880 
_atom_sites.fract_transf_matrix[3][1]   -0.01839101 
_atom_sites.fract_transf_matrix[3][2]   -0.00909848 
_atom_sites.fract_transf_matrix[3][3]   0.00249749 
_atom_sites.fract_transf_vector[1]      0.470455 
_atom_sites.fract_transf_vector[2]      0.836867 
_atom_sites.fract_transf_vector[3]      -0.011190 
# 
loop_
_atom_type.symbol 
C 
N 
O 
S 
# 
loop_
_atom_site.group_PDB 
_atom_site.id 
_atom_site.type_symbol 
_atom_site.label_atom_id 
_atom_site.label_alt_id 
_atom_site.label_comp_id 
_atom_site.label_asym_id 
_atom_site.label_entity_id 
_atom_site.label_seq_id 
_atom_site.pdbx_PDB_ins_code 
_atom_site.Cartn_x 
_atom_site.Cartn_y 
_atom_site.Cartn_z 
_atom_site.occupancy 
_atom_site.B_iso_or_equiv 
_atom_site.pdbx_formal_charge 
_atom_site.auth_seq_id 
_atom_site.auth_comp_id 
_atom_site.auth_asym_id 
_atom_site.auth_atom_id 
_atom_site.pdbx_PDB_model_num 
ATOM   1    N N   . SER A 1 1   ? 6.113   -1.906  9.506   1.00 20.20 ? 1    SER A N   1 
ATOM   2    C CA  . SER A 1 1   ? 7.259   -1.798  8.571   1.00 22.36 ? 1    SER A CA  1 
ATOM   3    C C   . SER A 1 1   ? 7.018   -2.544  7.251   1.00 24.06 ? 1    SER A C   1 
ATOM   4    O O   . SER A 1 1   ? 6.020   -3.273  7.115   1.00 23.19 ? 1    SER A O   1 
ATOM   5    C CB  . SER A 1 1   ? 8.541   -2.310  9.251   1.00 23.34 ? 1    SER A CB  1 
ATOM   6    O OG  . SER A 1 1   ? 8.632   -3.738  9.120   1.00 25.54 ? 1    SER A OG  1 
ATOM   7    N N   . LEU A 1 2   ? 7.922   -2.370  6.287   1.00 25.55 ? 2    LEU A N   1 
ATOM   8    C CA  . LEU A 1 2   ? 7.756   -3.031  4.990   1.00 28.90 ? 2    LEU A CA  1 
ATOM   9    C C   . LEU A 1 2   ? 7.702   -4.558  5.099   1.00 29.21 ? 2    LEU A C   1 
ATOM   10   O O   . LEU A 1 2   ? 7.103   -5.231  4.254   1.00 28.80 ? 2    LEU A O   1 
ATOM   11   C CB  . LEU A 1 2   ? 8.886   -2.609  4.040   1.00 29.88 ? 2    LEU A CB  1 
ATOM   12   C CG  . LEU A 1 2   ? 8.979   -1.112  3.765   1.00 34.20 ? 2    LEU A CG  1 
ATOM   13   C CD1 . LEU A 1 2   ? 10.330  -0.791  3.142   1.00 38.71 ? 2    LEU A CD1 1 
ATOM   14   C CD2 . LEU A 1 2   ? 7.840   -0.648  2.871   1.00 38.30 ? 2    LEU A CD2 1 
ATOM   15   N N   . LEU A 1 3   ? 8.320   -5.092  6.140   1.00 29.41 ? 3    LEU A N   1 
ATOM   16   C CA  . LEU A 1 3   ? 8.291   -6.527  6.414   1.00 30.56 ? 3    LEU A CA  1 
ATOM   17   C C   . LEU A 1 3   ? 6.863   -6.988  6.705   1.00 30.08 ? 3    LEU A C   1 
ATOM   18   O O   . LEU A 1 3   ? 6.430   -8.011  6.190   1.00 30.51 ? 3    LEU A O   1 
ATOM   19   C CB  . LEU A 1 3   ? 9.139   -6.853  7.644   1.00 31.40 ? 3    LEU A CB  1 
ATOM   20   C CG  . LEU A 1 3   ? 10.618  -6.504  7.531   1.00 35.75 ? 3    LEU A CG  1 
ATOM   21   C CD1 . LEU A 1 3   ? 11.323  -6.708  8.886   1.00 40.03 ? 3    LEU A CD1 1 
ATOM   22   C CD2 . LEU A 1 3   ? 11.305  -7.342  6.424   1.00 38.39 ? 3    LEU A CD2 1 
ATOM   23   N N   . GLU A 1 4   ? 6.132   -6.242  7.534   1.00 28.73 ? 4    GLU A N   1 
ATOM   24   C CA  . GLU A 1 4   ? 4.754   -6.620  7.838   1.00 27.64 ? 4    GLU A CA  1 
ATOM   25   C C   . GLU A 1 4   ? 3.856   -6.348  6.630   1.00 26.95 ? 4    GLU A C   1 
ATOM   26   O O   . GLU A 1 4   ? 2.939   -7.145  6.349   1.00 26.02 ? 4    GLU A O   1 
ATOM   27   C CB  . GLU A 1 4   ? 4.181   -5.893  9.028   1.00 26.94 ? 4    GLU A CB  1 
ATOM   28   C CG  . GLU A 1 4   ? 4.689   -6.332  10.404  1.00 30.26 ? 4    GLU A CG  1 
ATOM   29   C CD  . GLU A 1 4   ? 6.071   -5.772  10.682  1.00 33.61 ? 4    GLU A CD  1 
ATOM   30   O OE1 . GLU A 1 4   ? 6.227   -4.560  10.490  1.00 30.66 ? 4    GLU A OE1 1 
ATOM   31   O OE2 . GLU A 1 4   ? 6.998   -6.543  11.049  1.00 34.43 ? 4    GLU A OE2 1 
ATOM   32   N N   . PHE A 1 5   ? 4.084   -5.219  5.955   1.00 25.75 ? 5    PHE A N   1 
ATOM   33   C CA  . PHE A 1 5   ? 3.254   -4.813  4.833   1.00 25.31 ? 5    PHE A CA  1 
ATOM   34   C C   . PHE A 1 5   ? 3.365   -5.855  3.718   1.00 26.73 ? 5    PHE A C   1 
ATOM   35   O O   . PHE A 1 5   ? 2.375   -6.275  3.130   1.00 25.74 ? 5    PHE A O   1 
ATOM   36   C CB  . PHE A 1 5   ? 3.677   -3.443  4.307   1.00 24.68 ? 5    PHE A CB  1 
ATOM   37   C CG  . PHE A 1 5   ? 2.700   -2.847  3.335   1.00 22.55 ? 5    PHE A CG  1 
ATOM   38   C CD1 . PHE A 1 5   ? 1.340   -3.122  3.446   1.00 22.55 ? 5    PHE A CD1 1 
ATOM   39   C CD2 . PHE A 1 5   ? 3.140   -2.030  2.317   1.00 24.11 ? 5    PHE A CD2 1 
ATOM   40   C CE1 . PHE A 1 5   ? 0.460   -2.577  2.549   1.00 22.86 ? 5    PHE A CE1 1 
ATOM   41   C CE2 . PHE A 1 5   ? 2.279   -1.479  1.438   1.00 25.68 ? 5    PHE A CE2 1 
ATOM   42   C CZ  . PHE A 1 5   ? 0.913   -1.764  1.540   1.00 24.75 ? 5    PHE A CZ  1 
ATOM   43   N N   . GLY A 1 6   ? 4.594   -6.274  3.452   1.00 27.47 ? 6    GLY A N   1 
ATOM   44   C CA  . GLY A 1 6   ? 4.878   -7.286  2.451   1.00 27.79 ? 6    GLY A CA  1 
ATOM   45   C C   . GLY A 1 6   ? 4.150   -8.583  2.733   1.00 28.21 ? 6    GLY A C   1 
ATOM   46   O O   . GLY A 1 6   ? 3.568   -9.190  1.836   1.00 27.91 ? 6    GLY A O   1 
ATOM   47   N N   . LYS A 1 7   ? 4.177   -9.024  3.976   1.00 28.34 ? 7    LYS A N   1 
ATOM   48   C CA  . LYS A 1 7   ? 3.525   -10.237 4.332   1.00 29.08 ? 7    LYS A CA  1 
ATOM   49   C C   . LYS A 1 7   ? 1.971   -10.142 4.196   1.00 28.67 ? 7    LYS A C   1 
ATOM   50   O O   . LYS A 1 7   ? 1.324   -11.061 3.655   1.00 27.50 ? 7    LYS A O   1 
ATOM   51   C CB  . LYS A 1 7   ? 3.981   -10.679 5.723   1.00 29.64 ? 7    LYS A CB  1 
ATOM   52   C CG  . LYS A 1 7   ? 3.310   -11.951 6.346   1.00 34.02 ? 7    LYS A CG  1 
ATOM   53   C CD  . LYS A 1 7   ? 4.042   -12.370 7.635   1.00 40.24 ? 7    LYS A CD  1 
ATOM   54   C CE  . LYS A 1 7   ? 3.314   -13.498 8.391   1.00 44.33 ? 7    LYS A CE  1 
ATOM   55   N NZ  . LYS A 1 7   ? 2.045   -13.047 9.086   1.00 44.53 ? 7    LYS A NZ  1 
ATOM   56   N N   . MET A 1 8   ? 1.381   -9.039  4.651   1.00 26.40 ? 8    MET A N   1 
ATOM   57   C CA  . MET A 1 8   ? -0.051  -8.812  4.424   1.00 25.92 ? 8    MET A CA  1 
ATOM   58   C C   . MET A 1 8   ? -0.432  -8.932  2.959   1.00 25.26 ? 8    MET A C   1 
ATOM   59   O O   . MET A 1 8   ? -1.433  -9.554  2.631   1.00 26.42 ? 8    MET A O   1 
ATOM   60   C CB  . MET A 1 8   ? -0.465  -7.381  4.801   1.00 25.13 ? 8    MET A CB  1 
ATOM   61   C CG  . MET A 1 8   ? -0.778  -7.177  6.206   1.00 28.40 ? 8    MET A CG  1 
ATOM   62   S SD  . MET A 1 8   ? -1.524  -5.502  6.445   1.00 27.02 ? 8    MET A SD  1 
ATOM   63   C CE  . MET A 1 8   ? -1.264  -5.551  8.140   1.00 26.29 ? 8    MET A CE  1 
ATOM   64   N N   . ILE A 1 9   ? 0.311   -8.247  2.108   1.00 23.64 ? 9    ILE A N   1 
ATOM   65   C CA  . ILE A 1 9   ? 0.032   -8.201  0.684   1.00 24.47 ? 9    ILE A CA  1 
ATOM   66   C C   . ILE A 1 9   ? 0.038   -9.626  0.073   1.00 25.57 ? 9    ILE A C   1 
ATOM   67   O O   . ILE A 1 9   ? -0.918  -10.030 -0.608  1.00 24.33 ? 9    ILE A O   1 
ATOM   68   C CB  . ILE A 1 9   ? 1.016   -7.293  0.001   1.00 24.91 ? 9    ILE A CB  1 
ATOM   69   C CG1 . ILE A 1 9   ? 0.756   -5.786  0.280   1.00 25.61 ? 9    ILE A CG1 1 
ATOM   70   C CG2 . ILE A 1 9   ? 0.922   -7.424  -1.544  1.00 23.58 ? 9    ILE A CG2 1 
ATOM   71   C CD1 . ILE A 1 9   ? 1.927   -4.957  -0.255  1.00 24.37 ? 9    ILE A CD1 1 
ATOM   72   N N   . LEU A 1 10  ? 1.083   -10.388 0.376   1.00 25.33 ? 10   LEU A N   1 
ATOM   73   C CA  . LEU A 1 10  ? 1.199   -11.789 -0.090  1.00 26.42 ? 10   LEU A CA  1 
ATOM   74   C C   . LEU A 1 10  ? 0.028   -12.635 0.423   1.00 26.86 ? 10   LEU A C   1 
ATOM   75   O O   . LEU A 1 10  ? -0.611  -13.377 -0.342  1.00 26.56 ? 10   LEU A O   1 
ATOM   76   C CB  . LEU A 1 10  ? 2.514   -12.389 0.420   1.00 26.94 ? 10   LEU A CB  1 
ATOM   77   C CG  . LEU A 1 10  ? 2.787   -13.880 0.103   1.00 28.82 ? 10   LEU A CG  1 
ATOM   78   C CD1 . LEU A 1 10  ? 2.598   -14.113 -1.390  1.00 27.20 ? 10   LEU A CD1 1 
ATOM   79   C CD2 . LEU A 1 10  ? 4.199   -14.238 0.529   1.00 30.25 ? 10   LEU A CD2 1 
ATOM   80   N N   . GLU A 1 11  ? -0.264  -12.525 1.714   1.00 26.71 ? 11   GLU A N   1 
ATOM   81   C CA  . GLU A 1 11  ? -1.373  -13.247 2.309   1.00 27.00 ? 11   GLU A CA  1 
ATOM   82   C C   . GLU A 1 11  ? -2.675  -12.879 1.610   1.00 27.07 ? 11   GLU A C   1 
ATOM   83   O O   . GLU A 1 11  ? -3.468  -13.756 1.260   1.00 26.92 ? 11   GLU A O   1 
ATOM   84   C CB  . GLU A 1 11  ? -1.520  -12.932 3.798   1.00 27.49 ? 11   GLU A CB  1 
ATOM   85   C CG  . GLU A 1 11  ? -0.555  -13.688 4.669   1.00 29.72 ? 11   GLU A CG  1 
ATOM   86   C CD  . GLU A 1 11  ? -0.594  -13.193 6.094   1.00 33.30 ? 11   GLU A CD  1 
ATOM   87   O OE1 . GLU A 1 11  ? -1.245  -12.156 6.334   1.00 29.77 ? 11   GLU A OE1 1 
ATOM   88   O OE2 . GLU A 1 11  ? 0.029   -13.831 6.953   1.00 34.86 ? 11   GLU A OE2 1 
ATOM   89   N N   . GLU A 1 12  ? -2.912  -11.588 1.400   1.00 26.61 ? 12   GLU A N   1 
ATOM   90   C CA  . GLU A 1 12  ? -4.170  -11.195 0.777   1.00 27.27 ? 12   GLU A CA  1 
ATOM   91   C C   . GLU A 1 12  ? -4.298  -11.551 -0.679  1.00 27.10 ? 12   GLU A C   1 
ATOM   92   O O   . GLU A 1 12  ? -5.367  -11.988 -1.104  1.00 27.50 ? 12   GLU A O   1 
ATOM   93   C CB  . GLU A 1 12  ? -4.436  -9.693  0.888   1.00 26.19 ? 12   GLU A CB  1 
ATOM   94   C CG  . GLU A 1 12  ? -4.730  -9.266  2.302   1.00 30.95 ? 12   GLU A CG  1 
ATOM   95   C CD  . GLU A 1 12  ? -6.044  -9.794  2.811   1.00 26.20 ? 12   GLU A CD  1 
ATOM   96   O OE1 . GLU A 1 12  ? -7.013  -9.616  2.138   1.00 31.98 ? 12   GLU A OE1 1 
ATOM   97   O OE2 . GLU A 1 12  ? -6.106  -10.313 3.881   1.00 29.19 ? 12   GLU A OE2 1 
ATOM   98   N N   . THR A 1 13  ? -3.285  -11.243 -1.462  1.00 26.17 ? 13   THR A N   1 
ATOM   99   C CA  . THR A 1 13  ? -3.390  -11.357 -2.894  1.00 27.52 ? 13   THR A CA  1 
ATOM   100  C C   . THR A 1 13  ? -2.603  -12.509 -3.450  1.00 28.13 ? 13   THR A C   1 
ATOM   101  O O   . THR A 1 13  ? -2.729  -12.818 -4.629  1.00 28.38 ? 13   THR A O   1 
ATOM   102  C CB  . THR A 1 13  ? -2.815  -10.100 -3.568  1.00 27.40 ? 13   THR A CB  1 
ATOM   103  O OG1 . THR A 1 13  ? -1.381  -10.129 -3.521  1.00 27.52 ? 13   THR A OG1 1 
ATOM   104  C CG2 . THR A 1 13  ? -3.317  -8.846  -2.869  1.00 27.48 ? 13   THR A CG2 1 
ATOM   105  N N   . GLY A 1 14  ? -1.791  -13.155 -2.659  1.00 28.83 ? 14   GLY A N   1 
ATOM   106  C CA  . GLY A 1 14  ? -1.008  -14.227 -3.211  1.00 30.64 ? 14   GLY A CA  1 
ATOM   107  C C   . GLY A 1 14  ? 0.146   -13.712 -4.076  1.00 32.34 ? 14   GLY A C   1 
ATOM   108  O O   . GLY A 1 14  ? 0.929   -14.526 -4.565  1.00 33.42 ? 14   GLY A O   1 
ATOM   109  N N   . LYS A 1 15  ? 0.239   -12.394 -4.341  1.00 29.76 ? 16   LYS A N   1 
ATOM   110  C CA  . LYS A 1 15  ? 1.350   -11.795 -5.125  1.00 30.83 ? 16   LYS A CA  1 
ATOM   111  C C   . LYS A 1 15  ? 2.456   -11.273 -4.189  1.00 30.84 ? 16   LYS A C   1 
ATOM   112  O O   . LYS A 1 15  ? 2.143   -10.761 -3.118  1.00 29.25 ? 16   LYS A O   1 
ATOM   113  C CB  . LYS A 1 15  ? 0.876   -10.609 -5.963  1.00 31.46 ? 16   LYS A CB  1 
ATOM   114  C CG  . LYS A 1 15  ? -0.295  -10.861 -6.906  1.00 33.01 ? 16   LYS A CG  1 
ATOM   115  C CD  . LYS A 1 15  ? -0.672  -9.590  -7.648  1.00 35.14 ? 16   LYS A CD  1 
ATOM   116  C CE  . LYS A 1 15  ? -1.421  -9.901  -8.932  1.00 37.35 ? 16   LYS A CE  1 
ATOM   117  N NZ  . LYS A 1 15  ? -0.892  -11.130 -9.601  1.00 40.83 ? 16   LYS A NZ  1 
ATOM   118  N N   . LEU A 1 16  ? 3.725   -11.372 -4.563  1.00 31.45 ? 17   LEU A N   1 
ATOM   119  C CA  . LEU A 1 16  ? 4.823   -10.840 -3.747  1.00 32.42 ? 17   LEU A CA  1 
ATOM   120  C C   . LEU A 1 16  ? 4.890   -9.320  -4.006  1.00 32.24 ? 17   LEU A C   1 
ATOM   121  O O   . LEU A 1 16  ? 4.819   -8.885  -5.145  1.00 31.87 ? 17   LEU A O   1 
ATOM   122  C CB  . LEU A 1 16  ? 6.138   -11.495 -4.114  1.00 33.27 ? 17   LEU A CB  1 
ATOM   123  C CG  . LEU A 1 16  ? 6.192   -13.012 -3.944  1.00 36.73 ? 17   LEU A CG  1 
ATOM   124  C CD1 . LEU A 1 16  ? 7.162   -13.623 -4.955  1.00 41.82 ? 17   LEU A CD1 1 
ATOM   125  C CD2 . LEU A 1 16  ? 6.570   -13.365 -2.510  1.00 39.14 ? 17   LEU A CD2 1 
ATOM   126  N N   . ALA A 1 17  ? 5.024   -8.528  -2.942  1.00 32.73 ? 18   ALA A N   1 
ATOM   127  C CA  . ALA A 1 17  ? 5.026   -7.071  -3.052  1.00 32.48 ? 18   ALA A CA  1 
ATOM   128  C C   . ALA A 1 17  ? 6.075   -6.578  -4.010  1.00 32.86 ? 18   ALA A C   1 
ATOM   129  O O   . ALA A 1 17  ? 5.814   -5.659  -4.797  1.00 32.59 ? 18   ALA A O   1 
ATOM   130  C CB  . ALA A 1 17  ? 5.208   -6.428  -1.698  1.00 32.88 ? 18   ALA A CB  1 
ATOM   131  N N   . ILE A 1 18  ? 7.274   -7.160  -3.932  1.00 33.32 ? 19   ILE A N   1 
ATOM   132  C CA  . ILE A 1 18  ? 8.315   -6.890  -4.920  1.00 35.27 ? 19   ILE A CA  1 
ATOM   133  C C   . ILE A 1 18  ? 8.322   -8.142  -5.812  1.00 35.23 ? 19   ILE A C   1 
ATOM   134  O O   . ILE A 1 18  ? 8.563   -9.225  -5.316  1.00 35.93 ? 19   ILE A O   1 
ATOM   135  C CB  . ILE A 1 18  ? 9.681   -6.764  -4.202  1.00 35.53 ? 19   ILE A CB  1 
ATOM   136  C CG1 . ILE A 1 18  ? 9.642   -5.668  -3.152  1.00 36.75 ? 19   ILE A CG1 1 
ATOM   137  C CG2 . ILE A 1 18  ? 10.818  -6.538  -5.209  1.00 37.31 ? 19   ILE A CG2 1 
ATOM   138  C CD1 . ILE A 1 18  ? 11.017  -5.334  -2.609  1.00 38.87 ? 19   ILE A CD1 1 
ATOM   139  N N   . PRO A 1 19  ? 8.092   -8.052  -7.113  1.00 35.98 ? 20   PRO A N   1 
ATOM   140  C CA  . PRO A 1 19  ? 7.923   -6.823  -7.872  1.00 35.37 ? 20   PRO A CA  1 
ATOM   141  C C   . PRO A 1 19  ? 6.504   -6.501  -8.294  1.00 35.23 ? 20   PRO A C   1 
ATOM   142  O O   . PRO A 1 19  ? 6.392   -5.593  -9.116  1.00 36.37 ? 20   PRO A O   1 
ATOM   143  C CB  . PRO A 1 19  ? 8.617   -7.171  -9.183  1.00 35.71 ? 20   PRO A CB  1 
ATOM   144  C CG  . PRO A 1 19  ? 8.686   -8.705  -9.199  1.00 36.66 ? 20   PRO A CG  1 
ATOM   145  C CD  . PRO A 1 19  ? 7.982   -9.240  -7.981  1.00 35.49 ? 20   PRO A CD  1 
ATOM   146  N N   . SER A 1 20  ? 5.465   -7.192  -7.841  1.00 33.69 ? 21   SER A N   1 
ATOM   147  C CA  . SER A 1 20  ? 4.122   -6.863  -8.376  1.00 32.59 ? 21   SER A CA  1 
ATOM   148  C C   . SER A 1 20  ? 3.577   -5.481  -8.002  1.00 32.26 ? 21   SER A C   1 
ATOM   149  O O   . SER A 1 20  ? 2.827   -4.887  -8.787  1.00 31.82 ? 21   SER A O   1 
ATOM   150  C CB  . SER A 1 20  ? 3.085   -7.886  -7.954  1.00 32.31 ? 21   SER A CB  1 
ATOM   151  O OG  . SER A 1 20  ? 3.443   -9.186  -8.306  1.00 30.37 ? 21   SER A OG  1 
ATOM   152  N N   . TYR A 1 21  ? 3.921   -4.990  -6.810  1.00 31.86 ? 22   TYR A N   1 
ATOM   153  C CA  . TYR A 1 21  ? 3.381   -3.720  -6.333  1.00 32.68 ? 22   TYR A CA  1 
ATOM   154  C C   . TYR A 1 21  ? 4.435   -2.677  -5.999  1.00 33.78 ? 22   TYR A C   1 
ATOM   155  O O   . TYR A 1 21  ? 4.105   -1.688  -5.355  1.00 36.06 ? 22   TYR A O   1 
ATOM   156  C CB  . TYR A 1 21  ? 2.534   -3.906  -5.074  1.00 31.87 ? 22   TYR A CB  1 
ATOM   157  C CG  . TYR A 1 21  ? 1.273   -4.680  -5.291  1.00 31.95 ? 22   TYR A CG  1 
ATOM   158  C CD1 . TYR A 1 21  ? 1.233   -6.028  -5.014  1.00 27.23 ? 22   TYR A CD1 1 
ATOM   159  C CD2 . TYR A 1 21  ? 0.119   -4.077  -5.822  1.00 31.17 ? 22   TYR A CD2 1 
ATOM   160  C CE1 . TYR A 1 21  ? 0.053   -6.772  -5.252  1.00 28.44 ? 22   TYR A CE1 1 
ATOM   161  C CE2 . TYR A 1 21  ? -1.049  -4.807  -6.026  1.00 28.24 ? 22   TYR A CE2 1 
ATOM   162  C CZ  . TYR A 1 21  ? -1.068  -6.127  -5.745  1.00 28.45 ? 22   TYR A CZ  1 
ATOM   163  O OH  . TYR A 1 21  ? -2.217  -6.830  -5.985  1.00 28.38 ? 22   TYR A OH  1 
ATOM   164  N N   . SER A 1 22  ? 5.697   -2.886  -6.355  1.00 32.65 ? 23   SER A N   1 
ATOM   165  C CA  . SER A 1 22  ? 6.682   -1.864  -5.992  1.00 31.80 ? 23   SER A CA  1 
ATOM   166  C C   . SER A 1 22  ? 7.041   -0.929  -7.146  1.00 31.67 ? 23   SER A C   1 
ATOM   167  O O   . SER A 1 22  ? 7.708   0.071   -6.920  1.00 32.06 ? 23   SER A O   1 
ATOM   168  C CB  . SER A 1 22  ? 7.941   -2.481  -5.363  1.00 32.10 ? 23   SER A CB  1 
ATOM   169  O OG  . SER A 1 22  ? 8.588   -3.341  -6.283  1.00 31.88 ? 23   SER A OG  1 
ATOM   170  N N   . SER A 1 23  ? 6.600   -1.241  -8.366  1.00 30.58 ? 24   SER A N   1 
ATOM   171  C CA  . SER A 1 23  ? 6.877   -0.386  -9.519  1.00 31.19 ? 24   SER A CA  1 
ATOM   172  C C   . SER A 1 23  ? 5.636   -0.209  -10.398 1.00 30.15 ? 24   SER A C   1 
ATOM   173  O O   . SER A 1 23  ? 5.736   0.001   -11.627 1.00 30.51 ? 24   SER A O   1 
ATOM   174  C CB  . SER A 1 23  ? 8.040   -0.958  -10.341 1.00 31.80 ? 24   SER A CB  1 
ATOM   175  O OG  . SER A 1 23  ? 7.726   -2.251  -10.861 1.00 35.98 ? 24   SER A OG  1 
ATOM   176  N N   . TYR A 1 24  ? 4.466   -0.252  -9.750  1.00 27.69 ? 25   TYR A N   1 
ATOM   177  C CA  . TYR A 1 24  ? 3.208   -0.267  -10.457 1.00 26.24 ? 25   TYR A CA  1 
ATOM   178  C C   . TYR A 1 24  ? 2.608   1.114   -10.531 1.00 26.07 ? 25   TYR A C   1 
ATOM   179  O O   . TYR A 1 24  ? 2.490   1.806   -9.519  1.00 25.03 ? 25   TYR A O   1 
ATOM   180  C CB  . TYR A 1 24  ? 2.275   -1.253  -9.732  1.00 25.58 ? 25   TYR A CB  1 
ATOM   181  C CG  . TYR A 1 24  ? 0.973   -1.519  -10.454 1.00 25.22 ? 25   TYR A CG  1 
ATOM   182  C CD1 . TYR A 1 24  ? 0.801   -2.688  -11.168 1.00 23.00 ? 25   TYR A CD1 1 
ATOM   183  C CD2 . TYR A 1 24  ? -0.098  -0.594  -10.403 1.00 24.55 ? 25   TYR A CD2 1 
ATOM   184  C CE1 . TYR A 1 24  ? -0.417  -2.954  -11.836 1.00 25.61 ? 25   TYR A CE1 1 
ATOM   185  C CE2 . TYR A 1 24  ? -1.324  -0.859  -11.062 1.00 24.57 ? 25   TYR A CE2 1 
ATOM   186  C CZ  . TYR A 1 24  ? -1.446  -2.040  -11.786 1.00 25.45 ? 25   TYR A CZ  1 
ATOM   187  O OH  . TYR A 1 24  ? -2.620  -2.350  -12.459 1.00 26.45 ? 25   TYR A OH  1 
ATOM   188  N N   . GLY A 1 25  ? 2.252   1.521   -11.743 1.00 26.03 ? 26   GLY A N   1 
ATOM   189  C CA  . GLY A 1 25  ? 1.629   2.813   -11.977 1.00 26.37 ? 26   GLY A CA  1 
ATOM   190  C C   . GLY A 1 25  ? 2.398   4.041   -11.546 1.00 26.89 ? 26   GLY A C   1 
ATOM   191  O O   . GLY A 1 25  ? 3.635   4.074   -11.637 1.00 27.15 ? 26   GLY A O   1 
ATOM   192  N N   . CYS A 1 26  ? 1.679   5.064   -11.073 1.00 25.01 ? 27   CYS A N   1 
ATOM   193  C CA  . CYS A 1 26  ? 2.317   6.286   -10.625 1.00 25.36 ? 27   CYS A CA  1 
ATOM   194  C C   . CYS A 1 26  ? 2.584   6.373   -9.135  1.00 25.33 ? 27   CYS A C   1 
ATOM   195  O O   . CYS A 1 26  ? 3.456   7.128   -8.707  1.00 25.51 ? 27   CYS A O   1 
ATOM   196  C CB  . CYS A 1 26  ? 1.468   7.467   -11.069 1.00 26.43 ? 27   CYS A CB  1 
ATOM   197  S SG  . CYS A 1 26  ? 1.389   7.468   -12.860 1.00 29.09 ? 27   CYS A SG  1 
ATOM   198  N N   . TYR A 1 27  ? 1.878   5.555   -8.358  1.00 24.65 ? 28   TYR A N   1 
ATOM   199  C CA  . TYR A 1 27  ? 1.936   5.603   -6.880  1.00 24.04 ? 28   TYR A CA  1 
ATOM   200  C C   . TYR A 1 27  ? 2.458   4.410   -6.128  1.00 24.96 ? 28   TYR A C   1 
ATOM   201  O O   . TYR A 1 27  ? 2.878   4.578   -4.963  1.00 24.39 ? 28   TYR A O   1 
ATOM   202  C CB  . TYR A 1 27  ? 0.564   6.004   -6.297  1.00 22.58 ? 28   TYR A CB  1 
ATOM   203  C CG  . TYR A 1 27  ? 0.341   7.432   -6.595  1.00 23.57 ? 28   TYR A CG  1 
ATOM   204  C CD1 . TYR A 1 27  ? -0.351  7.825   -7.725  1.00 22.84 ? 28   TYR A CD1 1 
ATOM   205  C CD2 . TYR A 1 27  ? 0.911   8.410   -5.798  1.00 23.91 ? 28   TYR A CD2 1 
ATOM   206  C CE1 . TYR A 1 27  ? -0.520  9.195   -8.020  1.00 24.93 ? 28   TYR A CE1 1 
ATOM   207  C CE2 . TYR A 1 27  ? 0.755   9.754   -6.089  1.00 27.72 ? 28   TYR A CE2 1 
ATOM   208  C CZ  . TYR A 1 27  ? 0.046   10.136  -7.204  1.00 28.49 ? 28   TYR A CZ  1 
ATOM   209  O OH  . TYR A 1 27  ? -0.067  11.488  -7.480  1.00 31.35 ? 28   TYR A OH  1 
ATOM   210  N N   . CYS A 1 28  ? 2.407   3.213   -6.715  1.00 25.87 ? 29   CYS A N   1 
ATOM   211  C CA  . CYS A 1 28  ? 2.897   2.058   -5.962  1.00 29.41 ? 29   CYS A CA  1 
ATOM   212  C C   . CYS A 1 28  ? 4.429   2.077   -5.882  1.00 33.46 ? 29   CYS A C   1 
ATOM   213  O O   . CYS A 1 28  ? 5.116   2.137   -6.898  1.00 34.82 ? 29   CYS A O   1 
ATOM   214  C CB  . CYS A 1 28  ? 2.372   0.745   -6.512  1.00 27.22 ? 29   CYS A CB  1 
ATOM   215  S SG  . CYS A 1 28  ? 0.554   0.720   -6.576  1.00 24.99 ? 29   CYS A SG  1 
ATOM   216  N N   . GLY A 1 29  ? 4.983   1.984   -4.667  1.00 37.19 ? 30   GLY A N   1 
ATOM   217  C CA  . GLY A 1 29  ? 6.460   2.028   -4.586  1.00 43.26 ? 30   GLY A CA  1 
ATOM   218  C C   . GLY A 1 29  ? 6.948   3.477   -4.593  1.00 46.74 ? 30   GLY A C   1 
ATOM   219  O O   . GLY A 1 29  ? 6.165   4.380   -4.265  1.00 47.01 ? 30   GLY A O   1 
ATOM   220  N N   . TRP A 1 30  ? 8.250   3.703   -4.884  1.00 50.28 ? 31   TRP A N   1 
ATOM   221  C CA  . TRP A 1 30  ? 8.944   5.027   -4.877  1.00 53.07 ? 31   TRP A CA  1 
ATOM   222  C C   . TRP A 1 30  ? 8.104   6.280   -5.140  1.00 53.08 ? 31   TRP A C   1 
ATOM   223  O O   . TRP A 1 30  ? 8.083   7.229   -4.361  1.00 53.63 ? 31   TRP A O   1 
ATOM   224  C CB  . TRP A 1 30  ? 10.070  5.080   -5.920  1.00 54.51 ? 31   TRP A CB  1 
ATOM   225  C CG  . TRP A 1 30  ? 10.835  6.395   -5.949  1.00 60.19 ? 31   TRP A CG  1 
ATOM   226  C CD1 . TRP A 1 30  ? 10.999  7.220   -4.874  1.00 63.66 ? 31   TRP A CD1 1 
ATOM   227  C CD2 . TRP A 1 30  ? 11.533  7.030   -7.041  1.00 64.38 ? 31   TRP A CD2 1 
ATOM   228  N NE1 . TRP A 1 30  ? 11.740  8.325   -5.226  1.00 66.02 ? 31   TRP A NE1 1 
ATOM   229  C CE2 . TRP A 1 30  ? 12.087  8.230   -6.549  1.00 66.10 ? 31   TRP A CE2 1 
ATOM   230  C CE3 . TRP A 1 30  ? 11.754  6.702   -8.377  1.00 66.72 ? 31   TRP A CE3 1 
ATOM   231  C CZ2 . TRP A 1 30  ? 12.841  9.097   -7.346  1.00 67.33 ? 31   TRP A CZ2 1 
ATOM   232  C CZ3 . TRP A 1 30  ? 12.510  7.568   -9.169  1.00 68.55 ? 31   TRP A CZ3 1 
ATOM   233  C CH2 . TRP A 1 30  ? 13.039  8.747   -8.650  1.00 68.76 ? 31   TRP A CH2 1 
ATOM   234  N N   . GLY A 1 31  ? 7.478   6.252   -6.274  1.00 52.97 ? 32   GLY A N   1 
ATOM   235  C CA  . GLY A 1 31  ? 6.752   7.401   -6.759  1.00 52.05 ? 32   GLY A CA  1 
ATOM   236  C C   . GLY A 1 31  ? 5.662   7.964   -5.910  1.00 50.90 ? 32   GLY A C   1 
ATOM   237  O O   . GLY A 1 31  ? 5.187   7.404   -4.925  1.00 51.14 ? 32   GLY A O   1 
ATOM   238  N N   . GLY A 1 32  ? 5.312   9.144   -6.403  1.00 49.60 ? 33   GLY A N   1 
ATOM   239  C CA  . GLY A 1 32  ? 4.196   9.884   -5.899  1.00 47.68 ? 33   GLY A CA  1 
ATOM   240  C C   . GLY A 1 32  ? 3.880   11.092  -6.749  1.00 45.89 ? 33   GLY A C   1 
ATOM   241  O O   . GLY A 1 32  ? 4.067   12.186  -6.265  1.00 46.74 ? 33   GLY A O   1 
ATOM   242  N N   . LYS A 1 33  ? 3.406   10.930  -7.983  1.00 43.47 ? 34   LYS A N   1 
ATOM   243  C CA  . LYS A 1 33  ? 2.987   12.113  -8.751  1.00 42.19 ? 34   LYS A CA  1 
ATOM   244  C C   . LYS A 1 33  ? 1.978   11.819  -9.869  1.00 40.14 ? 34   LYS A C   1 
ATOM   245  O O   . LYS A 1 33  ? 1.862   10.690  -10.339 1.00 38.70 ? 34   LYS A O   1 
ATOM   246  C CB  . LYS A 1 33  ? 4.205   12.895  -9.295  1.00 43.09 ? 34   LYS A CB  1 
ATOM   247  C CG  . LYS A 1 33  ? 4.848   12.254  -10.541 1.00 45.12 ? 34   LYS A CG  1 
ATOM   248  C CD  . LYS A 1 33  ? 5.971   13.136  -11.164 1.00 48.33 ? 34   LYS A CD  1 
ATOM   249  C CE  . LYS A 1 33  ? 6.591   12.468  -12.427 1.00 49.95 ? 34   LYS A CE  1 
ATOM   250  N NZ  . LYS A 1 33  ? 6.841   13.416  -13.594 1.00 48.15 ? 34   LYS A NZ  1 
ATOM   251  N N   . GLY A 1 34  ? 1.247   12.847  -10.291 1.00 38.93 ? 35   GLY A N   1 
ATOM   252  C CA  . GLY A 1 34  ? 0.227   12.700  -11.322 1.00 37.73 ? 35   GLY A CA  1 
ATOM   253  C C   . GLY A 1 34  ? -1.051  11.972  -10.900 1.00 36.85 ? 35   GLY A C   1 
ATOM   254  O O   . GLY A 1 34  ? -1.311  11.820  -9.707  1.00 37.91 ? 35   GLY A O   1 
ATOM   255  N N   . THR A 1 35  ? -1.841  11.548  -11.888 1.00 35.71 ? 36   THR A N   1 
ATOM   256  C CA  . THR A 1 35  ? -3.104  10.802  -11.734 1.00 34.78 ? 36   THR A CA  1 
ATOM   257  C C   . THR A 1 35  ? -2.955  9.281   -11.658 1.00 33.16 ? 36   THR A C   1 
ATOM   258  O O   . THR A 1 35  ? -2.362  8.672   -12.546 1.00 33.59 ? 36   THR A O   1 
ATOM   259  C CB  . THR A 1 35  ? -4.012  11.062  -12.971 1.00 35.09 ? 36   THR A CB  1 
ATOM   260  O OG1 . THR A 1 35  ? -4.111  12.464  -13.218 1.00 36.86 ? 36   THR A OG1 1 
ATOM   261  C CG2 . THR A 1 35  ? -5.455  10.642  -12.656 1.00 36.69 ? 36   THR A CG2 1 
ATOM   262  N N   . PRO A 1 36  ? -3.540  8.636   -10.653 1.00 31.60 ? 37   PRO A N   1 
ATOM   263  C CA  . PRO A 1 36  ? -3.377  7.176   -10.522 1.00 29.80 ? 37   PRO A CA  1 
ATOM   264  C C   . PRO A 1 36  ? -3.953  6.540   -11.731 1.00 29.36 ? 37   PRO A C   1 
ATOM   265  O O   . PRO A 1 36  ? -4.997  6.998   -12.180 1.00 28.01 ? 37   PRO A O   1 
ATOM   266  C CB  . PRO A 1 36  ? -4.218  6.808   -9.273  1.00 30.12 ? 37   PRO A CB  1 
ATOM   267  C CG  . PRO A 1 36  ? -4.334  8.104   -8.477  1.00 28.67 ? 37   PRO A CG  1 
ATOM   268  C CD  . PRO A 1 36  ? -4.329  9.222   -9.550  1.00 31.56 ? 37   PRO A CD  1 
ATOM   269  N N   . LYS A 1 37  ? -3.301  5.522   -12.250 1.00 28.30 ? 38   LYS A N   1 
ATOM   270  C CA  . LYS A 1 37  ? -3.695  4.867   -13.519 1.00 29.25 ? 38   LYS A CA  1 
ATOM   271  C C   . LYS A 1 37  ? -4.933  3.962   -13.494 1.00 29.11 ? 38   LYS A C   1 
ATOM   272  O O   . LYS A 1 37  ? -5.662  3.889   -14.475 1.00 28.34 ? 38   LYS A O   1 
ATOM   273  C CB  . LYS A 1 37  ? -2.493  4.077   -14.056 1.00 29.96 ? 38   LYS A CB  1 
ATOM   274  C CG  . LYS A 1 37  ? -1.253  4.907   -14.356 1.00 32.55 ? 38   LYS A CG  1 
ATOM   275  C CD  . LYS A 1 37  ? -1.584  6.104   -15.233 1.00 36.24 ? 38   LYS A CD  1 
ATOM   276  C CE  . LYS A 1 37  ? -2.361  5.698   -16.483 1.00 37.96 ? 38   LYS A CE  1 
ATOM   277  N NZ  . LYS A 1 37  ? -2.587  6.856   -17.389 1.00 40.49 ? 38   LYS A NZ  1 
ATOM   278  N N   . ASP A 1 38  ? -5.134  3.245   -12.373 1.00 27.40 ? 39   ASP A N   1 
ATOM   279  C CA  . ASP A 1 38  ? -6.256  2.333   -12.210 1.00 26.30 ? 39   ASP A CA  1 
ATOM   280  C C   . ASP A 1 38  ? -6.496  2.127   -10.738 1.00 25.34 ? 39   ASP A C   1 
ATOM   281  O O   . ASP A 1 38  ? -5.763  2.632   -9.890  1.00 24.34 ? 39   ASP A O   1 
ATOM   282  C CB  . ASP A 1 38  ? -6.034  1.019   -12.925 1.00 25.83 ? 39   ASP A CB  1 
ATOM   283  C CG  . ASP A 1 38  ? -4.911  0.254   -12.307 1.00 26.96 ? 39   ASP A CG  1 
ATOM   284  O OD1 . ASP A 1 38  ? -4.262  0.824   -11.389 1.00 25.65 ? 39   ASP A OD1 1 
ATOM   285  O OD2 . ASP A 1 38  ? -4.648  -0.897  -12.721 1.00 27.72 ? 39   ASP A OD2 1 
ATOM   286  N N   . ALA A 1 39  ? -7.521  1.362   -10.439 1.00 24.29 ? 40   ALA A N   1 
ATOM   287  C CA  . ALA A 1 39  ? -7.944  1.074   -9.055  1.00 24.32 ? 40   ALA A CA  1 
ATOM   288  C C   . ALA A 1 39  ? -6.795  0.655   -8.131  1.00 23.52 ? 40   ALA A C   1 
ATOM   289  O O   . ALA A 1 39  ? -6.703  1.154   -7.002  1.00 23.59 ? 40   ALA A O   1 
ATOM   290  C CB  . ALA A 1 39  ? -9.044  0.027   -9.061  1.00 23.71 ? 40   ALA A CB  1 
ATOM   291  N N   . THR A 1 40  ? -5.942  -0.256  -8.585  1.00 22.87 ? 41   THR A N   1 
ATOM   292  C CA  . THR A 1 40  ? -4.783  -0.695  -7.798  1.00 22.55 ? 41   THR A CA  1 
ATOM   293  C C   . THR A 1 40  ? -3.842  0.450   -7.465  1.00 22.59 ? 41   THR A C   1 
ATOM   294  O O   . THR A 1 40  ? -3.403  0.631   -6.309  1.00 21.98 ? 41   THR A O   1 
ATOM   295  C CB  . THR A 1 40  ? -4.065  -1.756  -8.548  1.00 22.95 ? 41   THR A CB  1 
ATOM   296  O OG1 . THR A 1 40  ? -4.854  -2.954  -8.449  1.00 24.96 ? 41   THR A OG1 1 
ATOM   297  C CG2 . THR A 1 40  ? -2.698  -2.038  -7.826  1.00 20.96 ? 41   THR A CG2 1 
ATOM   298  N N   . ASP A 1 41  ? -3.574  1.271   -8.484  1.00 21.07 ? 42   ASP A N   1 
ATOM   299  C CA  . ASP A 1 41  ? -2.786  2.521   -8.305  1.00 22.67 ? 42   ASP A CA  1 
ATOM   300  C C   . ASP A 1 41  ? -3.433  3.521   -7.342  1.00 21.76 ? 42   ASP A C   1 
ATOM   301  O O   . ASP A 1 41  ? -2.744  4.183   -6.589  1.00 20.63 ? 42   ASP A O   1 
ATOM   302  C CB  . ASP A 1 41  ? -2.549  3.229   -9.644  1.00 21.24 ? 42   ASP A CB  1 
ATOM   303  C CG  . ASP A 1 41  ? -1.245  4.050   -9.682  1.00 24.50 ? 42   ASP A CG  1 
ATOM   304  O OD1 . ASP A 1 41  ? -0.386  3.994   -8.753  1.00 21.17 ? 42   ASP A OD1 1 
ATOM   305  O OD2 . ASP A 1 41  ? -1.026  4.808   -10.643 1.00 21.40 ? 42   ASP A OD2 1 
ATOM   306  N N   . ARG A 1 42  ? -4.763  3.637   -7.393  1.00 21.81 ? 43   ARG A N   1 
ATOM   307  C CA  . ARG A 1 42  ? -5.465  4.433   -6.400  1.00 21.72 ? 43   ARG A CA  1 
ATOM   308  C C   . ARG A 1 42  ? -5.277  3.891   -4.982  1.00 19.72 ? 43   ARG A C   1 
ATOM   309  O O   . ARG A 1 42  ? -5.192  4.662   -4.059  1.00 19.21 ? 43   ARG A O   1 
ATOM   310  C CB  . ARG A 1 42  ? -6.998  4.569   -6.730  1.00 21.97 ? 43   ARG A CB  1 
ATOM   311  C CG  . ARG A 1 42  ? -7.262  5.495   -7.933  1.00 29.30 ? 43   ARG A CG  1 
ATOM   312  C CD  . ARG A 1 42  ? -8.760  5.908   -8.196  1.00 32.33 ? 43   ARG A CD  1 
ATOM   313  N NE  . ARG A 1 42  ? -9.584  4.807   -8.696  1.00 37.00 ? 43   ARG A NE  1 
ATOM   314  C CZ  . ARG A 1 42  ? -9.667  4.454   -9.997  1.00 42.37 ? 43   ARG A CZ  1 
ATOM   315  N NH1 . ARG A 1 42  ? -8.963  5.104   -10.917 1.00 41.44 ? 43   ARG A NH1 1 
ATOM   316  N NH2 . ARG A 1 42  ? -10.447 3.450   -10.379 1.00 41.51 ? 43   ARG A NH2 1 
ATOM   317  N N   . CYS A 1 43  ? -5.249  2.578   -4.810  1.00 19.20 ? 44   CYS A N   1 
ATOM   318  C CA  . CYS A 1 43  ? -5.001  2.039   -3.501  1.00 19.88 ? 44   CYS A CA  1 
ATOM   319  C C   . CYS A 1 43  ? -3.663  2.552   -2.985  1.00 19.27 ? 44   CYS A C   1 
ATOM   320  O O   . CYS A 1 43  ? -3.540  2.862   -1.826  1.00 18.42 ? 44   CYS A O   1 
ATOM   321  C CB  . CYS A 1 43  ? -4.904  0.513   -3.517  1.00 21.10 ? 44   CYS A CB  1 
ATOM   322  S SG  . CYS A 1 43  ? -6.338  -0.425  -4.067  1.00 23.15 ? 44   CYS A SG  1 
ATOM   323  N N   . CYS A 1 44  ? -2.619  2.497   -3.820  1.00 19.21 ? 45   CYS A N   1 
ATOM   324  C CA  . CYS A 1 44  ? -1.313  3.039   -3.440  1.00 19.29 ? 45   CYS A CA  1 
ATOM   325  C C   . CYS A 1 44  ? -1.382  4.540   -3.147  1.00 20.18 ? 45   CYS A C   1 
ATOM   326  O O   . CYS A 1 44  ? -0.779  5.025   -2.184  1.00 19.44 ? 45   CYS A O   1 
ATOM   327  C CB  . CYS A 1 44  ? -0.302  2.748   -4.546  1.00 19.44 ? 45   CYS A CB  1 
ATOM   328  S SG  . CYS A 1 44  ? 0.017   0.994   -4.642  1.00 22.55 ? 45   CYS A SG  1 
ATOM   329  N N   . PHE A 1 45  ? -2.077  5.294   -3.999  1.00 20.13 ? 46   PHE A N   1 
ATOM   330  C CA  . PHE A 1 45  ? -2.251  6.709   -3.743  1.00 21.52 ? 46   PHE A CA  1 
ATOM   331  C C   . PHE A 1 45  ? -2.836  6.970   -2.327  1.00 20.54 ? 46   PHE A C   1 
ATOM   332  O O   . PHE A 1 45  ? -2.309  7.765   -1.553  1.00 21.32 ? 46   PHE A O   1 
ATOM   333  C CB  . PHE A 1 45  ? -3.207  7.320   -4.768  1.00 22.28 ? 46   PHE A CB  1 
ATOM   334  C CG  . PHE A 1 45  ? -3.555  8.741   -4.465  1.00 25.00 ? 46   PHE A CG  1 
ATOM   335  C CD1 . PHE A 1 45  ? -2.649  9.750   -4.720  1.00 26.16 ? 46   PHE A CD1 1 
ATOM   336  C CD2 . PHE A 1 45  ? -4.784  9.064   -3.900  1.00 28.73 ? 46   PHE A CD2 1 
ATOM   337  C CE1 . PHE A 1 45  ? -2.937  11.098  -4.421  1.00 29.01 ? 46   PHE A CE1 1 
ATOM   338  C CE2 . PHE A 1 45  ? -5.076  10.396  -3.593  1.00 30.24 ? 46   PHE A CE2 1 
ATOM   339  C CZ  . PHE A 1 45  ? -4.153  11.420  -3.865  1.00 29.04 ? 46   PHE A CZ  1 
ATOM   340  N N   . VAL A 1 46  ? -3.936  6.307   -1.999  1.00 19.74 ? 47   VAL A N   1 
ATOM   341  C CA  . VAL A 1 46  ? -4.549  6.497   -0.682  1.00 19.76 ? 47   VAL A CA  1 
ATOM   342  C C   . VAL A 1 46  ? -3.623  6.033   0.457   1.00 18.83 ? 47   VAL A C   1 
ATOM   343  O O   . VAL A 1 46  ? -3.485  6.687   1.481   1.00 20.09 ? 47   VAL A O   1 
ATOM   344  C CB  . VAL A 1 46  ? -5.915  5.751   -0.588  1.00 20.26 ? 47   VAL A CB  1 
ATOM   345  C CG1 . VAL A 1 46  ? -6.444  5.784   0.884   1.00 18.09 ? 47   VAL A CG1 1 
ATOM   346  C CG2 . VAL A 1 46  ? -6.887  6.362   -1.619  1.00 19.95 ? 47   VAL A CG2 1 
ATOM   347  N N   . HIS A 1 47  ? -2.902  4.957   0.201   1.00 19.03 ? 48   HIS A N   1 
ATOM   348  C CA  . HIS A 1 47  ? -1.876  4.461   1.125   1.00 19.22 ? 48   HIS A CA  1 
ATOM   349  C C   . HIS A 1 47  ? -0.776  5.507   1.381   1.00 19.30 ? 48   HIS A C   1 
ATOM   350  O O   . HIS A 1 47  ? -0.370  5.701   2.532   1.00 19.64 ? 48   HIS A O   1 
ATOM   351  C CB  . HIS A 1 47  ? -1.224  3.124   0.619   1.00 18.85 ? 48   HIS A CB  1 
ATOM   352  C CG  . HIS A 1 47  ? -0.305  2.482   1.624   1.00 20.18 ? 48   HIS A CG  1 
ATOM   353  N ND1 . HIS A 1 47  ? 1.072   2.442   1.458   1.00 19.57 ? 48   HIS A ND1 1 
ATOM   354  C CD2 . HIS A 1 47  ? -0.565  1.867   2.807   1.00 18.62 ? 48   HIS A CD2 1 
ATOM   355  C CE1 . HIS A 1 47  ? 1.611   1.810   2.493   1.00 21.27 ? 48   HIS A CE1 1 
ATOM   356  N NE2 . HIS A 1 47  ? 0.641   1.443   3.321   1.00 20.45 ? 48   HIS A NE2 1 
ATOM   357  N N   . ASP A 1 48  ? -0.320  6.170   0.325   1.00 18.63 ? 49   ASP A N   1 
ATOM   358  C CA  . ASP A 1 48  ? 0.701   7.220   0.481   1.00 19.89 ? 49   ASP A CA  1 
ATOM   359  C C   . ASP A 1 48  ? 0.139   8.365   1.324   1.00 20.39 ? 49   ASP A C   1 
ATOM   360  O O   . ASP A 1 48  ? 0.825   8.911   2.183   1.00 20.15 ? 49   ASP A O   1 
ATOM   361  C CB  . ASP A 1 48  ? 1.148   7.836   -0.874  1.00 20.59 ? 49   ASP A CB  1 
ATOM   362  C CG  . ASP A 1 48  ? 2.086   6.989   -1.707  1.00 26.25 ? 49   ASP A CG  1 
ATOM   363  O OD1 . ASP A 1 48  ? 2.466   5.909   -1.228  1.00 28.19 ? 49   ASP A OD1 1 
ATOM   364  O OD2 . ASP A 1 48  ? 2.423   7.399   -2.834  1.00 30.27 ? 49   ASP A OD2 1 
ATOM   365  N N   . CYS A 1 49  ? -1.136  8.715   1.066   1.00 20.09 ? 50   CYS A N   1 
ATOM   366  C CA  . CYS A 1 49  ? -1.831  9.794   1.774   1.00 21.11 ? 50   CYS A CA  1 
ATOM   367  C C   . CYS A 1 49  ? -1.983  9.404   3.244   1.00 20.71 ? 50   CYS A C   1 
ATOM   368  O O   . CYS A 1 49  ? -1.820  10.243  4.145   1.00 20.28 ? 50   CYS A O   1 
ATOM   369  C CB  . CYS A 1 49  ? -3.222  10.020  1.152   1.00 21.19 ? 50   CYS A CB  1 
ATOM   370  S SG  . CYS A 1 49  ? -3.155  10.807  -0.478  1.00 23.47 ? 50   CYS A SG  1 
ATOM   371  N N   . CYS A 1 50  ? -2.265  8.125   3.476   1.00 19.62 ? 51   CYS A N   1 
ATOM   372  C CA  . CYS A 1 50  ? -2.421  7.641   4.826   1.00 20.46 ? 51   CYS A CA  1 
ATOM   373  C C   . CYS A 1 50  ? -1.113  7.817   5.629   1.00 20.46 ? 51   CYS A C   1 
ATOM   374  O O   . CYS A 1 50  ? -1.141  8.260   6.760   1.00 21.44 ? 51   CYS A O   1 
ATOM   375  C CB  . CYS A 1 50  ? -2.888  6.196   4.836   1.00 19.36 ? 51   CYS A CB  1 
ATOM   376  S SG  . CYS A 1 50  ? -3.647  5.548   6.348   1.00 18.64 ? 51   CYS A SG  1 
ATOM   377  N N   . TYR A 1 51  ? 0.005   7.436   5.041   1.00 20.95 ? 52   TYR A N   1 
ATOM   378  C CA  . TYR A 1 51  ? 1.297   7.586   5.695   1.00 21.92 ? 52   TYR A CA  1 
ATOM   379  C C   . TYR A 1 51  ? 1.562   9.083   5.896   1.00 22.81 ? 52   TYR A C   1 
ATOM   380  O O   . TYR A 1 51  ? 2.110   9.493   6.911   1.00 23.77 ? 52   TYR A O   1 
ATOM   381  C CB  . TYR A 1 51  ? 2.393   7.018   4.785   1.00 20.48 ? 52   TYR A CB  1 
ATOM   382  C CG  . TYR A 1 51  ? 2.648   5.525   4.903   1.00 20.84 ? 52   TYR A CG  1 
ATOM   383  C CD1 . TYR A 1 51  ? 1.856   4.710   5.705   1.00 19.83 ? 52   TYR A CD1 1 
ATOM   384  C CD2 . TYR A 1 51  ? 3.706   4.937   4.225   1.00 22.08 ? 52   TYR A CD2 1 
ATOM   385  C CE1 . TYR A 1 51  ? 2.122   3.341   5.792   1.00 17.28 ? 52   TYR A CE1 1 
ATOM   386  C CE2 . TYR A 1 51  ? 3.973   3.551   4.325   1.00 21.09 ? 52   TYR A CE2 1 
ATOM   387  C CZ  . TYR A 1 51  ? 3.160   2.785   5.115   1.00 18.66 ? 52   TYR A CZ  1 
ATOM   388  O OH  . TYR A 1 51  ? 3.387   1.412   5.256   1.00 21.78 ? 52   TYR A OH  1 
ATOM   389  N N   . GLY A 1 52  ? 1.186   9.871   4.890   1.00 22.61 ? 53   GLY A N   1 
ATOM   390  C CA  . GLY A 1 52  ? 1.358   11.323  4.897   1.00 24.31 ? 53   GLY A CA  1 
ATOM   391  C C   . GLY A 1 52  ? 0.645   12.011  6.047   1.00 24.70 ? 53   GLY A C   1 
ATOM   392  O O   . GLY A 1 52  ? 1.032   13.128  6.422   1.00 25.27 ? 53   GLY A O   1 
ATOM   393  N N   . ASN A 1 53  ? -0.376  11.366  6.597   1.00 24.79 ? 54   ASN A N   1 
ATOM   394  C CA  . ASN A 1 53  ? -1.057  11.831  7.783   1.00 26.63 ? 54   ASN A CA  1 
ATOM   395  C C   . ASN A 1 53  ? -0.232  11.601  9.064   1.00 27.04 ? 54   ASN A C   1 
ATOM   396  O O   . ASN A 1 53  ? -0.657  12.034  10.135  1.00 27.74 ? 54   ASN A O   1 
ATOM   397  C CB  . ASN A 1 53  ? -2.390  11.076  8.028   1.00 27.52 ? 54   ASN A CB  1 
ATOM   398  C CG  . ASN A 1 53  ? -3.458  11.374  6.989   1.00 32.03 ? 54   ASN A CG  1 
ATOM   399  O OD1 . ASN A 1 53  ? -3.515  12.470  6.432   1.00 34.62 ? 54   ASN A OD1 1 
ATOM   400  N ND2 . ASN A 1 53  ? -4.299  10.371  6.706   1.00 30.74 ? 54   ASN A ND2 1 
ATOM   401  N N   . LEU A 1 54  ? 0.896   10.897  8.968   1.00 26.39 ? 55   LEU A N   1 
ATOM   402  C CA  . LEU A 1 54  ? 1.700   10.507  10.145  1.00 27.62 ? 55   LEU A CA  1 
ATOM   403  C C   . LEU A 1 54  ? 3.146   11.029  10.075  1.00 27.43 ? 55   LEU A C   1 
ATOM   404  O O   . LEU A 1 54  ? 4.080   10.258  10.104  1.00 26.49 ? 55   LEU A O   1 
ATOM   405  C CB  . LEU A 1 54  ? 1.782   8.959   10.243  1.00 27.06 ? 55   LEU A CB  1 
ATOM   406  C CG  . LEU A 1 54  ? 0.477   8.194   10.050  1.00 27.86 ? 55   LEU A CG  1 
ATOM   407  C CD1 . LEU A 1 54  ? 0.683   6.702   9.760   1.00 26.91 ? 55   LEU A CD1 1 
ATOM   408  C CD2 . LEU A 1 54  ? -0.339  8.377   11.324  1.00 29.67 ? 55   LEU A CD2 1 
ATOM   409  N N   . PRO A 1 55  ? 3.296   12.332  10.221  1.00 28.70 ? 56   PRO A N   1 
ATOM   410  C CA  . PRO A 1 55  ? 4.648   13.042  10.182  1.00 29.89 ? 56   PRO A CA  1 
ATOM   411  C C   . PRO A 1 55  ? 5.777   12.505  10.998  1.00 30.25 ? 56   PRO A C   1 
ATOM   412  O O   . PRO A 1 55  ? 6.903   12.315  10.549  1.00 30.62 ? 56   PRO A O   1 
ATOM   413  C CB  . PRO A 1 55  ? 4.282   14.450  10.517  1.00 30.69 ? 56   PRO A CB  1 
ATOM   414  C CG  . PRO A 1 55  ? 2.988   14.564  9.778   1.00 30.31 ? 56   PRO A CG  1 
ATOM   415  C CD  . PRO A 1 55  ? 2.314   13.222  9.640   1.00 29.88 ? 56   PRO A CD  1 
ATOM   416  N N   . ASP A 1 56  ? 5.397   12.296  12.267  1.00 30.83 ? 59   ASP A N   1 
ATOM   417  C CA  . ASP A 1 56  ? 6.289   11.890  13.317  1.00 32.57 ? 59   ASP A CA  1 
ATOM   418  C C   . ASP A 1 56  ? 6.344   10.379  13.584  1.00 31.88 ? 59   ASP A C   1 
ATOM   419  O O   . ASP A 1 56  ? 6.702   9.932   14.660  1.00 30.66 ? 59   ASP A O   1 
ATOM   420  C CB  . ASP A 1 56  ? 5.996   12.736  14.572  1.00 33.09 ? 59   ASP A CB  1 
ATOM   421  C CG  . ASP A 1 56  ? 6.154   14.222  14.285  1.00 37.28 ? 59   ASP A CG  1 
ATOM   422  O OD1 . ASP A 1 56  ? 7.158   14.619  13.664  1.00 36.86 ? 59   ASP A OD1 1 
ATOM   423  O OD2 . ASP A 1 56  ? 5.261   14.996  14.689  1.00 42.79 ? 59   ASP A OD2 1 
ATOM   424  N N   . CYS A 1 57  ? 5.983   9.615   12.532  1.00 20.65 ? 61   CYS A N   1 
ATOM   425  C CA  . CYS A 1 57  ? 6.020   8.156   12.506  1.00 19.96 ? 61   CYS A CA  1 
ATOM   426  C C   . CYS A 1 57  ? 6.972   7.680   11.392  1.00 20.54 ? 61   CYS A C   1 
ATOM   427  O O   . CYS A 1 57  ? 7.229   8.438   10.465  1.00 21.36 ? 61   CYS A O   1 
ATOM   428  C CB  . CYS A 1 57  ? 4.621   7.577   12.273  1.00 20.44 ? 61   CYS A CB  1 
ATOM   429  S SG  . CYS A 1 57  ? 3.646   7.339   13.788  1.00 20.30 ? 61   CYS A SG  1 
ATOM   430  N N   . ASN A 1 58  ? 7.504   6.451   11.448  1.00 20.21 ? 67   ASN A N   1 
ATOM   431  C CA  . ASN A 1 58  ? 8.460   5.933   10.525  1.00 23.25 ? 67   ASN A CA  1 
ATOM   432  C C   . ASN A 1 58  ? 7.910   4.620   10.025  1.00 23.93 ? 67   ASN A C   1 
ATOM   433  O O   . ASN A 1 58  ? 8.402   3.581   10.428  1.00 24.50 ? 67   ASN A O   1 
ATOM   434  C CB  . ASN A 1 58  ? 9.795   5.742   11.240  1.00 22.66 ? 67   ASN A CB  1 
ATOM   435  C CG  . ASN A 1 58  ? 10.400  7.074   11.652  1.00 26.43 ? 67   ASN A CG  1 
ATOM   436  O OD1 . ASN A 1 58  ? 10.181  7.571   12.766  1.00 26.11 ? 67   ASN A OD1 1 
ATOM   437  N ND2 . ASN A 1 58  ? 11.053  7.702   10.714  1.00 24.34 ? 67   ASN A ND2 1 
ATOM   438  N N   . PRO A 1 59  ? 6.938   4.691   9.113   1.00 25.60 ? 68   PRO A N   1 
ATOM   439  C CA  . PRO A 1 59  ? 6.167   3.508   8.693   1.00 27.15 ? 68   PRO A CA  1 
ATOM   440  C C   . PRO A 1 59  ? 6.986   2.478   7.954   1.00 28.05 ? 68   PRO A C   1 
ATOM   441  O O   . PRO A 1 59  ? 6.582   1.310   7.907   1.00 28.58 ? 68   PRO A O   1 
ATOM   442  C CB  . PRO A 1 59  ? 5.098   4.059   7.743   1.00 26.88 ? 68   PRO A CB  1 
ATOM   443  C CG  . PRO A 1 59  ? 5.442   5.459   7.444   1.00 28.05 ? 68   PRO A CG  1 
ATOM   444  C CD  . PRO A 1 59  ? 6.530   5.918   8.399   1.00 26.93 ? 68   PRO A CD  1 
ATOM   445  N N   . LYS A 1 60  ? 8.125   2.851   7.394   1.00 27.17 ? 69   LYS A N   1 
ATOM   446  C CA  . LYS A 1 60  ? 8.925   1.880   6.688   1.00 28.00 ? 69   LYS A CA  1 
ATOM   447  C C   . LYS A 1 60  ? 9.693   0.959   7.618   1.00 27.64 ? 69   LYS A C   1 
ATOM   448  O O   . LYS A 1 60  ? 9.983   -0.183  7.263   1.00 26.36 ? 69   LYS A O   1 
ATOM   449  C CB  . LYS A 1 60  ? 9.875   2.605   5.740   1.00 29.34 ? 69   LYS A CB  1 
ATOM   450  C CG  . LYS A 1 60  ? 9.252   2.863   4.375   1.00 33.79 ? 69   LYS A CG  1 
ATOM   451  C CD  . LYS A 1 60  ? 9.893   4.038   3.654   1.00 44.61 ? 69   LYS A CD  1 
ATOM   452  C CE  . LYS A 1 60  ? 9.034   4.462   2.477   1.00 48.96 ? 69   LYS A CE  1 
ATOM   453  N NZ  . LYS A 1 60  ? 9.643   5.596   1.724   1.00 52.71 ? 69   LYS A NZ  1 
ATOM   454  N N   . SER A 1 61  ? 10.035  1.460   8.810   1.00 26.24 ? 70   SER A N   1 
ATOM   455  C CA  . SER A 1 61  ? 10.938  0.734   9.679   1.00 26.55 ? 70   SER A CA  1 
ATOM   456  C C   . SER A 1 61  ? 10.361  0.372   11.001  1.00 25.78 ? 70   SER A C   1 
ATOM   457  O O   . SER A 1 61  ? 10.905  -0.473  11.720  1.00 27.28 ? 70   SER A O   1 
ATOM   458  C CB  . SER A 1 61  ? 12.224  1.566   9.898   1.00 26.72 ? 70   SER A CB  1 
ATOM   459  O OG  . SER A 1 61  ? 11.902  2.939   10.121  1.00 30.43 ? 70   SER A OG  1 
ATOM   460  N N   . ASP A 1 62  ? 9.297   1.028   11.376  1.00 23.99 ? 71   ASP A N   1 
ATOM   461  C CA  . ASP A 1 62  ? 8.636   0.725   12.625  1.00 22.31 ? 71   ASP A CA  1 
ATOM   462  C C   . ASP A 1 62  ? 7.837   -0.564  12.520  1.00 22.27 ? 71   ASP A C   1 
ATOM   463  O O   . ASP A 1 62  ? 6.885   -0.618  11.729  1.00 20.80 ? 71   ASP A O   1 
ATOM   464  C CB  . ASP A 1 62  ? 7.709   1.875   13.024  1.00 21.74 ? 71   ASP A CB  1 
ATOM   465  C CG  . ASP A 1 62  ? 7.405   1.857   14.502  1.00 21.88 ? 71   ASP A CG  1 
ATOM   466  O OD1 . ASP A 1 62  ? 7.700   0.845   15.155  1.00 21.11 ? 71   ASP A OD1 1 
ATOM   467  O OD2 . ASP A 1 62  ? 6.881   2.860   15.018  1.00 19.72 ? 71   ASP A OD2 1 
ATOM   468  N N   . ARG A 1 63  ? 8.153   -1.608  13.288  1.00 21.99 ? 72   ARG A N   1 
ATOM   469  C CA  . ARG A 1 63  ? 7.419   -2.878  13.223  1.00 22.95 ? 72   ARG A CA  1 
ATOM   470  C C   . ARG A 1 63  ? 6.170   -2.860  14.080  1.00 22.85 ? 72   ARG A C   1 
ATOM   471  O O   . ARG A 1 63  ? 6.200   -2.374  15.212  1.00 22.87 ? 72   ARG A O   1 
ATOM   472  C CB  . ARG A 1 63  ? 8.339   -4.036  13.710  1.00 24.38 ? 72   ARG A CB  1 
ATOM   473  C CG  . ARG A 1 63  ? 9.536   -4.271  12.806  1.00 25.74 ? 72   ARG A CG  1 
ATOM   474  C CD  . ARG A 1 63  ? 10.097  -5.690  12.947  1.00 32.46 ? 72   ARG A CD  1 
ATOM   475  N NE  . ARG A 1 63  ? 11.372  -5.859  12.262  1.00 38.72 ? 72   ARG A NE  1 
ATOM   476  C CZ  . ARG A 1 63  ? 12.109  -6.971  12.354  1.00 42.53 ? 72   ARG A CZ  1 
ATOM   477  N NH1 . ARG A 1 63  ? 13.282  -7.060  11.727  1.00 42.17 ? 72   ARG A NH1 1 
ATOM   478  N NH2 . ARG A 1 63  ? 11.656  -7.992  13.077  1.00 39.47 ? 72   ARG A NH2 1 
ATOM   479  N N   . TYR A 1 64  ? 5.048   -3.362  13.540  1.00 22.76 ? 73   TYR A N   1 
ATOM   480  C CA  . TYR A 1 64  ? 3.836   -3.573  14.358  1.00 22.01 ? 73   TYR A CA  1 
ATOM   481  C C   . TYR A 1 64  ? 3.479   -5.085  14.356  1.00 22.52 ? 73   TYR A C   1 
ATOM   482  O O   . TYR A 1 64  ? 4.107   -5.927  13.638  1.00 21.37 ? 73   TYR A O   1 
ATOM   483  C CB  . TYR A 1 64  ? 2.663   -2.727  13.849  1.00 20.81 ? 73   TYR A CB  1 
ATOM   484  C CG  . TYR A 1 64  ? 2.400   -2.941  12.373  1.00 20.87 ? 73   TYR A CG  1 
ATOM   485  C CD1 . TYR A 1 64  ? 1.668   -4.074  11.944  1.00 20.68 ? 73   TYR A CD1 1 
ATOM   486  C CD2 . TYR A 1 64  ? 2.872   -2.060  11.415  1.00 20.85 ? 73   TYR A CD2 1 
ATOM   487  C CE1 . TYR A 1 64  ? 1.414   -4.289  10.533  1.00 21.08 ? 73   TYR A CE1 1 
ATOM   488  C CE2 . TYR A 1 64  ? 2.671   -2.305  10.019  1.00 22.35 ? 73   TYR A CE2 1 
ATOM   489  C CZ  . TYR A 1 64  ? 1.879   -3.391  9.607   1.00 21.68 ? 73   TYR A CZ  1 
ATOM   490  O OH  . TYR A 1 64  ? 1.715   -3.617  8.261   1.00 22.84 ? 73   TYR A OH  1 
ATOM   491  N N   . LYS A 1 65  ? 2.494   -5.449  15.151  1.00 23.24 ? 74   LYS A N   1 
ATOM   492  C CA  . LYS A 1 65  ? 2.058   -6.832  15.115  1.00 26.08 ? 74   LYS A CA  1 
ATOM   493  C C   . LYS A 1 65  ? 0.609   -6.865  14.705  1.00 25.77 ? 74   LYS A C   1 
ATOM   494  O O   . LYS A 1 65  ? -0.158  -5.998  15.090  1.00 24.18 ? 74   LYS A O   1 
ATOM   495  C CB  . LYS A 1 65  ? 2.205   -7.477  16.485  1.00 27.86 ? 74   LYS A CB  1 
ATOM   496  C CG  . LYS A 1 65  ? 3.592   -7.279  17.081  1.00 32.27 ? 74   LYS A CG  1 
ATOM   497  C CD  . LYS A 1 65  ? 4.515   -8.279  16.408  1.00 41.19 ? 74   LYS A CD  1 
ATOM   498  C CE  . LYS A 1 65  ? 5.602   -8.755  17.362  1.00 43.59 ? 74   LYS A CE  1 
ATOM   499  N NZ  . LYS A 1 65  ? 6.595   -9.619  16.627  1.00 46.53 ? 74   LYS A NZ  1 
ATOM   500  N N   . TYR A 1 66  ? 0.247   -7.858  13.895  1.00 26.19 ? 75   TYR A N   1 
ATOM   501  C CA  . TYR A 1 66  ? -1.143  -8.049  13.560  1.00 27.32 ? 75   TYR A CA  1 
ATOM   502  C C   . TYR A 1 66  ? -1.448  -9.545  13.594  1.00 28.71 ? 75   TYR A C   1 
ATOM   503  O O   . TYR A 1 66  ? -0.545  -10.369 13.466  1.00 27.73 ? 75   TYR A O   1 
ATOM   504  C CB  . TYR A 1 66  ? -1.455  -7.491  12.175  1.00 26.19 ? 75   TYR A CB  1 
ATOM   505  C CG  . TYR A 1 66  ? -0.921  -8.282  11.005  1.00 26.65 ? 75   TYR A CG  1 
ATOM   506  C CD1 . TYR A 1 66  ? -1.685  -9.260  10.402  1.00 26.31 ? 75   TYR A CD1 1 
ATOM   507  C CD2 . TYR A 1 66  ? 0.323   -8.007  10.462  1.00 23.59 ? 75   TYR A CD2 1 
ATOM   508  C CE1 . TYR A 1 66  ? -1.223  -9.931  9.308   1.00 26.38 ? 75   TYR A CE1 1 
ATOM   509  C CE2 . TYR A 1 66  ? 0.795   -8.697  9.374   1.00 27.24 ? 75   TYR A CE2 1 
ATOM   510  C CZ  . TYR A 1 66  ? 0.004   -9.663  8.805   1.00 26.34 ? 75   TYR A CZ  1 
ATOM   511  O OH  . TYR A 1 66  ? 0.434   -10.376 7.723   1.00 27.11 ? 75   TYR A OH  1 
ATOM   512  N N   . LYS A 1 67  ? -2.726  -9.860  13.732  1.00 30.01 ? 76   LYS A N   1 
ATOM   513  C CA  . LYS A 1 67  ? -3.154  -11.220 13.775  1.00 32.45 ? 76   LYS A CA  1 
ATOM   514  C C   . LYS A 1 67  ? -4.325  -11.351 12.810  1.00 33.89 ? 76   LYS A C   1 
ATOM   515  O O   . LYS A 1 67  ? -4.862  -10.365 12.292  1.00 33.71 ? 76   LYS A O   1 
ATOM   516  C CB  . LYS A 1 67  ? -3.545  -11.675 15.196  1.00 33.09 ? 76   LYS A CB  1 
ATOM   517  C CG  . LYS A 1 67  ? -4.633  -10.876 15.924  1.00 34.69 ? 76   LYS A CG  1 
ATOM   518  C CD  . LYS A 1 67  ? -4.833  -11.414 17.347  1.00 41.02 ? 76   LYS A CD  1 
ATOM   519  C CE  . LYS A 1 67  ? -5.965  -10.698 18.089  1.00 42.25 ? 76   LYS A CE  1 
ATOM   520  N NZ  . LYS A 1 67  ? -6.153  -11.226 19.468  1.00 46.53 ? 76   LYS A NZ  1 
ATOM   521  N N   . ARG A 1 68  ? -4.707  -12.615 12.559  1.00 36.09 ? 77   ARG A N   1 
ATOM   522  C CA  . ARG A 1 68  ? -5.884  -12.936 11.761  1.00 38.35 ? 77   ARG A CA  1 
ATOM   523  C C   . ARG A 1 68  ? -6.972  -13.538 12.666  1.00 40.09 ? 77   ARG A C   1 
ATOM   524  O O   . ARG A 1 68  ? -6.718  -14.510 13.419  1.00 40.19 ? 77   ARG A O   1 
ATOM   525  C CB  . ARG A 1 68  ? -5.506  -13.900 10.639  1.00 38.18 ? 77   ARG A CB  1 
ATOM   526  C CG  . ARG A 1 68  ? -4.552  -13.297 9.622   1.00 39.23 ? 77   ARG A CG  1 
ATOM   527  C CD  . ARG A 1 68  ? -5.086  -13.192 8.222   1.00 35.44 ? 77   ARG A CD  1 
ATOM   528  N NE  . ARG A 1 68  ? -4.224  -12.473 7.286   1.00 31.16 ? 77   ARG A NE  1 
ATOM   529  C CZ  . ARG A 1 68  ? -4.693  -11.784 6.268   1.00 28.76 ? 77   ARG A CZ  1 
ATOM   530  N NH1 . ARG A 1 68  ? -5.990  -11.701 6.074   1.00 30.85 ? 77   ARG A NH1 1 
ATOM   531  N NH2 . ARG A 1 68  ? -3.881  -11.138 5.475   1.00 26.64 ? 77   ARG A NH2 1 
ATOM   532  N N   . VAL A 1 69  ? -8.164  -12.931 12.625  1.00 41.27 ? 78   VAL A N   1 
ATOM   533  C CA  . VAL A 1 69  ? -9.347  -13.461 13.304  1.00 42.55 ? 78   VAL A CA  1 
ATOM   534  C C   . VAL A 1 69  ? -10.435 -13.759 12.260  1.00 43.23 ? 78   VAL A C   1 
ATOM   535  O O   . VAL A 1 69  ? -11.021 -12.836 11.691  1.00 43.04 ? 78   VAL A O   1 
ATOM   536  C CB  . VAL A 1 69  ? -9.899  -12.495 14.358  1.00 42.86 ? 78   VAL A CB  1 
ATOM   537  C CG1 . VAL A 1 69  ? -11.278 -12.957 14.825  1.00 43.30 ? 78   VAL A CG1 1 
ATOM   538  C CG2 . VAL A 1 69  ? -8.946  -12.397 15.545  1.00 42.49 ? 78   VAL A CG2 1 
ATOM   539  N N   . ASN A 1 70  ? -10.698 -15.046 12.003  1.00 44.62 ? 79   ASN A N   1 
ATOM   540  C CA  . ASN A 1 70  ? -11.716 -15.453 11.003  1.00 45.22 ? 79   ASN A CA  1 
ATOM   541  C C   . ASN A 1 70  ? -11.258 -15.004 9.624   1.00 44.16 ? 79   ASN A C   1 
ATOM   542  O O   . ASN A 1 70  ? -12.078 -14.610 8.798   1.00 44.99 ? 79   ASN A O   1 
ATOM   543  C CB  . ASN A 1 70  ? -13.085 -14.795 11.270  1.00 45.85 ? 79   ASN A CB  1 
ATOM   544  C CG  . ASN A 1 70  ? -13.924 -15.534 12.313  1.00 50.46 ? 79   ASN A CG  1 
ATOM   545  O OD1 . ASN A 1 70  ? -13.899 -16.774 12.406  1.00 55.04 ? 79   ASN A OD1 1 
ATOM   546  N ND2 . ASN A 1 70  ? -14.689 -14.772 13.099  1.00 53.16 ? 79   ASN A ND2 1 
ATOM   547  N N   . GLY A 1 71  ? -9.951  -15.007 9.393   1.00 42.67 ? 80   GLY A N   1 
ATOM   548  C CA  . GLY A 1 71  ? -9.417  -14.501 8.140   1.00 40.48 ? 80   GLY A CA  1 
ATOM   549  C C   . GLY A 1 71  ? -9.167  -12.993 8.116   1.00 38.75 ? 80   GLY A C   1 
ATOM   550  O O   . GLY A 1 71  ? -8.390  -12.504 7.319   1.00 38.65 ? 80   GLY A O   1 
ATOM   551  N N   . ALA A 1 72  ? -9.805  -12.267 9.024   1.00 37.42 ? 81   ALA A N   1 
ATOM   552  C CA  . ALA A 1 72  ? -9.733  -10.810 9.041   1.00 35.41 ? 81   ALA A CA  1 
ATOM   553  C C   . ALA A 1 72  ? -8.440  -10.292 9.666   1.00 33.48 ? 81   ALA A C   1 
ATOM   554  O O   . ALA A 1 72  ? -7.988  -10.831 10.651  1.00 33.54 ? 81   ALA A O   1 
ATOM   555  C CB  . ALA A 1 72  ? -10.907 -10.268 9.804   1.00 35.46 ? 81   ALA A CB  1 
ATOM   556  N N   . ILE A 1 73  ? -7.879  -9.224  9.121   1.00 30.56 ? 82   ILE A N   1 
ATOM   557  C CA  . ILE A 1 73  ? -6.664  -8.647  9.687   1.00 27.80 ? 82   ILE A CA  1 
ATOM   558  C C   . ILE A 1 73  ? -7.036  -7.835  10.926  1.00 27.09 ? 82   ILE A C   1 
ATOM   559  O O   . ILE A 1 73  ? -7.916  -6.954  10.878  1.00 26.60 ? 82   ILE A O   1 
ATOM   560  C CB  . ILE A 1 73  ? -5.987  -7.698  8.654   1.00 26.75 ? 82   ILE A CB  1 
ATOM   561  C CG1 . ILE A 1 73  ? -5.485  -8.478  7.450   1.00 27.29 ? 82   ILE A CG1 1 
ATOM   562  C CG2 . ILE A 1 73  ? -4.772  -6.972  9.280   1.00 25.78 ? 82   ILE A CG2 1 
ATOM   563  C CD1 . ILE A 1 73  ? -5.092  -7.575  6.275   1.00 26.88 ? 82   ILE A CD1 1 
ATOM   564  N N   . VAL A 1 74  ? -6.374  -8.102  12.046  1.00 25.64 ? 83   VAL A N   1 
ATOM   565  C CA  . VAL A 1 74  ? -6.611  -7.344  13.278  1.00 26.66 ? 83   VAL A CA  1 
ATOM   566  C C   . VAL A 1 74  ? -5.268  -6.755  13.778  1.00 25.78 ? 83   VAL A C   1 
ATOM   567  O O   . VAL A 1 74  ? -4.364  -7.522  14.102  1.00 25.81 ? 83   VAL A O   1 
ATOM   568  C CB  . VAL A 1 74  ? -7.120  -8.189  14.395  1.00 26.96 ? 83   VAL A CB  1 
ATOM   569  C CG1 . VAL A 1 74  ? -7.407  -7.295  15.547  1.00 28.52 ? 83   VAL A CG1 1 
ATOM   570  C CG2 . VAL A 1 74  ? -8.446  -8.937  13.949  1.00 28.68 ? 83   VAL A CG2 1 
ATOM   571  N N   . CYS A 1 75  ? -5.151  -5.424  13.831  1.00 25.99 ? 84   CYS A N   1 
ATOM   572  C CA  . CYS A 1 75  ? -3.933  -4.776  14.315  1.00 25.69 ? 84   CYS A CA  1 
ATOM   573  C C   . CYS A 1 75  ? -3.869  -4.894  15.837  1.00 26.85 ? 84   CYS A C   1 
ATOM   574  O O   . CYS A 1 75  ? -4.814  -4.516  16.527  1.00 26.65 ? 84   CYS A O   1 
ATOM   575  C CB  . CYS A 1 75  ? -3.914  -3.302  13.912  1.00 24.95 ? 84   CYS A CB  1 
ATOM   576  S SG  . CYS A 1 75  ? -3.774  -3.064  12.135  1.00 24.69 ? 84   CYS A SG  1 
ATOM   577  N N   . GLU A 1 76  ? -2.751  -5.388  16.355  1.00 27.76 ? 85   GLU A N   1 
ATOM   578  C CA  . GLU A 1 76  ? -2.570  -5.524  17.813  1.00 30.08 ? 85   GLU A CA  1 
ATOM   579  C C   . GLU A 1 76  ? -2.044  -4.239  18.445  1.00 29.82 ? 85   GLU A C   1 
ATOM   580  O O   . GLU A 1 76  ? -1.428  -3.424  17.783  1.00 29.62 ? 85   GLU A O   1 
ATOM   581  C CB  . GLU A 1 76  ? -1.628  -6.678  18.105  1.00 30.60 ? 85   GLU A CB  1 
ATOM   582  C CG  . GLU A 1 76  ? -2.311  -7.969  17.735  1.00 37.29 ? 85   GLU A CG  1 
ATOM   583  C CD  . GLU A 1 76  ? -1.537  -9.178  18.145  1.00 42.78 ? 85   GLU A CD  1 
ATOM   584  O OE1 . GLU A 1 76  ? -0.387  -9.314  17.690  1.00 47.83 ? 85   GLU A OE1 1 
ATOM   585  O OE2 . GLU A 1 76  ? -2.099  -9.995  18.896  1.00 47.45 ? 85   GLU A OE2 1 
ATOM   586  N N   . LYS A 1 77  ? -2.296  -4.067  19.721  1.00 29.43 ? 86   LYS A N   1 
ATOM   587  C CA  . LYS A 1 77  ? -1.929  -2.851  20.386  1.00 30.58 ? 86   LYS A CA  1 
ATOM   588  C C   . LYS A 1 77  ? -0.428  -2.686  20.453  1.00 29.08 ? 86   LYS A C   1 
ATOM   589  O O   . LYS A 1 77  ? 0.278   -3.549  20.931  1.00 27.99 ? 86   LYS A O   1 
ATOM   590  C CB  . LYS A 1 77  ? -2.485  -2.865  21.793  1.00 31.58 ? 86   LYS A CB  1 
ATOM   591  C CG  . LYS A 1 77  ? -2.977  -1.522  22.251  1.00 37.30 ? 86   LYS A CG  1 
ATOM   592  C CD  . LYS A 1 77  ? -3.297  -1.605  23.724  1.00 43.31 ? 86   LYS A CD  1 
ATOM   593  C CE  . LYS A 1 77  ? -2.023  -1.475  24.517  1.00 46.18 ? 86   LYS A CE  1 
ATOM   594  N NZ  . LYS A 1 77  ? -1.647  -0.044  24.638  1.00 47.63 ? 86   LYS A NZ  1 
ATOM   595  N N   . GLY A 1 78  ? 0.178   -1.482  19.975  1.00 23.13 ? 88   GLY A N   1 
ATOM   596  C CA  . GLY A 1 78  ? 1.575   -1.114  20.091  1.00 23.32 ? 88   GLY A CA  1 
ATOM   597  C C   . GLY A 1 78  ? 1.569   0.339   20.471  1.00 22.53 ? 88   GLY A C   1 
ATOM   598  O O   . GLY A 1 78  ? 0.687   0.814   21.180  1.00 23.50 ? 88   GLY A O   1 
ATOM   599  N N   . THR A 1 79  ? 2.584   1.048   20.022  1.00 22.80 ? 89   THR A N   1 
ATOM   600  C CA  . THR A 1 79  ? 2.593   2.474   20.236  1.00 21.89 ? 89   THR A CA  1 
ATOM   601  C C   . THR A 1 79  ? 1.528   3.071   19.313  1.00 22.48 ? 89   THR A C   1 
ATOM   602  O O   . THR A 1 79  ? 0.956   2.396   18.417  1.00 21.01 ? 89   THR A O   1 
ATOM   603  C CB  . THR A 1 79  ? 3.952   3.037   19.861  1.00 21.88 ? 89   THR A CB  1 
ATOM   604  O OG1 . THR A 1 79  ? 4.180   2.799   18.463  1.00 18.38 ? 89   THR A OG1 1 
ATOM   605  C CG2 . THR A 1 79  ? 5.086   2.272   20.629  1.00 20.25 ? 89   THR A CG2 1 
ATOM   606  N N   . SER A 1 80  ? 1.235   4.323   19.574  1.00 21.74 ? 90   SER A N   1 
ATOM   607  C CA  . SER A 1 80  ? 0.318   5.082   18.749  1.00 22.75 ? 90   SER A CA  1 
ATOM   608  C C   . SER A 1 80  ? 0.707   4.998   17.249  1.00 20.82 ? 90   SER A C   1 
ATOM   609  O O   . SER A 1 80  ? -0.143  4.713   16.405  1.00 19.01 ? 90   SER A O   1 
ATOM   610  C CB  . SER A 1 80  ? 0.324   6.535   19.253  1.00 23.68 ? 90   SER A CB  1 
ATOM   611  O OG  . SER A 1 80  ? -0.685  7.250   18.612  1.00 32.43 ? 90   SER A OG  1 
ATOM   612  N N   . CYS A 1 81  ? 1.975   5.265   16.924  1.00 19.27 ? 91   CYS A N   1 
ATOM   613  C CA  . CYS A 1 81  ? 2.470   5.175   15.547  1.00 19.64 ? 91   CYS A CA  1 
ATOM   614  C C   . CYS A 1 81  ? 2.235   3.788   14.957  1.00 18.34 ? 91   CYS A C   1 
ATOM   615  O O   . CYS A 1 81  ? 1.715   3.662   13.858  1.00 18.46 ? 91   CYS A O   1 
ATOM   616  C CB  . CYS A 1 81  ? 3.979   5.527   15.436  1.00 19.23 ? 91   CYS A CB  1 
ATOM   617  S SG  . CYS A 1 81  ? 4.248   7.346   15.342  1.00 20.35 ? 91   CYS A SG  1 
ATOM   618  N N   . GLU A 1 82  ? 2.629   2.730   15.696  1.00 17.99 ? 92   GLU A N   1 
ATOM   619  C CA  . GLU A 1 82  ? 2.457   1.361   15.240  1.00 18.83 ? 92   GLU A CA  1 
ATOM   620  C C   . GLU A 1 82  ? 0.984   1.031   14.928  1.00 19.28 ? 92   GLU A C   1 
ATOM   621  O O   . GLU A 1 82  ? 0.682   0.333   13.959  1.00 20.83 ? 92   GLU A O   1 
ATOM   622  C CB  . GLU A 1 82  ? 3.048   0.374   16.286  1.00 18.38 ? 92   GLU A CB  1 
ATOM   623  C CG  . GLU A 1 82  ? 4.584   0.108   16.246  1.00 17.47 ? 92   GLU A CG  1 
ATOM   624  C CD  . GLU A 1 82  ? 5.238   -0.260  17.593  1.00 19.36 ? 92   GLU A CD  1 
ATOM   625  O OE1 . GLU A 1 82  ? 4.517   -0.817  18.466  1.00 21.31 ? 92   GLU A OE1 1 
ATOM   626  O OE2 . GLU A 1 82  ? 6.458   -0.004  17.765  1.00 21.34 ? 92   GLU A OE2 1 
ATOM   627  N N   . ASN A 1 83  ? 0.078   1.523   15.753  1.00 19.24 ? 93   ASN A N   1 
ATOM   628  C CA  . ASN A 1 83  ? -1.363  1.256   15.518  1.00 20.54 ? 93   ASN A CA  1 
ATOM   629  C C   . ASN A 1 83  ? -1.834  1.913   14.209  1.00 19.77 ? 93   ASN A C   1 
ATOM   630  O O   . ASN A 1 83  ? -2.538  1.330   13.381  1.00 18.92 ? 93   ASN A O   1 
ATOM   631  C CB  . ASN A 1 83  ? -2.208  1.808   16.659  1.00 21.56 ? 93   ASN A CB  1 
ATOM   632  C CG  . ASN A 1 83  ? -1.922  1.134   18.020  1.00 25.54 ? 93   ASN A CG  1 
ATOM   633  O OD1 . ASN A 1 83  ? -1.358  0.046   18.097  1.00 25.40 ? 93   ASN A OD1 1 
ATOM   634  N ND2 . ASN A 1 83  ? -2.288  1.842   19.112  1.00 25.27 ? 93   ASN A ND2 1 
ATOM   635  N N   . ARG A 1 84  ? -1.413  3.144   14.016  1.00 17.93 ? 94   ARG A N   1 
ATOM   636  C CA  . ARG A 1 84  ? -1.914  3.918   12.928  1.00 19.21 ? 94   ARG A CA  1 
ATOM   637  C C   . ARG A 1 84  ? -1.256  3.428   11.636  1.00 19.65 ? 94   ARG A C   1 
ATOM   638  O O   . ARG A 1 84  ? -1.891  3.367   10.585  1.00 19.79 ? 94   ARG A O   1 
ATOM   639  C CB  . ARG A 1 84  ? -1.660  5.407   13.120  1.00 19.52 ? 94   ARG A CB  1 
ATOM   640  C CG  . ARG A 1 84  ? -2.612  5.966   14.226  1.00 20.39 ? 94   ARG A CG  1 
ATOM   641  C CD  . ARG A 1 84  ? -2.030  7.363   14.730  1.00 28.03 ? 94   ARG A CD  1 
ATOM   642  N NE  . ARG A 1 84  ? -2.442  8.483   13.877  1.00 35.38 ? 94   ARG A NE  1 
ATOM   643  C CZ  . ARG A 1 84  ? -1.815  9.664   13.836  1.00 36.99 ? 94   ARG A CZ  1 
ATOM   644  N NH1 . ARG A 1 84  ? -0.728  9.881   14.599  1.00 32.43 ? 94   ARG A NH1 1 
ATOM   645  N NH2 . ARG A 1 84  ? -2.282  10.622  13.039  1.00 35.17 ? 94   ARG A NH2 1 
ATOM   646  N N   . ILE A 1 85  ? 0.017   3.088   11.694  1.00 17.73 ? 95   ILE A N   1 
ATOM   647  C CA  . ILE A 1 85  ? 0.665   2.490   10.538  1.00 18.03 ? 95   ILE A CA  1 
ATOM   648  C C   . ILE A 1 85  ? -0.001  1.149   10.113  1.00 18.32 ? 95   ILE A C   1 
ATOM   649  O O   . ILE A 1 85  ? -0.252  0.931   8.925   1.00 18.46 ? 95   ILE A O   1 
ATOM   650  C CB  . ILE A 1 85  ? 2.178   2.227   10.848  1.00 18.57 ? 95   ILE A CB  1 
ATOM   651  C CG1 . ILE A 1 85  ? 2.936   3.551   10.964  1.00 19.62 ? 95   ILE A CG1 1 
ATOM   652  C CG2 . ILE A 1 85  ? 2.819   1.416   9.726   1.00 17.59 ? 95   ILE A CG2 1 
ATOM   653  C CD1 . ILE A 1 85  ? 4.299   3.346   11.651  1.00 20.72 ? 95   ILE A CD1 1 
ATOM   654  N N   . CYS A 1 86  ? -0.204  0.229   11.030  1.00 17.79 ? 96   CYS A N   1 
ATOM   655  C CA  . CYS A 1 86  ? -0.902  -0.979  10.731  1.00 17.90 ? 96   CYS A CA  1 
ATOM   656  C C   . CYS A 1 86  ? -2.289  -0.730  10.033  1.00 17.83 ? 96   CYS A C   1 
ATOM   657  O O   . CYS A 1 86  ? -2.642  -1.459  9.069   1.00 16.38 ? 96   CYS A O   1 
ATOM   658  C CB  . CYS A 1 86  ? -1.043  -1.793  12.019  1.00 18.04 ? 96   CYS A CB  1 
ATOM   659  S SG  . CYS A 1 86  ? -1.822  -3.390  11.737  1.00 20.34 ? 96   CYS A SG  1 
ATOM   660  N N   . GLU A 1 87  ? -3.085  0.220   10.541  1.00 17.20 ? 97   GLU A N   1 
ATOM   661  C CA  . GLU A 1 87  ? -4.392  0.528   9.911   1.00 18.71 ? 97   GLU A CA  1 
ATOM   662  C C   . GLU A 1 87  ? -4.220  1.006   8.444   1.00 18.82 ? 97   GLU A C   1 
ATOM   663  O O   . GLU A 1 87  ? -5.007  0.567   7.596   1.00 18.44 ? 97   GLU A O   1 
ATOM   664  C CB  . GLU A 1 87  ? -5.272  1.525   10.719  1.00 19.73 ? 97   GLU A CB  1 
ATOM   665  C CG  . GLU A 1 87  ? -5.759  1.016   12.100  1.00 23.25 ? 97   GLU A CG  1 
ATOM   666  C CD  . GLU A 1 87  ? -6.743  -0.132  11.980  1.00 26.22 ? 97   GLU A CD  1 
ATOM   667  O OE1 . GLU A 1 87  ? -7.360  -0.251  10.911  1.00 28.80 ? 97   GLU A OE1 1 
ATOM   668  O OE2 . GLU A 1 87  ? -6.853  -0.956  12.912  1.00 29.92 ? 97   GLU A OE2 1 
ATOM   669  N N   . CYS A 1 88  ? -3.233  1.884   8.141   1.00 17.55 ? 98   CYS A N   1 
ATOM   670  C CA  . CYS A 1 88  ? -2.946  2.268   6.743   1.00 17.86 ? 98   CYS A CA  1 
ATOM   671  C C   . CYS A 1 88  ? -2.657  1.039   5.842   1.00 17.88 ? 98   CYS A C   1 
ATOM   672  O O   . CYS A 1 88  ? -3.178  0.940   4.702   1.00 17.09 ? 98   CYS A O   1 
ATOM   673  C CB  . CYS A 1 88  ? -1.683  3.152   6.671   1.00 16.85 ? 98   CYS A CB  1 
ATOM   674  S SG  . CYS A 1 88  ? -2.055  4.823   7.369   1.00 19.99 ? 98   CYS A SG  1 
ATOM   675  N N   . ASP A 1 89  ? -1.790  0.151   6.336   1.00 16.77 ? 99   ASP A N   1 
ATOM   676  C CA  . ASP A 1 89  ? -1.303  -1.019  5.580   1.00 16.67 ? 99   ASP A CA  1 
ATOM   677  C C   . ASP A 1 89  ? -2.483  -2.016  5.394   1.00 17.88 ? 99   ASP A C   1 
ATOM   678  O O   . ASP A 1 89  ? -2.665  -2.541  4.317   1.00 18.59 ? 99   ASP A O   1 
ATOM   679  C CB  . ASP A 1 89  ? -0.195  -1.726  6.376   1.00 16.20 ? 99   ASP A CB  1 
ATOM   680  C CG  . ASP A 1 89  ? 1.150   -0.996  6.266   1.00 17.08 ? 99   ASP A CG  1 
ATOM   681  O OD1 . ASP A 1 89  ? 1.263   0.116   5.654   1.00 18.34 ? 99   ASP A OD1 1 
ATOM   682  O OD2 . ASP A 1 89  ? 2.161   -1.480  6.819   1.00 19.46 ? 99   ASP A OD2 1 
ATOM   683  N N   . LYS A 1 90  ? -3.237  -2.261  6.452   1.00 18.13 ? 100  LYS A N   1 
ATOM   684  C CA  . LYS A 1 90  ? -4.415  -3.155  6.420   1.00 17.96 ? 100  LYS A CA  1 
ATOM   685  C C   . LYS A 1 90  ? -5.394  -2.693  5.312   1.00 18.96 ? 100  LYS A C   1 
ATOM   686  O O   . LYS A 1 90  ? -5.885  -3.544  4.524   1.00 19.11 ? 100  LYS A O   1 
ATOM   687  C CB  . LYS A 1 90  ? -5.119  -3.174  7.778   1.00 18.48 ? 100  LYS A CB  1 
ATOM   688  C CG  . LYS A 1 90  ? -6.535  -3.811  7.771   1.00 18.03 ? 100  LYS A CG  1 
ATOM   689  C CD  . LYS A 1 90  ? -7.251  -3.746  9.151   1.00 22.53 ? 100  LYS A CD  1 
ATOM   690  C CE  . LYS A 1 90  ? -8.662  -4.326  9.024   1.00 25.67 ? 100  LYS A CE  1 
ATOM   691  N NZ  . LYS A 1 90  ? -9.263  -4.645  10.390  1.00 27.92 ? 100  LYS A NZ  1 
ATOM   692  N N   . ALA A 1 91  ? -5.687  -1.377  5.272   1.00 16.87 ? 101  ALA A N   1 
ATOM   693  C CA  . ALA A 1 91  ? -6.577  -0.809  4.260   1.00 17.70 ? 101  ALA A CA  1 
ATOM   694  C C   . ALA A 1 91  ? -6.007  -1.028  2.840   1.00 17.53 ? 101  ALA A C   1 
ATOM   695  O O   . ALA A 1 91  ? -6.727  -1.374  1.929   1.00 17.22 ? 101  ALA A O   1 
ATOM   696  C CB  . ALA A 1 91  ? -6.792  0.715   4.523   1.00 16.27 ? 101  ALA A CB  1 
ATOM   697  N N   . ALA A 1 92  ? -4.731  -0.762  2.645   1.00 16.57 ? 102  ALA A N   1 
ATOM   698  C CA  . ALA A 1 92  ? -4.119  -1.017  1.351   1.00 17.39 ? 102  ALA A CA  1 
ATOM   699  C C   . ALA A 1 92  ? -4.203  -2.517  0.928   1.00 18.52 ? 102  ALA A C   1 
ATOM   700  O O   . ALA A 1 92  ? -4.463  -2.800  -0.240  1.00 17.43 ? 102  ALA A O   1 
ATOM   701  C CB  . ALA A 1 92  ? -2.644  -0.515  1.320   1.00 18.21 ? 102  ALA A CB  1 
ATOM   702  N N   . ALA A 1 93  ? -3.919  -3.435  1.855   1.00 18.94 ? 103  ALA A N   1 
ATOM   703  C CA  . ALA A 1 93  ? -3.919  -4.870  1.539   1.00 20.86 ? 103  ALA A CA  1 
ATOM   704  C C   . ALA A 1 93  ? -5.320  -5.282  1.086   1.00 21.58 ? 103  ALA A C   1 
ATOM   705  O O   . ALA A 1 93  ? -5.467  -5.988  0.109   1.00 21.90 ? 103  ALA A O   1 
ATOM   706  C CB  . ALA A 1 93  ? -3.481  -5.705  2.746   1.00 21.57 ? 103  ALA A CB  1 
ATOM   707  N N   . ILE A 1 94  ? -6.338  -4.837  1.800   1.00 21.27 ? 104  ILE A N   1 
ATOM   708  C CA  . ILE A 1 94  ? -7.726  -5.102  1.407   1.00 21.78 ? 104  ILE A CA  1 
ATOM   709  C C   . ILE A 1 94  ? -8.071  -4.444  0.054   1.00 21.54 ? 104  ILE A C   1 
ATOM   710  O O   . ILE A 1 94  ? -8.741  -5.051  -0.811  1.00 20.53 ? 104  ILE A O   1 
ATOM   711  C CB  . ILE A 1 94  ? -8.657  -4.592  2.514   1.00 22.30 ? 104  ILE A CB  1 
ATOM   712  C CG1 . ILE A 1 94  ? -8.559  -5.538  3.708   1.00 26.06 ? 104  ILE A CG1 1 
ATOM   713  C CG2 . ILE A 1 94  ? -10.144 -4.430  2.041   1.00 21.76 ? 104  ILE A CG2 1 
ATOM   714  C CD1 . ILE A 1 94  ? -8.990  -4.895  5.068   1.00 32.75 ? 104  ILE A CD1 1 
ATOM   715  N N   . CYS A 1 95  ? -7.648  -3.192  -0.113  1.00 20.11 ? 105  CYS A N   1 
ATOM   716  C CA  . CYS A 1 95  ? -7.877  -2.483  -1.370  1.00 20.70 ? 105  CYS A CA  1 
ATOM   717  C C   . CYS A 1 95  ? -7.257  -3.283  -2.539  1.00 20.46 ? 105  CYS A C   1 
ATOM   718  O O   . CYS A 1 95  ? -7.870  -3.401  -3.639  1.00 19.09 ? 105  CYS A O   1 
ATOM   719  C CB  . CYS A 1 95  ? -7.340  -1.050  -1.310  1.00 18.72 ? 105  CYS A CB  1 
ATOM   720  S SG  . CYS A 1 95  ? -7.765  0.006   -2.687  1.00 21.94 ? 105  CYS A SG  1 
ATOM   721  N N   . PHE A 1 96  ? -6.031  -3.775  -2.345  1.00 19.76 ? 106  PHE A N   1 
ATOM   722  C CA  . PHE A 1 96  ? -5.404  -4.597  -3.399  1.00 21.54 ? 106  PHE A CA  1 
ATOM   723  C C   . PHE A 1 96  ? -6.223  -5.869  -3.701  1.00 22.11 ? 106  PHE A C   1 
ATOM   724  O O   . PHE A 1 96  ? -6.387  -6.240  -4.841  1.00 22.87 ? 106  PHE A O   1 
ATOM   725  C CB  . PHE A 1 96  ? -4.006  -5.069  -2.990  1.00 20.88 ? 106  PHE A CB  1 
ATOM   726  C CG  . PHE A 1 96  ? -2.976  -3.975  -2.965  1.00 20.71 ? 106  PHE A CG  1 
ATOM   727  C CD1 . PHE A 1 96  ? -3.074  -2.851  -3.787  1.00 17.79 ? 106  PHE A CD1 1 
ATOM   728  C CD2 . PHE A 1 96  ? -1.914  -4.078  -2.095  1.00 22.95 ? 106  PHE A CD2 1 
ATOM   729  C CE1 . PHE A 1 96  ? -2.066  -1.866  -3.718  1.00 22.99 ? 106  PHE A CE1 1 
ATOM   730  C CE2 . PHE A 1 96  ? -0.936  -3.119  -2.043  1.00 23.67 ? 106  PHE A CE2 1 
ATOM   731  C CZ  . PHE A 1 96  ? -0.989  -2.044  -2.822  1.00 21.06 ? 106  PHE A CZ  1 
ATOM   732  N N   . ARG A 1 97  ? -6.691  -6.544  -2.656  1.00 23.22 ? 107  ARG A N   1 
ATOM   733  C CA  . ARG A 1 97  ? -7.482  -7.750  -2.809  1.00 24.95 ? 107  ARG A CA  1 
ATOM   734  C C   . ARG A 1 97  ? -8.801  -7.402  -3.535  1.00 26.35 ? 107  ARG A C   1 
ATOM   735  O O   . ARG A 1 97  ? -9.281  -8.167  -4.407  1.00 26.45 ? 107  ARG A O   1 
ATOM   736  C CB  . ARG A 1 97  ? -7.719  -8.411  -1.416  1.00 24.69 ? 107  ARG A CB  1 
ATOM   737  C CG  . ARG A 1 97  ? -8.693  -9.575  -1.417  1.00 24.86 ? 107  ARG A CG  1 
ATOM   738  C CD  . ARG A 1 97  ? -8.179  -10.637 -2.358  1.00 27.86 ? 107  ARG A CD  1 
ATOM   739  N NE  . ARG A 1 97  ? -9.037  -11.816 -2.389  1.00 32.52 ? 107  ARG A NE  1 
ATOM   740  C CZ  . ARG A 1 97  ? -9.787  -12.127 -3.441  1.00 35.74 ? 107  ARG A CZ  1 
ATOM   741  N NH1 . ARG A 1 97  ? -10.548 -13.224 -3.424  1.00 35.32 ? 107  ARG A NH1 1 
ATOM   742  N NH2 . ARG A 1 97  ? -9.767  -11.330 -4.513  1.00 31.14 ? 107  ARG A NH2 1 
ATOM   743  N N   . GLN A 1 98  ? -9.390  -6.248  -3.220  1.00 26.69 ? 108  GLN A N   1 
ATOM   744  C CA  . GLN A 1 98  ? -10.635 -5.832  -3.854  1.00 27.83 ? 108  GLN A CA  1 
ATOM   745  C C   . GLN A 1 98  ? -10.500 -5.529  -5.362  1.00 27.88 ? 108  GLN A C   1 
ATOM   746  O O   . GLN A 1 98  ? -11.472 -5.604  -6.123  1.00 28.00 ? 108  GLN A O   1 
ATOM   747  C CB  . GLN A 1 98  ? -11.214 -4.620  -3.071  1.00 28.22 ? 108  GLN A CB  1 
ATOM   748  C CG  . GLN A 1 98  ? -12.607 -4.210  -3.428  1.00 35.44 ? 108  GLN A CG  1 
ATOM   749  C CD  . GLN A 1 98  ? -13.270 -3.306  -2.352  1.00 40.67 ? 108  GLN A CD  1 
ATOM   750  O OE1 . GLN A 1 98  ? -12.672 -2.964  -1.328  1.00 43.58 ? 108  GLN A OE1 1 
ATOM   751  N NE2 . GLN A 1 98  ? -14.496 -2.930  -2.607  1.00 45.22 ? 108  GLN A NE2 1 
ATOM   752  N N   . ASN A 1 99  ? -9.294  -5.184  -5.785  1.00 26.29 ? 109  ASN A N   1 
ATOM   753  C CA  . ASN A 1 99  ? -9.113  -4.751  -7.142  1.00 27.26 ? 109  ASN A CA  1 
ATOM   754  C C   . ASN A 1 99  ? -8.209  -5.658  -7.956  1.00 27.30 ? 109  ASN A C   1 
ATOM   755  O O   . ASN A 1 99  ? -7.678  -5.264  -9.004  1.00 28.00 ? 109  ASN A O   1 
ATOM   756  C CB  . ASN A 1 99  ? -8.596  -3.314  -7.132  1.00 26.70 ? 109  ASN A CB  1 
ATOM   757  C CG  . ASN A 1 99  ? -9.652  -2.356  -6.659  1.00 28.34 ? 109  ASN A CG  1 
ATOM   758  O OD1 . ASN A 1 99  ? -10.674 -2.150  -7.334  1.00 24.77 ? 109  ASN A OD1 1 
ATOM   759  N ND2 . ASN A 1 99  ? -9.417  -1.750  -5.495  1.00 29.69 ? 109  ASN A ND2 1 
ATOM   760  N N   . LEU A 1 100 ? -8.054  -6.867  -7.451  1.00 28.17 ? 110  LEU A N   1 
ATOM   761  C CA  . LEU A 1 100 ? -7.200  -7.869  -8.045  1.00 31.48 ? 110  LEU A CA  1 
ATOM   762  C C   . LEU A 1 100 ? -7.634  -8.261  -9.460  1.00 32.90 ? 110  LEU A C   1 
ATOM   763  O O   . LEU A 1 100 ? -6.775  -8.573  -10.292 1.00 33.02 ? 110  LEU A O   1 
ATOM   764  C CB  . LEU A 1 100 ? -7.181  -9.091  -7.158  1.00 31.70 ? 110  LEU A CB  1 
ATOM   765  C CG  . LEU A 1 100 ? -5.886  -9.888  -7.188  1.00 35.09 ? 110  LEU A CG  1 
ATOM   766  C CD1 . LEU A 1 100 ? -4.589  -9.042  -7.263  1.00 36.62 ? 110  LEU A CD1 1 
ATOM   767  C CD2 . LEU A 1 100 ? -5.879  -10.853 -5.995  1.00 35.66 ? 110  LEU A CD2 1 
ATOM   768  N N   . ASN A 1 101 ? -8.940  -8.178  -9.740  1.00 33.59 ? 111  ASN A N   1 
ATOM   769  C CA  . ASN A 1 101 ? -9.473  -8.526  -11.048 1.00 35.58 ? 111  ASN A CA  1 
ATOM   770  C C   . ASN A 1 101 ? -8.972  -7.602  -12.150 1.00 35.55 ? 111  ASN A C   1 
ATOM   771  O O   . ASN A 1 101 ? -8.834  -8.038  -13.298 1.00 37.09 ? 111  ASN A O   1 
ATOM   772  C CB  . ASN A 1 101 ? -11.050 -8.593  -11.059 1.00 36.01 ? 111  ASN A CB  1 
ATOM   773  C CG  . ASN A 1 101 ? -11.757 -7.328  -10.459 1.00 41.20 ? 111  ASN A CG  1 
ATOM   774  O OD1 . ASN A 1 101 ? -11.111 -6.415  -9.879  1.00 46.94 ? 111  ASN A OD1 1 
ATOM   775  N ND2 . ASN A 1 101 ? -13.104 -7.312  -10.553 1.00 44.25 ? 111  ASN A ND2 1 
ATOM   776  N N   . THR A 1 102 ? -8.723  -6.341  -11.815 1.00 34.08 ? 112  THR A N   1 
ATOM   777  C CA  . THR A 1 102 ? -8.277  -5.380  -12.802 1.00 32.46 ? 112  THR A CA  1 
ATOM   778  C C   . THR A 1 102 ? -6.775  -5.092  -12.756 1.00 31.74 ? 112  THR A C   1 
ATOM   779  O O   . THR A 1 102 ? -6.330  -4.222  -13.465 1.00 30.82 ? 112  THR A O   1 
ATOM   780  C CB  . THR A 1 102 ? -9.014  -4.053  -12.692 1.00 31.79 ? 112  THR A CB  1 
ATOM   781  O OG1 . THR A 1 102 ? -8.757  -3.473  -11.403 1.00 31.94 ? 112  THR A OG1 1 
ATOM   782  C CG2 . THR A 1 102 ? -10.554 -4.240  -12.753 1.00 33.38 ? 112  THR A CG2 1 
ATOM   783  N N   . TYR A 1 103 ? -6.029  -5.771  -11.898 1.00 31.67 ? 113  TYR A N   1 
ATOM   784  C CA  . TYR A 1 103 ? -4.571  -5.625  -11.871 1.00 32.96 ? 113  TYR A CA  1 
ATOM   785  C C   . TYR A 1 103 ? -4.046  -5.863  -13.304 1.00 34.10 ? 113  TYR A C   1 
ATOM   786  O O   . TYR A 1 103 ? -4.370  -6.895  -13.888 1.00 34.39 ? 113  TYR A O   1 
ATOM   787  C CB  . TYR A 1 103 ? -3.958  -6.701  -10.937 1.00 31.80 ? 113  TYR A CB  1 
ATOM   788  C CG  . TYR A 1 103 ? -2.445  -6.614  -10.836 1.00 31.57 ? 113  TYR A CG  1 
ATOM   789  C CD1 . TYR A 1 103 ? -1.828  -5.868  -9.833  1.00 29.59 ? 113  TYR A CD1 1 
ATOM   790  C CD2 . TYR A 1 103 ? -1.624  -7.275  -11.760 1.00 32.94 ? 113  TYR A CD2 1 
ATOM   791  C CE1 . TYR A 1 103 ? -0.408  -5.749  -9.770  1.00 29.11 ? 113  TYR A CE1 1 
ATOM   792  C CE2 . TYR A 1 103 ? -0.235  -7.196  -11.703 1.00 31.96 ? 113  TYR A CE2 1 
ATOM   793  C CZ  . TYR A 1 103 ? 0.368   -6.420  -10.719 1.00 32.23 ? 113  TYR A CZ  1 
ATOM   794  O OH  . TYR A 1 103 ? 1.756   -6.345  -10.677 1.00 33.40 ? 113  TYR A OH  1 
ATOM   795  N N   . SER A 1 104 ? -3.278  -4.936  -13.880 1.00 35.31 ? 114  SER A N   1 
ATOM   796  C CA  . SER A 1 104 ? -2.692  -5.174  -15.199 1.00 37.24 ? 114  SER A CA  1 
ATOM   797  C C   . SER A 1 104 ? -1.153  -5.063  -15.284 1.00 37.77 ? 114  SER A C   1 
ATOM   798  O O   . SER A 1 104 ? -0.547  -4.079  -14.854 1.00 35.95 ? 114  SER A O   1 
ATOM   799  C CB  . SER A 1 104 ? -3.319  -4.309  -16.277 1.00 37.93 ? 114  SER A CB  1 
ATOM   800  O OG  . SER A 1 104 ? -3.513  -2.974  -15.838 1.00 43.22 ? 114  SER A OG  1 
ATOM   801  N N   . LYS A 1 105 ? -0.566  -6.075  -15.922 1.00 38.93 ? 115  LYS A N   1 
ATOM   802  C CA  . LYS A 1 105 ? 0.881   -6.189  -16.087 1.00 40.16 ? 115  LYS A CA  1 
ATOM   803  C C   . LYS A 1 105 ? 1.393   -5.016  -16.866 1.00 40.11 ? 115  LYS A C   1 
ATOM   804  O O   . LYS A 1 105 ? 2.568   -4.670  -16.804 1.00 40.36 ? 115  LYS A O   1 
ATOM   805  C CB  . LYS A 1 105 ? 1.252   -7.510  -16.778 1.00 41.34 ? 115  LYS A CB  1 
ATOM   806  C CG  . LYS A 1 105 ? 1.017   -8.769  -15.913 1.00 44.36 ? 115  LYS A CG  1 
ATOM   807  C CD  . LYS A 1 105 ? 1.524   -10.031 -16.630 1.00 48.96 ? 115  LYS A CD  1 
ATOM   808  C CE  . LYS A 1 105 ? 1.220   -11.303 -15.840 1.00 52.62 ? 115  LYS A CE  1 
ATOM   809  N NZ  . LYS A 1 105 ? 2.318   -12.351 -15.873 1.00 55.76 ? 115  LYS A NZ  1 
ATOM   810  N N   . LYS A 1 106 ? 0.491   -4.369  -17.572 1.00 39.93 ? 116  LYS A N   1 
ATOM   811  C CA  . LYS A 1 106 ? 0.840   -3.221  -18.373 1.00 40.34 ? 116  LYS A CA  1 
ATOM   812  C C   . LYS A 1 106 ? 1.384   -2.071  -17.523 1.00 39.67 ? 116  LYS A C   1 
ATOM   813  O O   . LYS A 1 106 ? 2.143   -1.226  -18.005 1.00 38.27 ? 116  LYS A O   1 
ATOM   814  C CB  . LYS A 1 106 ? -0.406  -2.762  -19.128 1.00 40.93 ? 116  LYS A CB  1 
ATOM   815  C CG  . LYS A 1 106 ? -0.359  -1.335  -19.617 1.00 44.85 ? 116  LYS A CG  1 
ATOM   816  C CD  . LYS A 1 106 ? -1.500  -1.029  -20.594 1.00 49.47 ? 116  LYS A CD  1 
ATOM   817  C CE  . LYS A 1 106 ? -2.799  -0.615  -19.880 1.00 52.09 ? 116  LYS A CE  1 
ATOM   818  N NZ  . LYS A 1 106 ? -3.781  0.146   -20.739 1.00 52.86 ? 116  LYS A NZ  1 
ATOM   819  N N   . TYR A 1 107 ? 0.963   -2.023  -16.258 1.00 38.10 ? 117  TYR A N   1 
ATOM   820  C CA  . TYR A 1 107 ? 1.345   -0.899  -15.410 1.00 37.02 ? 117  TYR A CA  1 
ATOM   821  C C   . TYR A 1 107 ? 2.581   -1.186  -14.579 1.00 35.87 ? 117  TYR A C   1 
ATOM   822  O O   . TYR A 1 107 ? 3.026   -0.347  -13.811 1.00 35.23 ? 117  TYR A O   1 
ATOM   823  C CB  . TYR A 1 107 ? 0.152   -0.463  -14.551 1.00 36.80 ? 117  TYR A CB  1 
ATOM   824  C CG  . TYR A 1 107 ? -0.928  0.206   -15.370 1.00 37.01 ? 117  TYR A CG  1 
ATOM   825  C CD1 . TYR A 1 107 ? -2.184  -0.383  -15.548 1.00 39.40 ? 117  TYR A CD1 1 
ATOM   826  C CD2 . TYR A 1 107 ? -0.686  1.411   -15.997 1.00 37.19 ? 117  TYR A CD2 1 
ATOM   827  C CE1 . TYR A 1 107 ? -3.174  0.248   -16.318 1.00 39.50 ? 117  TYR A CE1 1 
ATOM   828  C CE2 . TYR A 1 107 ? -1.662  2.041   -16.758 1.00 39.82 ? 117  TYR A CE2 1 
ATOM   829  C CZ  . TYR A 1 107 ? -2.906  1.458   -16.898 1.00 39.05 ? 117  TYR A CZ  1 
ATOM   830  O OH  . TYR A 1 107 ? -3.847  2.091   -17.653 1.00 41.97 ? 117  TYR A OH  1 
ATOM   831  N N   . MET A 1 108 ? 3.128   -2.386  -14.720 1.00 35.37 ? 118  MET A N   1 
ATOM   832  C CA  . MET A 1 108 ? 4.355   -2.737  -14.005 1.00 35.68 ? 118  MET A CA  1 
ATOM   833  C C   . MET A 1 108 ? 5.522   -1.934  -14.645 1.00 34.33 ? 118  MET A C   1 
ATOM   834  O O   . MET A 1 108 ? 5.553   -1.748  -15.858 1.00 33.45 ? 118  MET A O   1 
ATOM   835  C CB  . MET A 1 108 ? 4.616   -4.249  -14.114 1.00 36.25 ? 118  MET A CB  1 
ATOM   836  C CG  . MET A 1 108 ? 4.041   -5.114  -12.974 1.00 39.83 ? 118  MET A CG  1 
ATOM   837  S SD  . MET A 1 108 ? 4.482   -6.917  -13.141 1.00 45.75 ? 118  MET A SD  1 
ATOM   838  C CE  . MET A 1 108 ? 4.254   -7.090  -14.820 1.00 41.93 ? 118  MET A CE  1 
ATOM   839  N N   . LEU A 1 109 ? 6.448   -1.438  -13.835 1.00 33.42 ? 119  LEU A N   1 
ATOM   840  C CA  . LEU A 1 109 ? 7.562   -0.651  -14.351 1.00 33.06 ? 119  LEU A CA  1 
ATOM   841  C C   . LEU A 1 109 ? 7.064   0.492   -15.222 1.00 32.49 ? 119  LEU A C   1 
ATOM   842  O O   . LEU A 1 109 ? 7.618   0.746   -16.293 1.00 32.41 ? 119  LEU A O   1 
ATOM   843  C CB  . LEU A 1 109 ? 8.467   -1.517  -15.246 1.00 33.75 ? 119  LEU A CB  1 
ATOM   844  C CG  . LEU A 1 109 ? 9.136   -2.776  -14.678 1.00 35.59 ? 119  LEU A CG  1 
ATOM   845  C CD1 . LEU A 1 109 ? 9.971   -3.483  -15.754 1.00 34.91 ? 119  LEU A CD1 1 
ATOM   846  C CD2 . LEU A 1 109 ? 10.010  -2.385  -13.537 1.00 34.75 ? 119  LEU A CD2 1 
ATOM   847  N N   . TYR A 1 110 ? 5.992   1.137   -14.815 1.00 29.57 ? 120  TYR A N   1 
ATOM   848  C CA  . TYR A 1 110 ? 5.434   2.247   -15.575 1.00 29.01 ? 120  TYR A CA  1 
ATOM   849  C C   . TYR A 1 110 ? 6.384   3.445   -15.668 1.00 28.17 ? 120  TYR A C   1 
ATOM   850  O O   . TYR A 1 110 ? 7.151   3.722   -14.746 1.00 25.64 ? 120  TYR A O   1 
ATOM   851  C CB  . TYR A 1 110 ? 4.114   2.641   -14.943 1.00 28.92 ? 120  TYR A CB  1 
ATOM   852  C CG  . TYR A 1 110 ? 3.195   3.410   -15.831 1.00 29.71 ? 120  TYR A CG  1 
ATOM   853  C CD1 . TYR A 1 110 ? 2.578   2.848   -16.942 1.00 30.89 ? 120  TYR A CD1 1 
ATOM   854  C CD2 . TYR A 1 110 ? 2.920   4.739   -15.522 1.00 29.69 ? 120  TYR A CD2 1 
ATOM   855  C CE1 . TYR A 1 110 ? 1.734   3.590   -17.714 1.00 31.27 ? 120  TYR A CE1 1 
ATOM   856  C CE2 . TYR A 1 110 ? 2.078   5.480   -16.289 1.00 30.71 ? 120  TYR A CE2 1 
ATOM   857  C CZ  . TYR A 1 110 ? 1.489   4.901   -17.384 1.00 32.37 ? 120  TYR A CZ  1 
ATOM   858  O OH  . TYR A 1 110 ? 0.650   5.642   -18.163 1.00 34.20 ? 120  TYR A OH  1 
ATOM   859  N N   . PRO A 1 111 ? 6.351   4.157   -16.803 1.00 28.53 ? 121  PRO A N   1 
ATOM   860  C CA  . PRO A 1 111 ? 7.199   5.377   -17.023 1.00 29.20 ? 121  PRO A CA  1 
ATOM   861  C C   . PRO A 1 111 ? 6.994   6.485   -16.042 1.00 29.65 ? 121  PRO A C   1 
ATOM   862  O O   . PRO A 1 111 ? 5.857   6.788   -15.658 1.00 30.36 ? 121  PRO A O   1 
ATOM   863  C CB  . PRO A 1 111 ? 6.895   5.802   -18.440 1.00 29.73 ? 121  PRO A CB  1 
ATOM   864  C CG  . PRO A 1 111 ? 6.834   4.465   -19.100 1.00 30.16 ? 121  PRO A CG  1 
ATOM   865  C CD  . PRO A 1 111 ? 6.492   3.418   -18.072 1.00 29.48 ? 121  PRO A CD  1 
ATOM   866  N N   . ASP A 1 112 ? 8.031   7.112   -15.648 1.00 30.17 ? 122  ASP A N   1 
ATOM   867  C CA  . ASP A 1 112 ? 7.826   8.227   -14.816 1.00 30.66 ? 122  ASP A CA  1 
ATOM   868  C C   . ASP A 1 112 ? 7.203   9.361   -15.628 1.00 31.74 ? 122  ASP A C   1 
ATOM   869  O O   . ASP A 1 112 ? 6.326   10.076  -15.134 1.00 30.95 ? 122  ASP A O   1 
ATOM   870  C CB  . ASP A 1 112 ? 9.147   8.712   -14.224 1.00 30.05 ? 122  ASP A CB  1 
ATOM   871  C CG  . ASP A 1 112 ? 8.961   9.979   -13.417 1.00 31.34 ? 122  ASP A CG  1 
ATOM   872  O OD1 . ASP A 1 112 ? 8.956   11.076  -14.020 1.00 28.43 ? 122  ASP A OD1 1 
ATOM   873  O OD2 . ASP A 1 112 ? 8.839   9.876   -12.175 1.00 30.21 ? 122  ASP A OD2 1 
ATOM   874  N N   . PHE A 1 113 ? 7.646   9.544   -16.863 1.00 30.71 ? 124  PHE A N   1 
ATOM   875  C CA  . PHE A 1 113 ? 7.147   10.699  -17.581 1.00 31.32 ? 124  PHE A CA  1 
ATOM   876  C C   . PHE A 1 113 ? 5.664   10.649  -17.894 1.00 31.37 ? 124  PHE A C   1 
ATOM   877  O O   . PHE A 1 113 ? 5.063   11.683  -18.233 1.00 31.05 ? 124  PHE A O   1 
ATOM   878  C CB  . PHE A 1 113 ? 7.943   10.922  -18.900 1.00 31.21 ? 124  PHE A CB  1 
ATOM   879  C CG  . PHE A 1 113 ? 7.528   10.081  -20.065 1.00 32.49 ? 124  PHE A CG  1 
ATOM   880  C CD1 . PHE A 1 113 ? 6.863   10.588  -21.170 1.00 37.89 ? 124  PHE A CD1 1 
ATOM   881  C CD2 . PHE A 1 113 ? 7.797   8.728   -20.022 1.00 31.46 ? 124  PHE A CD2 1 
ATOM   882  C CE1 . PHE A 1 113 ? 6.490   9.744   -22.195 1.00 38.05 ? 124  PHE A CE1 1 
ATOM   883  C CE2 . PHE A 1 113 ? 7.436   7.874   -21.051 1.00 32.65 ? 124  PHE A CE2 1 
ATOM   884  C CZ  . PHE A 1 113 ? 6.761   8.396   -22.142 1.00 34.50 ? 124  PHE A CZ  1 
ATOM   885  N N   . LEU A 1 114 ? 5.033   9.483   -17.810 1.00 31.41 ? 125  LEU A N   1 
ATOM   886  C CA  . LEU A 1 114 ? 3.606   9.358   -18.115 1.00 32.48 ? 125  LEU A CA  1 
ATOM   887  C C   . LEU A 1 114 ? 2.703   9.562   -16.872 1.00 33.43 ? 125  LEU A C   1 
ATOM   888  O O   . LEU A 1 114 ? 1.489   9.434   -16.943 1.00 33.26 ? 125  LEU A O   1 
ATOM   889  C CB  . LEU A 1 114 ? 3.291   8.004   -18.725 1.00 32.55 ? 125  LEU A CB  1 
ATOM   890  C CG  . LEU A 1 114 ? 3.874   7.702   -20.117 1.00 34.98 ? 125  LEU A CG  1 
ATOM   891  C CD1 . LEU A 1 114 ? 3.603   6.262   -20.508 1.00 33.67 ? 125  LEU A CD1 1 
ATOM   892  C CD2 . LEU A 1 114 ? 3.321   8.655   -21.170 1.00 34.83 ? 125  LEU A CD2 1 
ATOM   893  N N   . CYS A 1 115 ? 3.319   9.902   -15.749 1.00 33.30 ? 126  CYS A N   1 
ATOM   894  C CA  . CYS A 1 115 ? 2.588   10.207  -14.532 1.00 34.93 ? 126  CYS A CA  1 
ATOM   895  C C   . CYS A 1 115 ? 2.370   11.689  -14.537 1.00 37.46 ? 126  CYS A C   1 
ATOM   896  O O   . CYS A 1 115 ? 3.197   12.460  -14.056 1.00 38.64 ? 126  CYS A O   1 
ATOM   897  C CB  . CYS A 1 115 ? 3.385   9.738   -13.330 1.00 32.56 ? 126  CYS A CB  1 
ATOM   898  S SG  . CYS A 1 115 ? 3.319   7.961   -13.353 1.00 27.81 ? 126  CYS A SG  1 
ATOM   899  N N   . LYS A 1 116 ? 1.239   12.074  -15.106 1.00 41.34 ? 127  LYS A N   1 
ATOM   900  C CA  . LYS A 1 116 ? 0.955   13.468  -15.364 1.00 44.78 ? 127  LYS A CA  1 
ATOM   901  C C   . LYS A 1 116 ? -0.306  13.962  -14.669 1.00 46.15 ? 127  LYS A C   1 
ATOM   902  O O   . LYS A 1 116 ? -1.274  13.216  -14.490 1.00 46.45 ? 127  LYS A O   1 
ATOM   903  C CB  . LYS A 1 116 ? 0.793   13.651  -16.874 1.00 45.22 ? 127  LYS A CB  1 
ATOM   904  C CG  . LYS A 1 116 ? 1.289   14.979  -17.427 1.00 49.24 ? 127  LYS A CG  1 
ATOM   905  C CD  . LYS A 1 116 ? 2.779   14.930  -17.825 1.00 52.80 ? 127  LYS A CD  1 
ATOM   906  C CE  . LYS A 1 116 ? 3.203   16.267  -18.425 1.00 54.46 ? 127  LYS A CE  1 
ATOM   907  N NZ  . LYS A 1 116 ? 2.036   16.907  -19.149 1.00 56.02 ? 127  LYS A NZ  1 
ATOM   908  N N   . GLY A 1 117 ? -0.289  15.241  -14.309 1.00 47.77 ? 128  GLY A N   1 
ATOM   909  C CA  . GLY A 1 117 ? -1.443  15.889  -13.715 1.00 49.49 ? 128  GLY A CA  1 
ATOM   910  C C   . GLY A 1 117 ? -1.237  16.120  -12.235 1.00 50.65 ? 128  GLY A C   1 
ATOM   911  O O   . GLY A 1 117 ? -0.101  16.285  -11.750 1.00 50.59 ? 128  GLY A O   1 
ATOM   912  N N   . GLU A 1 118 ? -2.343  16.164  -11.505 1.00 51.12 ? 129  GLU A N   1 
ATOM   913  C CA  . GLU A 1 118 ? -2.232  16.343  -10.076 1.00 51.56 ? 129  GLU A CA  1 
ATOM   914  C C   . GLU A 1 118 ? -3.464  15.861  -9.329  1.00 50.66 ? 129  GLU A C   1 
ATOM   915  O O   . GLU A 1 118 ? -4.579  15.910  -9.843  1.00 50.70 ? 129  GLU A O   1 
ATOM   916  C CB  . GLU A 1 118 ? -1.930  17.809  -9.746  1.00 52.40 ? 129  GLU A CB  1 
ATOM   917  C CG  . GLU A 1 118 ? -1.129  17.971  -8.464  1.00 55.46 ? 129  GLU A CG  1 
ATOM   918  C CD  . GLU A 1 118 ? -0.195  16.796  -8.235  1.00 59.75 ? 129  GLU A CD  1 
ATOM   919  O OE1 . GLU A 1 118 ? 0.849   16.710  -8.928  1.00 61.67 ? 129  GLU A OE1 1 
ATOM   920  O OE2 . GLU A 1 118 ? -0.526  15.941  -7.382  1.00 59.89 ? 129  GLU A OE2 1 
ATOM   921  N N   . LEU A 1 119 ? -3.245  15.383  -8.108  1.00 49.64 ? 130  LEU A N   1 
ATOM   922  C CA  . LEU A 1 119 ? -4.329  14.934  -7.254  1.00 48.13 ? 130  LEU A CA  1 
ATOM   923  C C   . LEU A 1 119 ? -3.898  15.086  -5.793  1.00 47.30 ? 130  LEU A C   1 
ATOM   924  O O   . LEU A 1 119 ? -2.919  14.472  -5.347  1.00 47.00 ? 130  LEU A O   1 
ATOM   925  C CB  . LEU A 1 119 ? -4.685  13.496  -7.571  1.00 47.83 ? 130  LEU A CB  1 
ATOM   926  C CG  . LEU A 1 119 ? -5.931  12.970  -6.853  1.00 48.86 ? 130  LEU A CG  1 
ATOM   927  C CD1 . LEU A 1 119 ? -7.187  13.624  -7.405  1.00 48.77 ? 130  LEU A CD1 1 
ATOM   928  C CD2 . LEU A 1 119 ? -6.013  11.446  -6.965  1.00 46.65 ? 130  LEU A CD2 1 
ATOM   929  N N   . LYS A 1 120 ? -4.626  15.900  -5.039  1.00 45.78 ? 131  LYS A N   1 
ATOM   930  C CA  . LYS A 1 120 ? -4.284  16.113  -3.624  1.00 44.95 ? 131  LYS A CA  1 
ATOM   931  C C   . LYS A 1 120 ? -4.908  15.056  -2.715  1.00 43.09 ? 131  LYS A C   1 
ATOM   932  O O   . LYS A 1 120 ? -5.891  14.417  -3.100  1.00 40.42 ? 131  LYS A O   1 
ATOM   933  C CB  . LYS A 1 120 ? -4.710  17.512  -3.173  1.00 45.42 ? 131  LYS A CB  1 
ATOM   934  C CG  . LYS A 1 120 ? -3.969  18.652  -3.873  1.00 48.18 ? 131  LYS A CG  1 
ATOM   935  C CD  . LYS A 1 120 ? -4.232  19.994  -3.205  1.00 53.39 ? 131  LYS A CD  1 
ATOM   936  C CE  . LYS A 1 120 ? -3.532  21.117  -3.964  1.00 54.97 ? 131  LYS A CE  1 
ATOM   937  N NZ  . LYS A 1 120 ? -4.025  22.455  -3.543  1.00 54.95 ? 131  LYS A NZ  1 
ATOM   938  N N   . CYS A 1 121 ? -4.353  14.857  -1.515  1.00 29.69 ? 133  CYS A N   1 
ATOM   939  C CA  . CYS A 1 121 ? -4.878  13.907  -0.541  1.00 28.79 ? 133  CYS A CA  1 
ATOM   940  C C   . CYS A 1 121 ? -6.126  14.439  0.126   1.00 29.96 ? 133  CYS A C   1 
ATOM   941  O O   . CYS A 1 121 ? -6.794  15.321  -0.418  1.00 30.35 ? 133  CYS A O   1 
ATOM   942  C CB  . CYS A 1 121 ? -3.828  13.584  0.540   1.00 30.09 ? 133  CYS A CB  1 
ATOM   943  S SG  . CYS A 1 121 ? -2.720  12.204  0.105   1.00 27.87 ? 133  CYS A SG  1 
HETATM 944  C C1  . BER B 2 .   ? 8.050   -0.863  -1.075  1.00 61.95 ? 1811 BER A C1  1 
HETATM 945  C C2  . BER B 2 .   ? 6.592   -1.004  -1.352  1.00 61.88 ? 1811 BER A C2  1 
HETATM 946  N N1  . BER B 2 .   ? 8.802   -1.972  -0.874  1.00 61.85 ? 1811 BER A N1  1 
HETATM 947  C C3  . BER B 2 .   ? 8.625   0.508   -1.021  1.00 61.62 ? 1811 BER A C3  1 
HETATM 948  C C4  . BER B 2 .   ? 6.026   -2.385  -1.399  1.00 61.03 ? 1811 BER A C4  1 
HETATM 949  C C5  . BER B 2 .   ? 5.793   0.124   -1.557  1.00 62.56 ? 1811 BER A C5  1 
HETATM 950  C C6  . BER B 2 .   ? 10.148  -1.894  -0.610  1.00 61.64 ? 1811 BER A C6  1 
HETATM 951  C C7  . BER B 2 .   ? 8.252   -3.198  -0.919  1.00 60.98 ? 1811 BER A C7  1 
HETATM 952  C C8  . BER B 2 .   ? 10.063  0.653   -0.744  1.00 61.23 ? 1811 BER A C8  1 
HETATM 953  C C9  . BER B 2 .   ? 4.677   -2.610  -1.660  1.00 60.71 ? 1811 BER A C9  1 
HETATM 954  C C10 . BER B 2 .   ? 6.898   -3.437  -1.175  1.00 62.21 ? 1811 BER A C10 1 
HETATM 955  C C11 . BER B 2 .   ? 4.455   -0.125  -1.816  1.00 62.67 ? 1811 BER A C11 1 
HETATM 956  C C12 . BER B 2 .   ? 10.842  -0.588  -0.531  1.00 62.00 ? 1811 BER A C12 1 
HETATM 957  C C13 . BER B 2 .   ? 10.668  1.906   -0.678  1.00 61.96 ? 1811 BER A C13 1 
HETATM 958  C C14 . BER B 2 .   ? 3.909   -1.471  -1.866  1.00 62.00 ? 1811 BER A C14 1 
HETATM 959  O O1  . BER B 2 .   ? 3.365   0.765   -2.069  1.00 63.04 ? 1811 BER A O1  1 
HETATM 960  C C15 . BER B 2 .   ? 12.293  -0.457  -0.253  1.00 62.91 ? 1811 BER A C15 1 
HETATM 961  C C16 . BER B 2 .   ? 12.030  2.044   -0.408  1.00 62.03 ? 1811 BER A C16 1 
HETATM 962  O O2  . BER B 2 .   ? 2.521   -1.315  -2.152  1.00 62.45 ? 1811 BER A O2  1 
HETATM 963  C C17 . BER B 2 .   ? 2.195   0.034   -2.272  1.00 62.14 ? 1811 BER A C17 1 
HETATM 964  C C18 . BER B 2 .   ? 12.844  0.926   -0.200  1.00 63.45 ? 1811 BER A C18 1 
HETATM 965  O O3  . BER B 2 .   ? 13.107  -1.547  -0.025  1.00 64.77 ? 1811 BER A O3  1 
HETATM 966  O O4  . BER B 2 .   ? 14.178  1.107   0.051   1.00 64.47 ? 1811 BER A O4  1 
HETATM 967  C C19 . BER B 2 .   ? 13.528  -2.434  -1.072  1.00 64.90 ? 1811 BER A C19 1 
HETATM 968  C C20 . BER B 2 .   ? 14.590  1.965   1.117   1.00 65.75 ? 1811 BER A C20 1 
HETATM 969  O O   . HOH C 3 .   ? -5.130  2.020   0.434   1.00 15.83 ? 1812 HOH A O   1 
HETATM 970  O O   . HOH C 3 .   ? 7.079   5.210   13.905  1.00 20.08 ? 1813 HOH A O   1 
HETATM 971  O O   . HOH C 3 .   ? 6.661   3.621   17.546  1.00 20.86 ? 1814 HOH A O   1 
HETATM 972  O O   . HOH C 3 .   ? 8.469   1.984   19.027  1.00 23.61 ? 1815 HOH A O   1 
HETATM 973  O O   . HOH C 3 .   ? -4.221  2.965   3.088   1.00 21.51 ? 1816 HOH A O   1 
HETATM 974  O O   . HOH C 3 .   ? -4.451  -5.395  -6.926  1.00 24.24 ? 1817 HOH A O   1 
HETATM 975  O O   . HOH C 3 .   ? 2.522   5.716   21.824  1.00 22.03 ? 1818 HOH A O   1 
HETATM 976  O O   . HOH C 3 .   ? 4.606   -0.430  7.681   1.00 21.56 ? 1819 HOH A O   1 
HETATM 977  O O   . HOH C 3 .   ? -8.895  14.178  2.112   1.00 23.25 ? 1820 HOH A O   1 
HETATM 978  O O   . HOH C 3 .   ? 8.415   7.513   15.186  1.00 23.54 ? 1821 HOH A O   1 
HETATM 979  O O   . HOH C 3 .   ? 5.749   10.453  17.117  1.00 24.87 ? 1822 HOH A O   1 
HETATM 980  O O   . HOH C 3 .   ? -6.368  -2.303  -10.893 1.00 25.23 ? 1823 HOH A O   1 
HETATM 981  O O   . HOH C 3 .   ? -9.447  -0.137  -12.410 1.00 32.75 ? 1824 HOH A O   1 
HETATM 982  O O   . HOH C 3 .   ? -4.170  5.170   10.444  1.00 26.60 ? 1825 HOH A O   1 
HETATM 983  O O   . HOH C 3 .   ? -11.561 -10.452 -9.983  1.00 55.21 ? 1826 HOH A O   1 
HETATM 984  O O   . HOH C 3 .   ? 2.481   11.617  13.308  1.00 26.29 ? 1827 HOH A O   1 
HETATM 985  O O   . HOH C 3 .   ? -6.813  3.289   6.581   1.00 24.91 ? 1828 HOH A O   1 
HETATM 986  O O   . HOH C 3 .   ? -0.832  -16.094 -0.442  1.00 29.71 ? 1829 HOH A O   1 
HETATM 987  O O   . HOH C 3 .   ? 3.763   6.649   18.662  1.00 26.87 ? 1830 HOH A O   1 
HETATM 988  O O   . HOH C 3 .   ? -7.780  -0.230  8.145   1.00 28.50 ? 1831 HOH A O   1 
HETATM 989  O O   . HOH C 3 .   ? -7.486  -3.681  13.106  1.00 32.39 ? 1832 HOH A O   1 
HETATM 990  O O   . HOH C 3 .   ? -10.919 -3.376  -9.855  1.00 30.06 ? 1833 HOH A O   1 
HETATM 991  O O   . HOH C 3 .   ? 5.395   -9.933  -0.432  1.00 35.52 ? 1834 HOH A O   1 
HETATM 992  O O   . HOH C 3 .   ? 1.639   2.852   -1.258  1.00 40.17 ? 1835 HOH A O   1 
HETATM 993  O O   . HOH C 3 .   ? 10.058  -1.671  15.353  1.00 37.62 ? 1836 HOH A O   1 
HETATM 994  O O   . HOH C 3 .   ? -6.609  4.149   4.147   1.00 22.53 ? 1837 HOH A O   1 
HETATM 995  O O   . HOH C 3 .   ? 4.315   5.740   -3.255  1.00 25.23 ? 1838 HOH A O   1 
HETATM 996  O O   . HOH C 3 .   ? -6.062  -1.907  -14.883 1.00 39.00 ? 1839 HOH A O   1 
HETATM 997  O O   . HOH C 3 .   ? 1.008   8.655   16.332  1.00 31.94 ? 1840 HOH A O   1 
HETATM 998  O O   . HOH C 3 .   ? 6.283   -1.439  20.503  1.00 28.26 ? 1841 HOH A O   1 
HETATM 999  O O   . HOH C 3 .   ? -5.126  -0.119  14.934  1.00 52.00 ? 1842 HOH A O   1 
HETATM 1000 O O   . HOH C 3 .   ? 5.780   -0.008  5.021   1.00 41.40 ? 1843 HOH A O   1 
HETATM 1001 O O   . HOH C 3 .   ? 4.228   14.104  17.420  1.00 45.25 ? 1844 HOH A O   1 
HETATM 1002 O O   . HOH C 3 .   ? 5.239   3.439   -9.485  1.00 33.64 ? 1845 HOH A O   1 
HETATM 1003 O O   . HOH C 3 .   ? -9.256  -7.793  6.777   1.00 34.41 ? 1846 HOH A O   1 
HETATM 1004 O O   . HOH C 3 .   ? 1.757   -3.695  17.346  1.00 33.80 ? 1847 HOH A O   1 
HETATM 1005 O O   . HOH C 3 .   ? -1.626  -13.890 9.107   1.00 43.33 ? 1848 HOH A O   1 
HETATM 1006 O O   . HOH C 3 .   ? -3.385  7.825   8.689   1.00 37.57 ? 1849 HOH A O   1 
HETATM 1007 O O   . HOH C 3 .   ? -8.836  1.851   -5.183  1.00 31.95 ? 1850 HOH A O   1 
HETATM 1008 O O   . HOH C 3 .   ? 14.203  -4.111  12.290  1.00 69.69 ? 1851 HOH A O   1 
HETATM 1009 O O   . HOH C 3 .   ? -3.032  -6.575  21.321  1.00 48.58 ? 1852 HOH A O   1 
HETATM 1010 O O   . HOH C 3 .   ? -11.091 0.488   -4.255  1.00 35.39 ? 1853 HOH A O   1 
HETATM 1011 O O   . HOH C 3 .   ? -0.390  10.797  -2.274  1.00 44.39 ? 1854 HOH A O   1 
HETATM 1012 O O   . HOH C 3 .   ? -0.302  -5.951  22.133  1.00 37.54 ? 1855 HOH A O   1 
HETATM 1013 O O   . HOH C 3 .   ? -9.820  -1.047  10.755  1.00 38.22 ? 1856 HOH A O   1 
HETATM 1014 O O   . HOH C 3 .   ? -15.030 -5.705  -4.550  1.00 47.82 ? 1857 HOH A O   1 
HETATM 1015 O O   . HOH C 3 .   ? -2.227  13.026  3.627   1.00 33.96 ? 1858 HOH A O   1 
HETATM 1016 O O   . HOH C 3 .   ? -3.921  -1.290  17.002  1.00 37.01 ? 1859 HOH A O   1 
HETATM 1017 O O   . HOH C 3 .   ? -5.279  3.036   15.021  1.00 43.39 ? 1860 HOH A O   1 
HETATM 1018 O O   . HOH C 3 .   ? 3.386   9.657   2.099   1.00 41.35 ? 1861 HOH A O   1 
HETATM 1019 O O   . HOH C 3 .   ? -0.298  4.377   -20.536 1.00 37.16 ? 1862 HOH A O   1 
HETATM 1020 O O   . HOH C 3 .   ? -8.384  3.281   -2.776  1.00 41.52 ? 1863 HOH A O   1 
HETATM 1021 O O   . HOH C 3 .   ? 12.479  -1.520  13.921  1.00 70.76 ? 1864 HOH A O   1 
HETATM 1022 O O   . HOH C 3 .   ? 4.872   -6.722  -17.866 1.00 75.00 ? 1865 HOH A O   1 
HETATM 1023 O O   . HOH C 3 .   ? 7.309   -7.747  14.697  1.00 53.80 ? 1866 HOH A O   1 
HETATM 1024 O O   . HOH C 3 .   ? 2.539   -9.501  13.278  1.00 49.86 ? 1867 HOH A O   1 
HETATM 1025 O O   . HOH C 3 .   ? -3.105  -0.679  27.613  1.00 62.26 ? 1868 HOH A O   1 
HETATM 1026 O O   . HOH C 3 .   ? 7.351   6.731   3.755   1.00 53.55 ? 1869 HOH A O   1 
HETATM 1027 O O   . HOH C 3 .   ? 14.147  -4.936  9.334   1.00 64.55 ? 1870 HOH A O   1 
HETATM 1028 O O   . HOH C 3 .   ? 1.260   11.659  0.141   1.00 53.79 ? 1871 HOH A O   1 
HETATM 1029 O O   . HOH C 3 .   ? 5.912   -4.582  17.434  1.00 41.66 ? 1872 HOH A O   1 
HETATM 1030 O O   . HOH C 3 .   ? -10.381 3.249   -6.877  1.00 49.13 ? 1873 HOH A O   1 
HETATM 1031 O O   . HOH C 3 .   ? -5.531  -5.296  22.980  1.00 63.45 ? 1874 HOH A O   1 
HETATM 1032 O O   . HOH C 3 .   ? 7.423   14.718  -16.027 1.00 45.06 ? 1875 HOH A O   1 
HETATM 1033 O O   . HOH C 3 .   ? -10.926 -8.677  -7.097  1.00 46.40 ? 1876 HOH A O   1 
HETATM 1034 O O   . HOH C 3 .   ? -8.853  2.743   10.005  1.00 46.65 ? 1877 HOH A O   1 
HETATM 1035 O O   . HOH C 3 .   ? -2.412  23.381  -1.691  1.00 58.09 ? 1878 HOH A O   1 
HETATM 1036 O O   . HOH C 3 .   ? 3.338   13.353  -1.131  1.00 47.43 ? 1879 HOH A O   1 
HETATM 1037 O O   . HOH C 3 .   ? 5.432   -3.398  -10.153 1.00 42.52 ? 1880 HOH A O   1 
HETATM 1038 O O   . HOH C 3 .   ? -14.183 0.223   -2.051  1.00 51.21 ? 1881 HOH A O   1 
HETATM 1039 O O   . HOH C 3 .   ? -10.946 -12.252 -6.779  1.00 46.50 ? 1882 HOH A O   1 
HETATM 1040 O O   . HOH C 3 .   ? -1.083  9.989   -14.890 1.00 44.90 ? 1883 HOH A O   1 
HETATM 1041 O O   . HOH C 3 .   ? 4.866   9.752   4.378   1.00 51.82 ? 1884 HOH A O   1 
HETATM 1042 O O   . HOH C 3 .   ? -8.161  2.587   14.763  1.00 44.67 ? 1885 HOH A O   1 
HETATM 1043 O O   . HOH C 3 .   ? 3.291   10.847  15.642  1.00 48.00 ? 1886 HOH A O   1 
HETATM 1044 O O   . HOH C 3 .   ? -4.727  -10.375 -10.658 1.00 55.03 ? 1887 HOH A O   1 
HETATM 1045 O O   . HOH C 3 .   ? -5.155  -2.289  -18.914 1.00 69.03 ? 1888 HOH A O   1 
HETATM 1046 O O   . HOH C 3 .   ? 7.286   -11.824 1.714   1.00 62.16 ? 1889 HOH A O   1 
HETATM 1047 O O   . HOH C 3 .   ? 2.209   -15.409 6.090   1.00 44.21 ? 1890 HOH A O   1 
HETATM 1048 O O   . HOH C 3 .   ? 17.367  0.887   0.866   1.00 57.48 ? 1891 HOH A O   1 
HETATM 1049 O O   . HOH C 3 .   ? -2.715  -17.006 9.923   1.00 61.04 ? 1892 HOH A O   1 
HETATM 1050 O O   . HOH C 3 .   ? -15.983 -6.711  -2.163  1.00 58.05 ? 1893 HOH A O   1 
HETATM 1051 O O   . HOH C 3 .   ? -17.362 -3.305  -3.658  1.00 69.82 ? 1894 HOH A O   1 
HETATM 1052 O O   . HOH C 3 .   ? -9.351  -11.795 19.659  1.00 47.35 ? 1895 HOH A O   1 
HETATM 1053 O O   . HOH C 3 .   ? 12.739  -2.532  10.841  1.00 43.68 ? 1896 HOH A O   1 
HETATM 1054 O O   . HOH C 3 .   ? 1.890   15.206  -13.149 1.00 66.45 ? 1897 HOH A O   1 
HETATM 1055 O O   . HOH C 3 .   ? 7.703   -15.009 0.453   1.00 66.81 ? 1898 HOH A O   1 
HETATM 1056 O O   . HOH C 3 .   ? -2.471  -8.955  -15.976 1.00 55.96 ? 1899 HOH A O   1 
HETATM 1057 O O   . HOH C 3 .   ? -0.059  5.318   23.161  1.00 43.06 ? 1900 HOH A O   1 
HETATM 1058 O O   . HOH C 3 .   ? -9.703  -10.180 3.037   1.00 48.91 ? 1901 HOH A O   1 
HETATM 1059 O O   . HOH C 3 .   ? 1.816   -5.111  19.681  1.00 53.70 ? 1902 HOH A O   1 
HETATM 1060 O O   . HOH C 3 .   ? -12.778 -0.800  -6.658  1.00 51.91 ? 1903 HOH A O   1 
HETATM 1061 O O   . HOH C 3 .   ? -8.142  15.408  -4.656  1.00 58.36 ? 1904 HOH A O   1 
HETATM 1062 O O   . HOH C 3 .   ? 6.050   14.497  -18.275 1.00 56.50 ? 1905 HOH A O   1 
HETATM 1063 O O   . HOH C 3 .   ? -1.608  15.980  -1.596  1.00 50.76 ? 1906 HOH A O   1 
HETATM 1064 O O   . HOH C 3 .   ? 3.809   17.057  13.035  1.00 62.71 ? 1907 HOH A O   1 
HETATM 1065 O O   . HOH C 3 .   ? -6.195  -17.178 9.830   1.00 55.74 ? 1908 HOH A O   1 
HETATM 1066 O O   . HOH C 3 .   ? -8.542  -0.619  -15.261 1.00 47.27 ? 1909 HOH A O   1 
HETATM 1067 O O   . HOH C 3 .   ? -5.276  4.870   -17.191 1.00 53.90 ? 1910 HOH A O   1 
HETATM 1068 O O   . HOH C 3 .   ? 2.453   -9.455  -10.907 1.00 48.55 ? 1911 HOH A O   1 
HETATM 1069 O O   . HOH C 3 .   ? -4.181  -2.682  -22.372 1.00 84.11 ? 1912 HOH A O   1 
HETATM 1070 O O   . HOH C 3 .   ? 5.847   7.782   -10.532 1.00 45.03 ? 1913 HOH A O   1 
HETATM 1071 O O   . HOH C 3 .   ? 5.145   -8.348  13.508  1.00 47.76 ? 1914 HOH A O   1 
HETATM 1072 O O   . HOH C 3 .   ? 9.761   -8.526  14.624  1.00 42.24 ? 1915 HOH A O   1 
HETATM 1073 O O   . HOH C 3 .   ? 2.660   -15.584 9.802   1.00 46.08 ? 1916 HOH A O   1 
HETATM 1074 O O   . HOH C 3 .   ? -2.633  -14.770 13.084  1.00 36.79 ? 1917 HOH A O   1 
HETATM 1075 O O   . HOH C 3 .   ? -13.214 -5.037  -9.979  1.00 45.33 ? 1918 HOH A O   1 
HETATM 1076 O O   . HOH C 3 .   ? 13.648  9.962   -4.846  1.00 46.75 ? 1919 HOH A O   1 
HETATM 1077 O O   . HOH C 3 .   ? 8.907   10.531  8.602   1.00 44.06 ? 1920 HOH A O   1 
HETATM 1078 O O   . HOH C 3 .   ? -7.647  -8.267  20.469  1.00 46.43 ? 1921 HOH A O   1 
HETATM 1079 O O   . HOH C 3 .   ? 9.004   16.465  -13.641 1.00 48.15 ? 1922 HOH A O   1 
HETATM 1080 O O   . HOH C 3 .   ? 7.723   -4.924  1.486   1.00 44.60 ? 1923 HOH A O   1 
# 
